data_6HU1
#
_entry.id   6HU1
#
_cell.length_a   71.220
_cell.length_b   71.190
_cell.length_c   99.030
_cell.angle_alpha   78.27
_cell.angle_beta   75.65
_cell.angle_gamma   85.73
#
_symmetry.space_group_name_H-M   'P 1'
#
loop_
_entity.id
_entity.type
_entity.pdbx_description
1 polymer 'Histone deacetylase'
2 non-polymer 'ZINC ION'
3 non-polymer 'POTASSIUM ION'
4 non-polymer 4-chloranyl-3-[(2,4-dichlorophenyl)carbonylamino]-~{N}-oxidanyl-benzamide
5 non-polymer DIMETHYLFORMAMIDE
6 non-polymer GLYCEROL
7 water water
#
_entity_poly.entity_id   1
_entity_poly.type   'polypeptide(L)'
_entity_poly.pdbx_seq_one_letter_code
;HMSVGIVYGDQYRQLCCSSPKFGDRYALVMDLINAYKLIPELSRVPPLQWDSPSRMYEAVTAFHSTEYVDALKKLQMLHC
EEKELTADDELLMDSFSLNYDCPGFPSVFDYSLAAVQGSLAAASALICRHCEVVINWGGGWHHAKRSEASGFCYLNDIVL
AIHRLVSSTPPETSPNRQTRVLYVDLDLHHGDGVEEAFWYSPRVVTFSVHHASPGFFPGTGTWNMVDNDKLPIFLNGAGR
GRFSAFNLPLEEGINDLDWSNAIGPILDSLNIVIQPSYVVVQCGADCLATDPHRIFRLTNFYPNLNLDSDCDSECSLSGY
LYAIKKILSWKVPTLILGGGGYNFPDTARLWTRVTALTIEEVKGKKMTISPEIPEHSYFSRYGPDFELDIDYFPHESHNK
TLDSIQKHHRRILEQLRNYADLNKLIYDYDQVYQLYNLTGMGSLVPR
;
_entity_poly.pdbx_strand_id   A,B,C,D
#
loop_
_chem_comp.id
_chem_comp.type
_chem_comp.name
_chem_comp.formula
DMF non-polymer DIMETHYLFORMAMIDE 'C3 H7 N O'
GOL non-polymer GLYCEROL 'C3 H8 O3'
GT2 non-polymer 4-chloranyl-3-[(2,4-dichlorophenyl)carbonylamino]-~{N}-oxidanyl-benzamide 'C14 H9 Cl3 N2 O3'
K non-polymer 'POTASSIUM ION' 'K 1'
ZN non-polymer 'ZINC ION' 'Zn 2'
#
# COMPACT_ATOMS: atom_id res chain seq x y z
N SER A 3 -6.16 -32.00 -19.25
CA SER A 3 -5.39 -31.92 -20.47
C SER A 3 -3.93 -31.62 -20.17
N VAL A 4 -3.06 -31.70 -21.17
CA VAL A 4 -1.70 -31.19 -21.07
C VAL A 4 -1.68 -29.80 -21.70
N GLY A 5 -1.31 -28.79 -20.92
CA GLY A 5 -1.26 -27.43 -21.43
C GLY A 5 0.12 -27.05 -21.94
N ILE A 6 0.18 -26.09 -22.86
CA ILE A 6 1.45 -25.54 -23.34
C ILE A 6 1.27 -24.06 -23.64
N VAL A 7 2.18 -23.23 -23.13
CA VAL A 7 2.08 -21.76 -23.22
C VAL A 7 2.60 -21.30 -24.58
N TYR A 8 1.78 -20.56 -25.31
CA TYR A 8 2.30 -19.90 -26.51
C TYR A 8 1.27 -18.87 -26.99
N GLY A 9 1.65 -18.17 -28.05
CA GLY A 9 0.92 -17.01 -28.53
C GLY A 9 1.80 -16.25 -29.49
N ASP A 10 1.21 -15.48 -30.41
CA ASP A 10 2.00 -14.77 -31.40
C ASP A 10 2.86 -13.68 -30.76
N GLN A 11 2.26 -12.84 -29.90
CA GLN A 11 3.06 -11.84 -29.19
C GLN A 11 4.10 -12.50 -28.29
N TYR A 12 3.73 -13.59 -27.62
CA TYR A 12 4.64 -14.29 -26.71
C TYR A 12 5.85 -14.81 -27.47
N ARG A 13 5.60 -15.47 -28.61
CA ARG A 13 6.70 -15.96 -29.43
C ARG A 13 7.58 -14.79 -29.90
N GLN A 14 6.95 -13.69 -30.32
CA GLN A 14 7.72 -12.50 -30.70
C GLN A 14 8.64 -12.03 -29.59
N LEU A 15 8.11 -11.89 -28.37
CA LEU A 15 8.94 -11.40 -27.26
C LEU A 15 10.01 -12.41 -26.85
N CYS A 16 9.67 -13.72 -26.80
CA CYS A 16 10.66 -14.73 -26.41
C CYS A 16 11.82 -14.82 -27.39
N CYS A 17 11.62 -14.33 -28.63
CA CYS A 17 12.66 -14.34 -29.67
C CYS A 17 13.34 -12.99 -29.85
N SER A 18 13.21 -12.07 -28.90
CA SER A 18 13.75 -10.72 -29.12
C SER A 18 15.06 -10.45 -28.39
N SER A 19 15.69 -11.46 -27.75
CA SER A 19 16.91 -11.11 -27.03
C SER A 19 18.16 -11.43 -27.84
N PRO A 20 19.25 -10.70 -27.58
CA PRO A 20 20.51 -11.02 -28.28
C PRO A 20 21.09 -12.36 -27.90
N LYS A 21 20.92 -12.83 -26.65
CA LYS A 21 21.54 -14.10 -26.25
C LYS A 21 20.78 -15.32 -26.77
N PHE A 22 19.46 -15.34 -26.66
CA PHE A 22 18.74 -16.55 -27.03
C PHE A 22 18.13 -16.51 -28.42
N GLY A 23 18.21 -15.39 -29.12
CA GLY A 23 17.82 -15.36 -30.54
C GLY A 23 16.47 -16.00 -30.80
N ASP A 24 16.40 -16.89 -31.81
CA ASP A 24 15.12 -17.50 -32.19
C ASP A 24 14.92 -18.91 -31.61
N ARG A 25 15.64 -19.27 -30.55
CA ARG A 25 15.52 -20.61 -29.96
C ARG A 25 14.06 -21.04 -29.73
N TYR A 26 13.25 -20.16 -29.12
CA TYR A 26 11.87 -20.55 -28.75
C TYR A 26 11.04 -20.87 -29.99
N ALA A 27 11.25 -20.11 -31.07
CA ALA A 27 10.56 -20.41 -32.33
C ALA A 27 10.92 -21.79 -32.88
N LEU A 28 12.21 -22.15 -32.86
CA LEU A 28 12.60 -23.49 -33.30
C LEU A 28 11.92 -24.56 -32.44
N VAL A 29 11.96 -24.37 -31.12
CA VAL A 29 11.33 -25.33 -30.22
C VAL A 29 9.88 -25.53 -30.62
N MET A 30 9.11 -24.44 -30.71
CA MET A 30 7.66 -24.59 -30.93
C MET A 30 7.35 -25.03 -32.35
N ASP A 31 8.17 -24.67 -33.33
CA ASP A 31 7.93 -25.15 -34.68
C ASP A 31 8.31 -26.62 -34.86
N LEU A 32 9.28 -27.14 -34.10
CA LEU A 32 9.53 -28.58 -34.15
C LEU A 32 8.40 -29.36 -33.49
N ILE A 33 7.90 -28.89 -32.34
CA ILE A 33 6.71 -29.48 -31.73
C ILE A 33 5.55 -29.46 -32.71
N ASN A 34 5.41 -28.36 -33.47
CA ASN A 34 4.34 -28.24 -34.47
C ASN A 34 4.54 -29.20 -35.65
N ALA A 35 5.78 -29.28 -36.17
CA ALA A 35 6.09 -30.17 -37.30
C ALA A 35 5.87 -31.64 -36.96
N TYR A 36 6.01 -32.03 -35.70
CA TYR A 36 5.71 -33.40 -35.31
C TYR A 36 4.23 -33.63 -34.96
N LYS A 37 3.35 -32.68 -35.27
CA LYS A 37 1.89 -32.83 -35.11
C LYS A 37 1.49 -33.03 -33.64
N LEU A 38 2.26 -32.48 -32.70
CA LEU A 38 1.89 -32.53 -31.29
C LEU A 38 0.93 -31.41 -30.86
N ILE A 39 0.81 -30.31 -31.62
CA ILE A 39 0.00 -29.17 -31.15
C ILE A 39 -1.49 -29.50 -31.01
N PRO A 40 -2.13 -30.25 -31.91
CA PRO A 40 -3.55 -30.64 -31.67
C PRO A 40 -3.77 -31.47 -30.40
N GLU A 41 -2.75 -32.12 -29.86
CA GLU A 41 -2.86 -32.89 -28.62
C GLU A 41 -2.84 -32.02 -27.37
N LEU A 42 -2.51 -30.73 -27.50
CA LEU A 42 -2.20 -29.89 -26.36
C LEU A 42 -3.19 -28.75 -26.23
N SER A 43 -3.44 -28.35 -24.98
CA SER A 43 -4.28 -27.20 -24.69
C SER A 43 -3.40 -25.95 -24.67
N ARG A 44 -3.71 -24.96 -25.50
CA ARG A 44 -2.91 -23.73 -25.47
C ARG A 44 -3.28 -22.92 -24.21
N VAL A 45 -2.26 -22.55 -23.45
CA VAL A 45 -2.44 -21.68 -22.27
C VAL A 45 -1.94 -20.29 -22.64
N PRO A 46 -2.82 -19.28 -22.67
CA PRO A 46 -2.36 -17.92 -23.04
C PRO A 46 -1.63 -17.28 -21.88
N PRO A 47 -0.58 -16.49 -22.14
CA PRO A 47 0.08 -15.74 -21.06
C PRO A 47 -0.88 -14.78 -20.35
N LEU A 48 -0.64 -14.60 -19.06
CA LEU A 48 -1.42 -13.70 -18.24
C LEU A 48 -1.19 -12.25 -18.66
N GLN A 49 -2.27 -11.49 -18.75
CA GLN A 49 -2.19 -10.05 -18.91
C GLN A 49 -2.96 -9.43 -17.76
N TRP A 50 -2.62 -8.18 -17.46
CA TRP A 50 -3.13 -7.48 -16.30
C TRP A 50 -3.99 -6.30 -16.73
N ASP A 51 -4.72 -5.77 -15.75
CA ASP A 51 -5.73 -4.75 -15.98
C ASP A 51 -5.28 -3.36 -15.61
N SER A 52 -4.04 -3.21 -15.17
CA SER A 52 -3.47 -1.90 -14.90
C SER A 52 -1.98 -2.07 -14.64
N PRO A 53 -1.20 -0.99 -14.79
CA PRO A 53 0.19 -0.99 -14.30
C PRO A 53 0.32 -1.41 -12.83
N SER A 54 -0.65 -1.04 -11.99
CA SER A 54 -0.54 -1.37 -10.56
C SER A 54 -0.68 -2.87 -10.31
N ARG A 55 -1.58 -3.54 -11.04
CA ARG A 55 -1.72 -4.99 -10.85
C ARG A 55 -0.46 -5.71 -11.36
N MET A 56 0.13 -5.24 -12.46
CA MET A 56 1.36 -5.85 -12.93
C MET A 56 2.45 -5.72 -11.86
N TYR A 57 2.64 -4.50 -11.32
CA TYR A 57 3.63 -4.30 -10.28
C TYR A 57 3.35 -5.18 -9.06
N GLU A 58 2.09 -5.22 -8.63
CA GLU A 58 1.75 -6.05 -7.48
C GLU A 58 2.13 -7.52 -7.70
N ALA A 59 2.02 -8.02 -8.94
CA ALA A 59 2.38 -9.42 -9.19
C ALA A 59 3.89 -9.62 -9.16
N VAL A 60 4.64 -8.76 -9.87
CA VAL A 60 6.07 -8.97 -9.99
C VAL A 60 6.76 -8.69 -8.66
N THR A 61 6.28 -7.67 -7.92
CA THR A 61 6.92 -7.36 -6.63
C THR A 61 6.42 -8.25 -5.51
N ALA A 62 5.69 -9.32 -5.82
CA ALA A 62 5.55 -10.42 -4.86
C ALA A 62 6.91 -11.01 -4.48
N PHE A 63 7.89 -10.93 -5.37
CA PHE A 63 9.25 -11.37 -5.10
C PHE A 63 10.26 -10.25 -5.27
N HIS A 64 10.24 -9.53 -6.39
CA HIS A 64 11.25 -8.53 -6.72
C HIS A 64 10.96 -7.20 -6.02
N SER A 65 12.01 -6.43 -5.72
CA SER A 65 11.79 -5.12 -5.11
C SER A 65 11.25 -4.12 -6.13
N THR A 66 10.46 -3.16 -5.65
CA THR A 66 9.95 -2.13 -6.56
C THR A 66 11.06 -1.37 -7.25
N GLU A 67 12.15 -1.04 -6.53
CA GLU A 67 13.21 -0.26 -7.17
C GLU A 67 13.92 -1.06 -8.26
N TYR A 68 14.03 -2.38 -8.09
CA TYR A 68 14.61 -3.21 -9.16
C TYR A 68 13.71 -3.23 -10.40
N VAL A 69 12.41 -3.44 -10.20
CA VAL A 69 11.47 -3.36 -11.31
C VAL A 69 11.58 -2.01 -12.02
N ASP A 70 11.59 -0.92 -11.22
CA ASP A 70 11.76 0.43 -11.78
C ASP A 70 13.03 0.53 -12.63
N ALA A 71 14.16 0.00 -12.12
CA ALA A 71 15.43 0.13 -12.85
C ALA A 71 15.39 -0.67 -14.16
N LEU A 72 14.78 -1.86 -14.12
CA LEU A 72 14.73 -2.68 -15.32
C LEU A 72 13.85 -2.04 -16.39
N LYS A 73 12.73 -1.44 -15.99
CA LYS A 73 11.93 -0.71 -16.97
C LYS A 73 12.64 0.53 -17.50
N LYS A 74 13.32 1.28 -16.62
CA LYS A 74 14.11 2.41 -17.11
C LYS A 74 15.21 1.95 -18.06
N LEU A 75 15.79 0.77 -17.82
CA LEU A 75 16.82 0.25 -18.71
C LEU A 75 16.27 0.02 -20.11
N GLN A 76 15.06 -0.52 -20.23
CA GLN A 76 14.44 -0.68 -21.54
C GLN A 76 14.24 0.67 -22.23
N MET A 77 13.64 1.64 -21.53
CA MET A 77 13.42 2.96 -22.11
C MET A 77 14.73 3.54 -22.65
N LEU A 78 15.80 3.47 -21.85
CA LEU A 78 17.09 4.03 -22.25
C LEU A 78 17.63 3.35 -23.52
N HIS A 79 17.45 2.04 -23.64
CA HIS A 79 17.93 1.36 -24.83
C HIS A 79 17.03 1.56 -26.05
N CYS A 80 15.84 2.17 -25.88
CA CYS A 80 15.02 2.52 -27.02
C CYS A 80 15.32 3.90 -27.56
N GLU A 81 16.12 4.69 -26.87
CA GLU A 81 16.61 5.96 -27.39
C GLU A 81 18.07 5.80 -27.82
N GLU A 82 18.50 6.64 -28.77
CA GLU A 82 19.81 6.45 -29.37
C GLU A 82 20.93 6.81 -28.39
N LYS A 83 20.80 7.93 -27.69
CA LYS A 83 21.84 8.42 -26.80
C LYS A 83 22.20 7.37 -25.73
N GLU A 84 23.47 7.37 -25.33
CA GLU A 84 23.99 6.39 -24.38
C GLU A 84 23.72 6.83 -22.93
N LEU A 85 24.09 5.97 -21.98
CA LEU A 85 23.76 6.18 -20.58
C LEU A 85 24.62 7.29 -19.96
N THR A 86 24.02 8.03 -19.04
CA THR A 86 24.82 8.94 -18.21
C THR A 86 25.56 8.16 -17.12
N ALA A 87 26.52 8.84 -16.47
CA ALA A 87 27.29 8.19 -15.41
C ALA A 87 26.38 7.83 -14.23
N ASP A 88 25.41 8.70 -13.90
CA ASP A 88 24.47 8.38 -12.84
C ASP A 88 23.60 7.19 -13.19
N ASP A 89 23.13 7.10 -14.44
CA ASP A 89 22.32 5.94 -14.80
C ASP A 89 23.17 4.66 -14.86
N GLU A 90 24.43 4.74 -15.30
CA GLU A 90 25.26 3.54 -15.28
C GLU A 90 25.46 3.04 -13.85
N LEU A 91 25.73 3.96 -12.91
CA LEU A 91 25.87 3.56 -11.51
C LEU A 91 24.59 2.91 -10.99
N LEU A 92 23.43 3.43 -11.40
CA LEU A 92 22.16 2.85 -10.97
C LEU A 92 22.01 1.42 -11.47
N MET A 93 22.27 1.20 -12.76
CA MET A 93 22.17 -0.17 -13.30
C MET A 93 23.17 -1.10 -12.61
N ASP A 94 24.39 -0.62 -12.36
CA ASP A 94 25.41 -1.43 -11.67
C ASP A 94 24.93 -1.92 -10.31
N SER A 95 24.18 -1.08 -9.57
CA SER A 95 23.72 -1.50 -8.25
C SER A 95 22.69 -2.64 -8.29
N PHE A 96 22.12 -2.96 -9.47
CA PHE A 96 21.24 -4.12 -9.65
C PHE A 96 21.86 -5.19 -10.53
N SER A 97 23.18 -5.15 -10.75
CA SER A 97 23.89 -6.07 -11.68
C SER A 97 23.25 -6.08 -13.07
N LEU A 98 22.72 -4.94 -13.51
CA LEU A 98 22.20 -4.86 -14.87
C LEU A 98 23.36 -4.45 -15.78
N ASN A 99 24.27 -5.42 -15.98
CA ASN A 99 25.51 -5.17 -16.73
C ASN A 99 26.16 -6.50 -17.10
N TYR A 100 27.22 -6.39 -17.89
CA TYR A 100 28.10 -7.50 -18.24
C TYR A 100 27.25 -8.62 -18.79
N ASP A 101 27.08 -9.70 -18.03
CA ASP A 101 26.28 -10.81 -18.52
C ASP A 101 24.78 -10.52 -18.62
N CYS A 102 24.29 -9.43 -18.01
CA CYS A 102 22.87 -9.07 -18.09
C CYS A 102 22.70 -7.66 -18.65
N PRO A 103 23.11 -7.44 -19.89
CA PRO A 103 23.06 -6.08 -20.45
C PRO A 103 21.63 -5.69 -20.81
N GLY A 104 21.44 -4.38 -21.02
CA GLY A 104 20.19 -3.90 -21.56
C GLY A 104 20.05 -4.13 -23.06
N PHE A 105 18.80 -4.10 -23.51
CA PHE A 105 18.50 -4.11 -24.94
C PHE A 105 17.07 -3.58 -25.11
N PRO A 106 16.65 -3.26 -26.34
CA PRO A 106 15.40 -2.48 -26.50
C PRO A 106 14.14 -3.15 -25.96
N SER A 107 14.10 -4.47 -25.85
CA SER A 107 12.91 -5.12 -25.28
C SER A 107 13.15 -5.78 -23.92
N VAL A 108 14.24 -5.42 -23.22
CA VAL A 108 14.68 -6.25 -22.09
C VAL A 108 13.57 -6.41 -21.04
N PHE A 109 12.77 -5.35 -20.79
CA PHE A 109 11.72 -5.49 -19.78
C PHE A 109 10.55 -6.35 -20.29
N ASP A 110 10.05 -6.09 -21.51
CA ASP A 110 8.91 -6.86 -22.01
C ASP A 110 9.29 -8.31 -22.22
N TYR A 111 10.54 -8.56 -22.65
CA TYR A 111 11.08 -9.90 -22.79
C TYR A 111 11.07 -10.66 -21.47
N SER A 112 11.58 -10.02 -20.41
CA SER A 112 11.64 -10.63 -19.08
C SER A 112 10.24 -10.85 -18.51
N LEU A 113 9.36 -9.85 -18.68
CA LEU A 113 8.00 -9.91 -18.17
C LEU A 113 7.23 -11.02 -18.86
N ALA A 114 7.47 -11.22 -20.15
CA ALA A 114 6.72 -12.22 -20.91
C ALA A 114 6.83 -13.60 -20.25
N ALA A 115 8.03 -14.00 -19.83
CA ALA A 115 8.22 -15.31 -19.19
C ALA A 115 7.45 -15.41 -17.89
N VAL A 116 7.39 -14.32 -17.13
CA VAL A 116 6.55 -14.26 -15.93
C VAL A 116 5.07 -14.46 -16.30
N GLN A 117 4.58 -13.72 -17.31
CA GLN A 117 3.20 -13.88 -17.75
C GLN A 117 2.89 -15.33 -18.12
N GLY A 118 3.82 -15.99 -18.81
CA GLY A 118 3.56 -17.37 -19.20
C GLY A 118 3.54 -18.32 -18.02
N SER A 119 4.52 -18.21 -17.12
CA SER A 119 4.59 -19.18 -16.02
C SER A 119 3.52 -18.94 -14.96
N LEU A 120 3.06 -17.69 -14.77
CA LEU A 120 1.92 -17.46 -13.88
C LEU A 120 0.62 -18.03 -14.47
N ALA A 121 0.42 -17.89 -15.78
CA ALA A 121 -0.76 -18.50 -16.40
C ALA A 121 -0.70 -20.02 -16.29
N ALA A 122 0.50 -20.60 -16.44
CA ALA A 122 0.63 -22.04 -16.29
C ALA A 122 0.22 -22.49 -14.88
N ALA A 123 0.67 -21.75 -13.85
CA ALA A 123 0.29 -22.10 -12.47
C ALA A 123 -1.23 -22.03 -12.30
N SER A 124 -1.86 -20.97 -12.82
CA SER A 124 -3.31 -20.83 -12.70
C SER A 124 -4.07 -21.99 -13.33
N ALA A 125 -3.59 -22.45 -14.48
CA ALA A 125 -4.26 -23.56 -15.17
C ALA A 125 -4.12 -24.88 -14.39
N LEU A 126 -3.08 -25.03 -13.57
CA LEU A 126 -3.01 -26.18 -12.68
C LEU A 126 -3.90 -26.00 -11.46
N ILE A 127 -3.97 -24.77 -10.93
CA ILE A 127 -4.76 -24.51 -9.73
C ILE A 127 -6.23 -24.76 -9.99
N CYS A 128 -6.76 -24.27 -11.11
CA CYS A 128 -8.17 -24.47 -11.42
C CYS A 128 -8.45 -25.85 -12.02
N ARG A 129 -7.44 -26.70 -12.12
CA ARG A 129 -7.53 -28.07 -12.64
C ARG A 129 -7.93 -28.16 -14.11
N HIS A 130 -7.79 -27.09 -14.89
CA HIS A 130 -7.94 -27.22 -16.35
C HIS A 130 -6.93 -28.21 -16.93
N CYS A 131 -5.69 -28.18 -16.42
CA CYS A 131 -4.61 -29.03 -16.90
C CYS A 131 -3.99 -29.81 -15.74
N GLU A 132 -3.64 -31.08 -16.01
CA GLU A 132 -2.87 -31.90 -15.08
C GLU A 132 -1.37 -31.57 -15.13
N VAL A 133 -0.86 -31.18 -16.30
CA VAL A 133 0.52 -30.75 -16.51
C VAL A 133 0.45 -29.55 -17.46
N VAL A 134 1.33 -28.55 -17.25
CA VAL A 134 1.52 -27.44 -18.18
C VAL A 134 2.99 -27.27 -18.47
N ILE A 135 3.30 -26.99 -19.73
CA ILE A 135 4.66 -26.81 -20.26
C ILE A 135 4.84 -25.36 -20.66
N ASN A 136 5.95 -24.75 -20.24
CA ASN A 136 6.31 -23.42 -20.70
C ASN A 136 7.78 -23.40 -21.10
N TRP A 137 8.07 -23.62 -22.39
CA TRP A 137 9.44 -23.56 -22.89
C TRP A 137 9.96 -22.13 -23.04
N GLY A 138 9.15 -21.11 -22.72
CA GLY A 138 9.64 -19.76 -22.62
C GLY A 138 10.12 -19.36 -21.24
N GLY A 139 9.90 -20.22 -20.24
CA GLY A 139 10.23 -19.93 -18.85
C GLY A 139 11.41 -20.72 -18.32
N GLY A 140 11.62 -20.61 -17.01
CA GLY A 140 12.70 -21.32 -16.31
C GLY A 140 13.93 -20.52 -15.92
N TRP A 141 13.79 -19.22 -15.64
CA TRP A 141 14.94 -18.31 -15.49
C TRP A 141 15.36 -18.25 -14.01
N HIS A 142 16.14 -19.27 -13.61
CA HIS A 142 16.26 -19.62 -12.21
C HIS A 142 17.29 -18.81 -11.43
N HIS A 143 18.10 -17.94 -12.08
CA HIS A 143 19.17 -17.21 -11.39
C HIS A 143 18.75 -15.82 -10.87
N ALA A 144 17.62 -15.25 -11.30
CA ALA A 144 17.31 -13.89 -10.92
C ALA A 144 16.96 -13.81 -9.43
N LYS A 145 17.42 -12.76 -8.76
CA LYS A 145 17.19 -12.57 -7.33
C LYS A 145 16.26 -11.38 -7.12
N ARG A 146 15.88 -11.17 -5.85
CA ARG A 146 14.93 -10.11 -5.49
C ARG A 146 15.31 -8.76 -6.14
N SER A 147 16.57 -8.33 -6.02
CA SER A 147 17.02 -7.05 -6.59
C SER A 147 18.29 -7.18 -7.45
N GLU A 148 18.39 -8.26 -8.23
CA GLU A 148 19.63 -8.46 -8.97
C GLU A 148 19.39 -9.39 -10.15
N ALA A 149 19.82 -8.97 -11.33
CA ALA A 149 19.89 -9.83 -12.51
C ALA A 149 21.14 -10.71 -12.42
N SER A 150 21.08 -11.90 -13.01
CA SER A 150 22.19 -12.84 -12.91
C SER A 150 22.08 -13.91 -13.99
N GLY A 151 23.18 -14.19 -14.68
CA GLY A 151 23.19 -15.34 -15.61
C GLY A 151 22.13 -15.26 -16.70
N PHE A 152 21.96 -14.06 -17.29
CA PHE A 152 20.93 -13.66 -18.27
C PHE A 152 19.50 -13.87 -17.78
N CYS A 153 19.28 -13.96 -16.47
CA CYS A 153 17.94 -14.00 -15.90
C CYS A 153 17.65 -12.64 -15.29
N TYR A 154 16.55 -12.00 -15.73
CA TYR A 154 16.22 -10.67 -15.22
C TYR A 154 15.06 -10.70 -14.23
N LEU A 155 14.06 -11.53 -14.47
CA LEU A 155 12.92 -11.73 -13.58
C LEU A 155 12.76 -13.22 -13.30
N ASN A 156 12.53 -13.59 -12.04
CA ASN A 156 12.44 -15.02 -11.72
C ASN A 156 11.01 -15.51 -11.89
N ASP A 157 10.69 -15.98 -13.10
CA ASP A 157 9.33 -16.49 -13.35
C ASP A 157 9.01 -17.70 -12.48
N ILE A 158 10.02 -18.54 -12.16
CA ILE A 158 9.78 -19.75 -11.37
C ILE A 158 9.34 -19.40 -9.96
N VAL A 159 10.08 -18.51 -9.30
CA VAL A 159 9.73 -18.12 -7.94
C VAL A 159 8.29 -17.62 -7.90
N LEU A 160 7.90 -16.79 -8.88
CA LEU A 160 6.58 -16.20 -8.87
C LEU A 160 5.50 -17.24 -9.14
N ALA A 161 5.79 -18.18 -10.05
CA ALA A 161 4.85 -19.28 -10.27
C ALA A 161 4.69 -20.11 -9.00
N ILE A 162 5.79 -20.43 -8.32
CA ILE A 162 5.68 -21.24 -7.11
C ILE A 162 4.95 -20.47 -6.03
N HIS A 163 5.24 -19.17 -5.89
CA HIS A 163 4.50 -18.37 -4.91
C HIS A 163 2.98 -18.41 -5.18
N ARG A 164 2.58 -18.31 -6.44
CA ARG A 164 1.16 -18.45 -6.74
C ARG A 164 0.64 -19.84 -6.36
N LEU A 165 1.42 -20.90 -6.59
CA LEU A 165 0.94 -22.23 -6.25
C LEU A 165 0.78 -22.38 -4.73
N VAL A 166 1.77 -21.93 -3.95
CA VAL A 166 1.71 -22.19 -2.51
C VAL A 166 0.66 -21.36 -1.84
N SER A 167 0.24 -20.27 -2.45
CA SER A 167 -0.76 -19.38 -1.89
C SER A 167 -2.16 -19.66 -2.43
N SER A 168 -2.42 -20.91 -2.82
CA SER A 168 -3.73 -21.33 -3.27
C SER A 168 -4.33 -22.29 -2.24
N GLN A 178 -2.53 -27.97 3.75
CA GLN A 178 -1.39 -27.07 3.53
C GLN A 178 -0.66 -27.43 2.23
N THR A 179 -0.56 -26.47 1.32
CA THR A 179 0.08 -26.71 0.05
C THR A 179 1.59 -26.86 0.21
N ARG A 180 2.16 -27.93 -0.35
CA ARG A 180 3.60 -28.15 -0.44
C ARG A 180 3.98 -28.27 -1.90
N VAL A 181 5.09 -27.63 -2.28
CA VAL A 181 5.62 -27.68 -3.65
C VAL A 181 7.01 -28.31 -3.61
N LEU A 182 7.26 -29.25 -4.51
CA LEU A 182 8.59 -29.80 -4.73
C LEU A 182 9.12 -29.20 -6.02
N TYR A 183 10.28 -28.53 -5.93
CA TYR A 183 10.95 -27.92 -7.07
C TYR A 183 12.17 -28.75 -7.44
N VAL A 184 12.26 -29.18 -8.71
CA VAL A 184 13.31 -30.06 -9.22
C VAL A 184 14.00 -29.31 -10.35
N ASP A 185 15.33 -29.11 -10.24
CA ASP A 185 16.08 -28.21 -11.15
C ASP A 185 17.14 -29.06 -11.88
N LEU A 186 16.87 -29.38 -13.15
CA LEU A 186 17.73 -30.29 -13.91
C LEU A 186 18.79 -29.58 -14.76
N ASP A 187 18.82 -28.25 -14.71
CA ASP A 187 19.79 -27.46 -15.48
C ASP A 187 21.24 -27.85 -15.15
N LEU A 188 22.15 -27.62 -16.11
CA LEU A 188 23.58 -27.75 -15.82
C LEU A 188 24.01 -26.94 -14.61
N HIS A 189 23.35 -25.81 -14.37
CA HIS A 189 23.75 -24.85 -13.35
C HIS A 189 22.85 -24.96 -12.10
N HIS A 190 23.43 -24.66 -10.95
CA HIS A 190 22.70 -24.63 -9.69
C HIS A 190 21.55 -23.61 -9.74
N GLY A 191 20.36 -24.01 -9.28
CA GLY A 191 19.24 -23.09 -9.22
C GLY A 191 19.30 -22.20 -7.99
N ASP A 192 20.22 -21.22 -7.99
CA ASP A 192 20.47 -20.46 -6.77
C ASP A 192 19.35 -19.48 -6.46
N GLY A 193 18.75 -18.85 -7.47
CA GLY A 193 17.73 -17.84 -7.21
C GLY A 193 16.46 -18.42 -6.58
N VAL A 194 16.01 -19.57 -7.07
CA VAL A 194 14.84 -20.24 -6.48
C VAL A 194 15.16 -20.76 -5.08
N GLU A 195 16.31 -21.42 -4.92
CA GLU A 195 16.75 -21.87 -3.59
C GLU A 195 16.75 -20.73 -2.58
N GLU A 196 17.35 -19.60 -2.95
CA GLU A 196 17.43 -18.44 -2.05
C GLU A 196 16.04 -17.91 -1.69
N ALA A 197 15.16 -17.78 -2.67
CA ALA A 197 13.83 -17.23 -2.38
C ALA A 197 13.10 -18.02 -1.32
N PHE A 198 13.30 -19.32 -1.28
CA PHE A 198 12.55 -20.19 -0.39
C PHE A 198 13.41 -20.78 0.73
N TRP A 199 14.56 -20.15 0.97
CA TRP A 199 15.52 -20.57 1.99
C TRP A 199 14.90 -20.73 3.38
N TYR A 200 13.93 -19.89 3.73
CA TYR A 200 13.30 -19.92 5.06
C TYR A 200 11.93 -20.59 5.06
N SER A 201 11.59 -21.29 3.99
CA SER A 201 10.21 -21.72 3.80
C SER A 201 10.17 -23.24 3.69
N PRO A 202 9.60 -23.94 4.68
CA PRO A 202 9.59 -25.42 4.62
C PRO A 202 8.60 -26.01 3.62
N ARG A 203 7.62 -25.24 3.14
CA ARG A 203 6.60 -25.78 2.26
C ARG A 203 7.00 -25.80 0.79
N VAL A 204 8.13 -25.19 0.43
CA VAL A 204 8.71 -25.28 -0.91
C VAL A 204 10.06 -25.96 -0.75
N VAL A 205 10.13 -27.24 -1.05
CA VAL A 205 11.39 -27.99 -0.96
C VAL A 205 12.08 -27.92 -2.32
N THR A 206 13.32 -27.41 -2.35
CA THR A 206 14.06 -27.26 -3.60
C THR A 206 15.16 -28.31 -3.71
N PHE A 207 15.37 -28.84 -4.91
CA PHE A 207 16.36 -29.88 -5.18
C PHE A 207 16.97 -29.58 -6.53
N SER A 208 18.28 -29.30 -6.55
CA SER A 208 19.01 -28.99 -7.77
C SER A 208 20.13 -30.01 -7.96
N VAL A 209 20.22 -30.57 -9.15
CA VAL A 209 21.35 -31.40 -9.57
C VAL A 209 22.08 -30.62 -10.65
N HIS A 210 23.41 -30.56 -10.56
CA HIS A 210 24.14 -29.60 -11.38
C HIS A 210 25.62 -29.94 -11.36
N HIS A 211 26.36 -29.33 -12.28
CA HIS A 211 27.81 -29.32 -12.14
C HIS A 211 28.23 -28.24 -11.15
N ALA A 212 29.24 -28.56 -10.33
CA ALA A 212 29.91 -27.54 -9.53
C ALA A 212 31.41 -27.80 -9.48
N SER A 213 32.21 -26.75 -9.59
CA SER A 213 33.66 -26.86 -9.49
C SER A 213 34.23 -25.44 -9.33
N PRO A 214 35.50 -25.31 -8.91
CA PRO A 214 36.02 -23.96 -8.58
C PRO A 214 35.99 -23.01 -9.78
N GLY A 215 35.33 -21.86 -9.59
CA GLY A 215 35.21 -20.84 -10.62
C GLY A 215 34.02 -20.99 -11.54
N PHE A 216 33.26 -22.07 -11.43
CA PHE A 216 32.16 -22.35 -12.35
C PHE A 216 30.91 -21.68 -11.84
N PHE A 217 30.23 -20.95 -12.71
CA PHE A 217 28.98 -20.22 -12.41
C PHE A 217 27.86 -21.10 -11.90
N PRO A 218 27.07 -20.61 -10.93
CA PRO A 218 27.19 -19.36 -10.14
C PRO A 218 28.05 -19.54 -8.89
N GLY A 219 28.50 -20.75 -8.60
CA GLY A 219 29.39 -20.99 -7.48
C GLY A 219 28.80 -21.73 -6.31
N THR A 220 27.46 -21.78 -6.20
CA THR A 220 26.78 -22.33 -5.03
C THR A 220 26.29 -23.76 -5.32
N GLY A 221 25.52 -24.32 -4.38
CA GLY A 221 25.03 -25.67 -4.53
C GLY A 221 26.08 -26.73 -4.25
N THR A 222 27.04 -26.43 -3.37
CA THR A 222 28.13 -27.37 -3.13
C THR A 222 28.74 -27.09 -1.76
N TRP A 223 29.84 -27.77 -1.44
CA TRP A 223 30.45 -27.64 -0.12
C TRP A 223 30.80 -26.19 0.14
N ASN A 224 30.61 -25.77 1.39
CA ASN A 224 30.70 -24.35 1.72
C ASN A 224 31.77 -24.06 2.75
N LEU A 231 36.32 -28.53 8.33
CA LEU A 231 35.79 -29.18 7.13
C LEU A 231 34.49 -28.52 6.67
N PRO A 232 34.38 -28.24 5.37
CA PRO A 232 33.18 -27.58 4.87
C PRO A 232 31.97 -28.50 4.87
N ILE A 233 30.79 -27.89 4.93
CA ILE A 233 29.52 -28.61 4.98
C ILE A 233 28.56 -28.02 3.96
N PHE A 234 27.45 -28.72 3.73
CA PHE A 234 26.38 -28.19 2.91
C PHE A 234 25.44 -27.33 3.75
N LEU A 235 25.26 -26.07 3.35
CA LEU A 235 24.13 -25.29 3.87
C LEU A 235 22.83 -25.83 3.24
N ASN A 236 21.72 -25.73 3.99
CA ASN A 236 20.52 -26.39 3.47
C ASN A 236 19.21 -25.72 3.90
N GLY A 237 19.22 -24.41 4.17
CA GLY A 237 18.06 -23.69 4.63
C GLY A 237 18.27 -23.08 6.01
N ALA A 238 17.31 -22.26 6.42
CA ALA A 238 17.45 -21.57 7.71
C ALA A 238 16.08 -21.31 8.33
N GLY A 239 16.06 -21.04 9.63
CA GLY A 239 14.78 -20.86 10.33
C GLY A 239 13.93 -22.12 10.27
N ARG A 240 12.64 -21.94 10.01
CA ARG A 240 11.78 -23.10 9.83
C ARG A 240 12.04 -23.83 8.52
N GLY A 241 12.79 -23.22 7.61
CA GLY A 241 13.21 -23.87 6.38
C GLY A 241 14.49 -24.68 6.49
N ARG A 242 15.04 -24.86 7.68
CA ARG A 242 16.25 -25.68 7.81
C ARG A 242 16.00 -27.07 7.21
N PHE A 243 17.02 -27.59 6.52
CA PHE A 243 17.04 -28.89 5.84
C PHE A 243 16.14 -28.96 4.62
N SER A 244 15.58 -27.83 4.16
CA SER A 244 14.60 -27.82 3.07
C SER A 244 15.18 -27.47 1.70
N ALA A 245 16.48 -27.20 1.58
CA ALA A 245 17.14 -26.95 0.30
C ALA A 245 18.11 -28.09 0.04
N PHE A 246 17.92 -28.84 -1.06
CA PHE A 246 18.73 -30.01 -1.38
C PHE A 246 19.58 -29.75 -2.63
N ASN A 247 20.79 -30.29 -2.65
CA ASN A 247 21.71 -30.12 -3.75
C ASN A 247 22.52 -31.39 -3.98
N LEU A 248 22.72 -31.72 -5.25
CA LEU A 248 23.56 -32.82 -5.68
C LEU A 248 24.52 -32.30 -6.74
N PRO A 249 25.75 -31.91 -6.38
CA PRO A 249 26.72 -31.52 -7.39
C PRO A 249 27.46 -32.73 -7.94
N LEU A 250 27.74 -32.70 -9.25
CA LEU A 250 28.29 -33.83 -9.97
C LEU A 250 29.49 -33.42 -10.82
N GLU A 251 30.44 -34.34 -10.96
CA GLU A 251 31.66 -34.04 -11.69
C GLU A 251 31.40 -34.00 -13.20
N GLU A 252 32.29 -33.33 -13.93
CA GLU A 252 32.10 -33.25 -15.37
C GLU A 252 32.26 -34.64 -16.01
N GLY A 253 31.60 -34.81 -17.17
CA GLY A 253 31.70 -36.00 -17.98
C GLY A 253 30.66 -37.06 -17.72
N ILE A 254 29.69 -36.83 -16.82
CA ILE A 254 28.76 -37.90 -16.45
C ILE A 254 27.78 -38.17 -17.59
N ASN A 255 27.38 -39.44 -17.71
CA ASN A 255 26.56 -39.92 -18.83
C ASN A 255 25.13 -40.14 -18.36
N ASP A 256 24.25 -40.58 -19.28
CA ASP A 256 22.81 -40.73 -18.96
C ASP A 256 22.62 -41.68 -17.80
N LEU A 257 23.27 -42.86 -17.88
CA LEU A 257 23.03 -43.91 -16.90
C LEU A 257 23.48 -43.50 -15.50
N ASP A 258 24.68 -42.92 -15.37
CA ASP A 258 25.15 -42.54 -14.03
C ASP A 258 24.37 -41.33 -13.47
N TRP A 259 23.98 -40.38 -14.32
CA TRP A 259 23.15 -39.27 -13.86
C TRP A 259 21.78 -39.77 -13.41
N SER A 260 21.21 -40.72 -14.15
CA SER A 260 19.91 -41.29 -13.80
C SER A 260 19.97 -42.01 -12.45
N ASN A 261 20.98 -42.86 -12.24
CA ASN A 261 21.08 -43.58 -10.97
C ASN A 261 21.37 -42.62 -9.82
N ALA A 262 22.09 -41.53 -10.10
CA ALA A 262 22.42 -40.55 -9.06
C ALA A 262 21.16 -39.87 -8.55
N ILE A 263 20.26 -39.46 -9.43
CA ILE A 263 19.12 -38.65 -8.98
C ILE A 263 17.85 -39.46 -8.76
N GLY A 264 17.71 -40.65 -9.37
CA GLY A 264 16.47 -41.41 -9.32
C GLY A 264 15.96 -41.77 -7.92
N PRO A 265 16.80 -42.40 -7.10
CA PRO A 265 16.37 -42.66 -5.70
C PRO A 265 16.07 -41.40 -4.90
N ILE A 266 16.79 -40.30 -5.16
CA ILE A 266 16.53 -39.05 -4.43
C ILE A 266 15.14 -38.53 -4.77
N LEU A 267 14.79 -38.54 -6.07
CA LEU A 267 13.47 -38.08 -6.51
C LEU A 267 12.37 -38.87 -5.82
N ASP A 268 12.48 -40.21 -5.83
CA ASP A 268 11.46 -41.06 -5.22
C ASP A 268 11.35 -40.83 -3.71
N SER A 269 12.49 -40.69 -3.03
CA SER A 269 12.49 -40.41 -1.60
C SER A 269 11.79 -39.08 -1.29
N LEU A 270 12.09 -38.04 -2.07
CA LEU A 270 11.47 -36.74 -1.82
C LEU A 270 9.95 -36.82 -2.00
N ASN A 271 9.50 -37.47 -3.07
CA ASN A 271 8.06 -37.60 -3.30
C ASN A 271 7.39 -38.36 -2.17
N ILE A 272 8.01 -39.45 -1.69
CA ILE A 272 7.42 -40.26 -0.63
C ILE A 272 7.31 -39.45 0.66
N VAL A 273 8.39 -38.78 1.05
CA VAL A 273 8.40 -38.07 2.33
C VAL A 273 7.63 -36.74 2.23
N ILE A 274 7.81 -35.98 1.15
CA ILE A 274 7.18 -34.66 1.14
C ILE A 274 5.69 -34.74 0.77
N GLN A 275 5.30 -35.70 -0.05
CA GLN A 275 3.97 -35.76 -0.64
C GLN A 275 3.50 -34.42 -1.22
N PRO A 276 4.18 -33.90 -2.24
CA PRO A 276 3.86 -32.56 -2.75
C PRO A 276 2.48 -32.45 -3.37
N SER A 277 1.88 -31.25 -3.22
CA SER A 277 0.66 -30.89 -3.95
C SER A 277 0.96 -30.53 -5.40
N TYR A 278 2.12 -29.96 -5.68
CA TYR A 278 2.55 -29.65 -7.04
C TYR A 278 4.03 -29.96 -7.17
N VAL A 279 4.45 -30.28 -8.39
CA VAL A 279 5.87 -30.40 -8.71
C VAL A 279 6.19 -29.37 -9.80
N VAL A 280 7.30 -28.66 -9.65
CA VAL A 280 7.76 -27.69 -10.64
C VAL A 280 9.16 -28.13 -11.06
N VAL A 281 9.33 -28.38 -12.36
CA VAL A 281 10.57 -28.92 -12.93
C VAL A 281 11.19 -27.89 -13.87
N GLN A 282 12.46 -27.56 -13.64
CA GLN A 282 13.23 -26.76 -14.57
C GLN A 282 14.07 -27.74 -15.38
N CYS A 283 13.94 -27.68 -16.71
CA CYS A 283 14.51 -28.69 -17.61
CA CYS A 283 14.50 -28.67 -17.62
C CYS A 283 15.52 -28.07 -18.57
N GLY A 284 16.38 -27.17 -18.06
CA GLY A 284 17.41 -26.57 -18.90
C GLY A 284 18.21 -27.63 -19.63
N ALA A 285 18.47 -27.42 -20.92
CA ALA A 285 19.03 -28.45 -21.79
C ALA A 285 20.52 -28.35 -21.91
N ASP A 286 21.18 -27.57 -21.04
CA ASP A 286 22.62 -27.43 -21.21
C ASP A 286 23.44 -28.60 -20.66
N CYS A 287 22.80 -29.67 -20.16
CA CYS A 287 23.54 -30.89 -19.84
C CYS A 287 23.78 -31.79 -21.06
N LEU A 288 23.20 -31.48 -22.22
CA LEU A 288 23.36 -32.37 -23.38
C LEU A 288 24.83 -32.45 -23.78
N ALA A 289 25.24 -33.63 -24.24
CA ALA A 289 26.65 -33.82 -24.61
C ALA A 289 27.08 -32.82 -25.69
N THR A 290 26.12 -32.34 -26.50
CA THR A 290 26.38 -31.45 -27.62
C THR A 290 26.19 -29.97 -27.27
N ASP A 291 25.79 -29.62 -26.05
CA ASP A 291 25.81 -28.22 -25.65
C ASP A 291 27.24 -27.69 -25.74
N PRO A 292 27.44 -26.44 -26.16
CA PRO A 292 28.82 -25.92 -26.22
C PRO A 292 29.50 -25.80 -24.85
N HIS A 293 28.75 -25.84 -23.73
CA HIS A 293 29.42 -25.97 -22.44
C HIS A 293 30.32 -27.20 -22.41
N ARG A 294 29.86 -28.29 -23.03
CA ARG A 294 30.60 -29.56 -23.10
C ARG A 294 31.05 -30.02 -21.71
N ILE A 295 30.11 -30.04 -20.77
CA ILE A 295 30.39 -30.46 -19.37
C ILE A 295 29.84 -31.85 -19.07
N PHE A 296 28.50 -32.01 -19.14
CA PHE A 296 27.86 -33.31 -18.99
C PHE A 296 27.67 -33.98 -20.35
N ARG A 297 27.37 -35.28 -20.33
CA ARG A 297 27.16 -36.05 -21.56
C ARG A 297 25.77 -36.67 -21.64
N LEU A 298 24.70 -35.95 -21.29
CA LEU A 298 23.37 -36.54 -21.46
C LEU A 298 22.91 -36.43 -22.92
N THR A 299 21.88 -37.20 -23.27
CA THR A 299 21.33 -37.22 -24.62
C THR A 299 19.81 -36.94 -24.58
N ASN A 300 19.19 -36.91 -25.77
CA ASN A 300 17.74 -36.99 -25.89
C ASN A 300 17.27 -38.38 -26.34
N PHE A 301 18.08 -39.42 -26.11
CA PHE A 301 17.80 -40.73 -26.71
C PHE A 301 16.63 -41.40 -26.02
N TYR A 302 15.75 -42.04 -26.79
CA TYR A 302 14.59 -42.76 -26.25
C TYR A 302 14.50 -44.15 -26.88
N PRO A 303 15.32 -45.11 -26.41
CA PRO A 303 15.37 -46.47 -26.98
C PRO A 303 14.02 -47.17 -27.11
N SER A 316 20.75 -47.03 -23.86
CA SER A 316 21.06 -45.69 -23.36
C SER A 316 19.85 -44.76 -23.46
N LEU A 317 19.23 -44.48 -22.32
CA LEU A 317 18.02 -43.67 -22.20
C LEU A 317 18.36 -42.29 -21.61
N SER A 318 17.96 -41.23 -22.32
CA SER A 318 18.16 -39.83 -21.92
C SER A 318 17.86 -39.61 -20.44
N GLY A 319 18.86 -39.10 -19.70
CA GLY A 319 18.62 -38.79 -18.29
C GLY A 319 17.41 -37.91 -18.08
N TYR A 320 17.22 -36.92 -18.96
CA TYR A 320 16.07 -36.02 -18.87
C TYR A 320 14.74 -36.78 -18.97
N LEU A 321 14.64 -37.66 -19.98
CA LEU A 321 13.39 -38.42 -20.15
C LEU A 321 13.16 -39.38 -19.00
N TYR A 322 14.22 -40.04 -18.50
CA TYR A 322 14.11 -40.84 -17.28
C TYR A 322 13.48 -40.05 -16.13
N ALA A 323 14.05 -38.88 -15.84
CA ALA A 323 13.59 -38.09 -14.69
C ALA A 323 12.14 -37.62 -14.87
N ILE A 324 11.82 -37.07 -16.04
CA ILE A 324 10.48 -36.57 -16.29
C ILE A 324 9.45 -37.70 -16.22
N LYS A 325 9.76 -38.85 -16.83
CA LYS A 325 8.84 -39.97 -16.73
C LYS A 325 8.61 -40.39 -15.27
N LYS A 326 9.68 -40.46 -14.48
CA LYS A 326 9.56 -40.79 -13.07
C LYS A 326 8.66 -39.80 -12.33
N ILE A 327 8.88 -38.50 -12.54
CA ILE A 327 8.11 -37.45 -11.87
C ILE A 327 6.64 -37.51 -12.29
N LEU A 328 6.38 -37.71 -13.59
CA LEU A 328 5.00 -37.80 -14.06
C LEU A 328 4.30 -39.05 -13.54
N SER A 329 5.03 -40.14 -13.26
CA SER A 329 4.39 -41.36 -12.75
C SER A 329 3.80 -41.16 -11.37
N TRP A 330 4.16 -40.06 -10.69
CA TRP A 330 3.58 -39.75 -9.39
C TRP A 330 2.14 -39.26 -9.50
N LYS A 331 1.73 -38.79 -10.67
CA LYS A 331 0.37 -38.26 -10.87
C LYS A 331 0.11 -37.02 -10.00
N VAL A 332 1.12 -36.17 -9.83
CA VAL A 332 0.95 -34.91 -9.10
C VAL A 332 0.89 -33.79 -10.13
N PRO A 333 -0.02 -32.81 -10.03
CA PRO A 333 -0.03 -31.70 -10.98
C PRO A 333 1.34 -31.07 -11.12
N THR A 334 1.81 -30.90 -12.38
CA THR A 334 3.21 -30.59 -12.63
C THR A 334 3.38 -29.45 -13.64
N LEU A 335 4.36 -28.58 -13.35
CA LEU A 335 4.76 -27.49 -14.24
C LEU A 335 6.14 -27.84 -14.80
N ILE A 336 6.28 -27.83 -16.12
CA ILE A 336 7.55 -28.14 -16.77
C ILE A 336 8.05 -26.87 -17.47
N LEU A 337 9.24 -26.43 -17.12
CA LEU A 337 9.78 -25.17 -17.64
C LEU A 337 11.08 -25.42 -18.41
N GLY A 338 11.45 -24.46 -19.26
CA GLY A 338 12.75 -24.52 -19.92
C GLY A 338 13.91 -23.99 -19.08
N GLY A 339 14.84 -23.28 -19.68
CA GLY A 339 16.00 -22.81 -18.95
C GLY A 339 17.18 -22.67 -19.90
N GLY A 340 18.35 -23.10 -19.44
CA GLY A 340 19.54 -23.09 -20.28
C GLY A 340 19.40 -23.98 -21.51
N GLY A 341 20.38 -23.84 -22.41
CA GLY A 341 20.41 -24.61 -23.63
C GLY A 341 20.85 -23.78 -24.83
N TYR A 342 22.11 -23.93 -25.22
CA TYR A 342 22.74 -22.99 -26.15
C TYR A 342 23.07 -23.62 -27.50
N ASN A 343 22.78 -24.89 -27.68
CA ASN A 343 22.71 -25.51 -29.00
C ASN A 343 21.23 -25.53 -29.33
N PHE A 344 20.76 -24.55 -30.11
CA PHE A 344 19.32 -24.36 -30.28
C PHE A 344 18.63 -25.55 -30.95
N PRO A 345 19.13 -26.11 -32.06
CA PRO A 345 18.44 -27.28 -32.64
C PRO A 345 18.40 -28.48 -31.69
N ASP A 346 19.49 -28.75 -30.96
CA ASP A 346 19.47 -29.89 -30.02
C ASP A 346 18.58 -29.63 -28.80
N THR A 347 18.45 -28.36 -28.35
CA THR A 347 17.46 -28.04 -27.34
C THR A 347 16.04 -28.32 -27.85
N ALA A 348 15.74 -27.89 -29.08
CA ALA A 348 14.47 -28.26 -29.73
C ALA A 348 14.29 -29.78 -29.76
N ARG A 349 15.33 -30.53 -30.14
CA ARG A 349 15.20 -31.98 -30.22
C ARG A 349 14.88 -32.60 -28.87
N LEU A 350 15.53 -32.14 -27.79
CA LEU A 350 15.20 -32.66 -26.47
C LEU A 350 13.79 -32.25 -26.04
N TRP A 351 13.45 -30.96 -26.13
CA TRP A 351 12.17 -30.52 -25.56
C TRP A 351 10.98 -31.05 -26.36
N THR A 352 11.17 -31.33 -27.64
CA THR A 352 10.12 -31.99 -28.42
C THR A 352 9.84 -33.37 -27.85
N ARG A 353 10.90 -34.15 -27.56
CA ARG A 353 10.68 -35.47 -26.97
C ARG A 353 10.08 -35.38 -25.57
N VAL A 354 10.53 -34.42 -24.74
CA VAL A 354 9.89 -34.23 -23.44
C VAL A 354 8.40 -33.96 -23.61
N THR A 355 8.04 -33.21 -24.63
CA THR A 355 6.64 -32.85 -24.81
C THR A 355 5.80 -34.07 -25.18
N ALA A 356 6.29 -34.87 -26.14
CA ALA A 356 5.59 -36.11 -26.52
C ALA A 356 5.49 -37.08 -25.34
N LEU A 357 6.57 -37.23 -24.57
CA LEU A 357 6.54 -38.06 -23.37
C LEU A 357 5.44 -37.62 -22.39
N THR A 358 5.28 -36.30 -22.20
CA THR A 358 4.26 -35.82 -21.27
C THR A 358 2.87 -36.19 -21.76
N ILE A 359 2.62 -36.05 -23.06
CA ILE A 359 1.33 -36.44 -23.62
C ILE A 359 1.06 -37.92 -23.35
N GLU A 360 2.04 -38.78 -23.67
CA GLU A 360 1.88 -40.22 -23.49
C GLU A 360 1.56 -40.56 -22.04
N GLU A 361 2.34 -40.00 -21.10
CA GLU A 361 2.20 -40.34 -19.68
C GLU A 361 0.88 -39.85 -19.11
N VAL A 362 0.42 -38.68 -19.55
CA VAL A 362 -0.80 -38.12 -18.96
C VAL A 362 -2.04 -38.72 -19.63
N LYS A 363 -2.09 -38.70 -20.96
CA LYS A 363 -3.28 -39.15 -21.68
C LYS A 363 -3.33 -40.67 -21.85
N GLY A 364 -2.19 -41.35 -21.73
CA GLY A 364 -2.21 -42.77 -22.03
C GLY A 364 -2.29 -43.08 -23.50
N LYS A 365 -1.90 -42.12 -24.35
CA LYS A 365 -2.05 -42.22 -25.79
C LYS A 365 -0.67 -42.19 -26.43
N LYS A 366 -0.33 -43.24 -27.19
CA LYS A 366 1.03 -43.39 -27.70
C LYS A 366 1.37 -42.29 -28.70
N MET A 367 2.56 -41.70 -28.57
CA MET A 367 3.05 -40.70 -29.51
C MET A 367 4.23 -41.32 -30.25
N THR A 368 4.07 -41.54 -31.54
CA THR A 368 5.16 -42.08 -32.34
C THR A 368 5.80 -40.93 -33.09
N ILE A 369 7.11 -40.80 -32.92
CA ILE A 369 7.89 -39.70 -33.47
C ILE A 369 8.89 -40.26 -34.48
N SER A 370 8.78 -39.84 -35.75
CA SER A 370 9.73 -40.33 -36.74
C SER A 370 11.16 -39.97 -36.32
N PRO A 371 12.13 -40.87 -36.51
CA PRO A 371 13.53 -40.54 -36.24
C PRO A 371 14.11 -39.46 -37.17
N GLU A 372 13.45 -39.11 -38.26
CA GLU A 372 13.88 -38.04 -39.15
C GLU A 372 13.06 -36.79 -38.89
N ILE A 373 13.71 -35.64 -38.94
CA ILE A 373 13.05 -34.33 -38.77
C ILE A 373 12.03 -34.10 -39.89
N PRO A 374 10.79 -33.75 -39.59
CA PRO A 374 9.83 -33.49 -40.68
C PRO A 374 10.13 -32.15 -41.36
N GLU A 375 9.71 -32.04 -42.62
CA GLU A 375 9.74 -30.76 -43.31
C GLU A 375 8.98 -29.70 -42.53
N HIS A 376 9.55 -28.47 -42.49
CA HIS A 376 8.98 -27.32 -41.79
C HIS A 376 9.93 -26.14 -41.95
N SER A 377 9.54 -24.97 -41.44
CA SER A 377 10.23 -23.75 -41.84
C SER A 377 11.69 -23.69 -41.37
N TYR A 378 12.04 -24.37 -40.27
CA TYR A 378 13.42 -24.39 -39.78
C TYR A 378 14.17 -25.68 -40.13
N PHE A 379 13.67 -26.45 -41.11
CA PHE A 379 14.27 -27.74 -41.45
C PHE A 379 15.78 -27.63 -41.68
N SER A 380 16.22 -26.60 -42.41
CA SER A 380 17.64 -26.44 -42.74
C SER A 380 18.53 -26.33 -41.50
N ARG A 381 17.99 -25.93 -40.36
CA ARG A 381 18.78 -25.79 -39.14
C ARG A 381 19.19 -27.14 -38.54
N TYR A 382 18.60 -28.25 -39.00
CA TYR A 382 18.85 -29.56 -38.40
C TYR A 382 19.85 -30.37 -39.21
N GLY A 383 20.47 -29.76 -40.22
CA GLY A 383 21.57 -30.40 -40.94
C GLY A 383 22.75 -30.69 -40.03
N PRO A 384 23.71 -31.52 -40.50
CA PRO A 384 23.71 -32.03 -41.87
C PRO A 384 22.95 -33.33 -42.05
N ASP A 385 22.43 -33.94 -40.98
CA ASP A 385 21.81 -35.24 -41.11
C ASP A 385 20.31 -35.29 -40.77
N PHE A 386 19.73 -34.24 -40.20
CA PHE A 386 18.28 -34.10 -40.16
C PHE A 386 17.59 -35.24 -39.40
N GLU A 387 18.22 -35.68 -38.31
CA GLU A 387 17.64 -36.73 -37.46
C GLU A 387 17.26 -36.16 -36.11
N LEU A 388 16.35 -36.86 -35.42
CA LEU A 388 15.84 -36.38 -34.13
C LEU A 388 16.81 -36.65 -32.98
N ASP A 389 17.46 -37.83 -32.94
CA ASP A 389 18.55 -38.06 -32.01
C ASP A 389 19.64 -37.01 -32.20
N ILE A 390 20.19 -36.50 -31.08
CA ILE A 390 21.36 -35.63 -31.19
C ILE A 390 22.54 -36.47 -31.72
N ASP A 391 23.54 -35.78 -32.26
CA ASP A 391 24.65 -36.39 -32.99
C ASP A 391 25.81 -36.64 -32.04
N TYR A 392 25.71 -37.74 -31.29
CA TYR A 392 26.69 -38.04 -30.26
C TYR A 392 26.79 -39.54 -30.05
N PHE A 393 28.01 -40.01 -29.81
CA PHE A 393 28.30 -41.44 -29.64
C PHE A 393 28.81 -41.69 -28.21
N PRO A 394 27.97 -42.22 -27.34
CA PRO A 394 28.30 -42.22 -25.91
C PRO A 394 29.40 -43.22 -25.56
N HIS A 395 29.99 -43.01 -24.39
CA HIS A 395 31.04 -43.85 -23.81
C HIS A 395 30.85 -43.85 -22.29
N GLU A 396 31.87 -44.34 -21.57
CA GLU A 396 31.85 -44.55 -20.12
C GLU A 396 30.92 -45.70 -19.70
N ASP A 403 30.60 -43.93 -5.84
CA ASP A 403 31.20 -43.93 -4.51
C ASP A 403 31.15 -42.55 -3.84
N SER A 404 31.54 -41.50 -4.58
CA SER A 404 31.21 -40.15 -4.14
C SER A 404 29.70 -39.94 -4.14
N ILE A 405 29.01 -40.56 -5.11
CA ILE A 405 27.55 -40.48 -5.19
C ILE A 405 26.91 -41.25 -4.04
N GLN A 406 27.52 -42.39 -3.66
CA GLN A 406 27.07 -43.12 -2.48
C GLN A 406 27.14 -42.25 -1.22
N LYS A 407 28.23 -41.50 -1.04
CA LYS A 407 28.34 -40.60 0.10
C LYS A 407 27.31 -39.47 0.03
N HIS A 408 27.11 -38.88 -1.16
CA HIS A 408 26.05 -37.89 -1.33
C HIS A 408 24.67 -38.47 -1.00
N HIS A 409 24.43 -39.72 -1.41
CA HIS A 409 23.14 -40.34 -1.10
C HIS A 409 22.96 -40.50 0.41
N ARG A 410 24.01 -40.90 1.12
CA ARG A 410 23.89 -41.01 2.57
C ARG A 410 23.65 -39.65 3.20
N ARG A 411 24.42 -38.63 2.76
CA ARG A 411 24.23 -37.27 3.28
C ARG A 411 22.81 -36.76 3.03
N ILE A 412 22.26 -37.01 1.83
CA ILE A 412 20.96 -36.46 1.47
C ILE A 412 19.83 -37.18 2.21
N LEU A 413 19.97 -38.51 2.42
CA LEU A 413 18.97 -39.23 3.19
C LEU A 413 18.92 -38.76 4.64
N GLU A 414 20.10 -38.55 5.24
CA GLU A 414 20.21 -37.94 6.57
C GLU A 414 19.48 -36.59 6.62
N GLN A 415 19.73 -35.71 5.63
CA GLN A 415 19.04 -34.42 5.57
C GLN A 415 17.53 -34.60 5.44
N LEU A 416 17.08 -35.57 4.63
CA LEU A 416 15.64 -35.77 4.48
C LEU A 416 15.01 -36.24 5.80
N ARG A 417 15.75 -37.06 6.55
CA ARG A 417 15.32 -37.48 7.89
C ARG A 417 15.22 -36.27 8.83
N ASN A 418 16.23 -35.39 8.79
CA ASN A 418 16.18 -34.18 9.60
C ASN A 418 15.00 -33.29 9.20
N TYR A 419 14.74 -33.20 7.91
CA TYR A 419 13.61 -32.40 7.44
C TYR A 419 12.29 -32.96 7.95
N ALA A 420 12.10 -34.28 7.80
CA ALA A 420 10.85 -34.89 8.25
C ALA A 420 10.68 -34.79 9.77
N ASP A 421 11.77 -34.89 10.55
CA ASP A 421 11.67 -34.74 12.00
C ASP A 421 11.30 -33.31 12.38
N LEU A 422 12.03 -32.33 11.83
CA LEU A 422 11.75 -30.92 12.11
C LEU A 422 10.31 -30.56 11.79
N ASN A 423 9.78 -31.09 10.69
CA ASN A 423 8.44 -30.73 10.24
C ASN A 423 7.39 -31.73 10.69
N LYS A 424 7.77 -32.75 11.48
CA LYS A 424 6.88 -33.73 12.08
C LYS A 424 6.01 -34.42 11.04
N LEU A 425 6.67 -35.05 10.08
CA LEU A 425 6.01 -35.81 9.02
C LEU A 425 6.10 -37.30 9.32
N ILE A 426 5.13 -38.06 8.78
CA ILE A 426 5.02 -39.49 9.00
C ILE A 426 5.50 -40.22 7.74
N TYR A 427 6.43 -41.15 7.90
CA TYR A 427 7.00 -41.82 6.73
C TYR A 427 7.71 -43.09 7.15
N ASP A 428 7.74 -44.05 6.22
CA ASP A 428 8.35 -45.36 6.45
C ASP A 428 9.83 -45.29 6.09
N TYR A 429 10.69 -45.25 7.12
CA TYR A 429 12.13 -45.31 6.91
C TYR A 429 12.51 -46.47 6.01
N ASP A 430 11.92 -47.65 6.24
CA ASP A 430 12.32 -48.85 5.51
C ASP A 430 11.87 -48.81 4.05
N GLN A 431 10.77 -48.11 3.75
CA GLN A 431 10.42 -47.93 2.34
C GLN A 431 11.36 -46.93 1.67
N VAL A 432 11.73 -45.85 2.37
CA VAL A 432 12.62 -44.85 1.80
C VAL A 432 14.04 -45.39 1.69
N TYR A 433 14.56 -45.94 2.80
CA TYR A 433 15.88 -46.55 2.80
C TYR A 433 16.01 -47.65 1.74
N GLN A 434 14.90 -48.25 1.34
CA GLN A 434 14.88 -49.25 0.28
C GLN A 434 15.36 -48.67 -1.05
N SER B 3 -32.77 11.84 -39.08
CA SER B 3 -33.18 10.97 -38.01
C SER B 3 -31.95 10.51 -37.21
N VAL B 4 -32.00 10.55 -35.87
CA VAL B 4 -31.01 9.88 -35.02
C VAL B 4 -31.62 8.55 -34.63
N GLY B 5 -30.98 7.45 -35.03
CA GLY B 5 -31.46 6.14 -34.67
C GLY B 5 -30.78 5.59 -33.44
N ILE B 6 -31.46 4.65 -32.77
CA ILE B 6 -30.87 3.87 -31.68
C ILE B 6 -31.40 2.44 -31.77
N VAL B 7 -30.53 1.45 -31.58
CA VAL B 7 -30.88 0.04 -31.68
C VAL B 7 -31.51 -0.43 -30.37
N TYR B 8 -32.74 -0.92 -30.42
CA TYR B 8 -33.28 -1.62 -29.26
C TYR B 8 -34.47 -2.49 -29.65
N GLY B 9 -34.85 -3.35 -28.71
CA GLY B 9 -36.02 -4.19 -28.84
C GLY B 9 -36.10 -5.06 -27.60
N ASP B 10 -37.27 -5.68 -27.42
CA ASP B 10 -37.49 -6.48 -26.20
C ASP B 10 -36.57 -7.70 -26.15
N GLN B 11 -36.54 -8.50 -27.22
CA GLN B 11 -35.63 -9.65 -27.22
C GLN B 11 -34.18 -9.20 -27.18
N TYR B 12 -33.88 -8.08 -27.85
CA TYR B 12 -32.52 -7.57 -27.88
C TYR B 12 -32.04 -7.24 -26.46
N ARG B 13 -32.88 -6.56 -25.70
CA ARG B 13 -32.53 -6.20 -24.32
C ARG B 13 -32.28 -7.45 -23.48
N GLN B 14 -33.13 -8.47 -23.62
CA GLN B 14 -32.96 -9.70 -22.84
C GLN B 14 -31.63 -10.38 -23.19
N LEU B 15 -31.32 -10.51 -24.49
CA LEU B 15 -30.04 -11.10 -24.89
C LEU B 15 -28.85 -10.27 -24.41
N CYS B 16 -28.87 -8.94 -24.60
CA CYS B 16 -27.72 -8.13 -24.16
C CYS B 16 -27.53 -8.20 -22.65
N CYS B 17 -28.58 -8.55 -21.89
CA CYS B 17 -28.50 -8.68 -20.44
C CYS B 17 -28.28 -10.10 -19.94
N SER B 18 -27.91 -11.05 -20.81
CA SER B 18 -27.83 -12.45 -20.41
C SER B 18 -26.40 -12.97 -20.18
N SER B 19 -25.34 -12.05 -20.14
CA SER B 19 -24.01 -12.63 -19.94
C SER B 19 -23.57 -12.50 -18.49
N PRO B 20 -22.68 -13.40 -18.03
CA PRO B 20 -22.14 -13.30 -16.66
C PRO B 20 -21.27 -12.07 -16.44
N LYS B 21 -20.55 -11.59 -17.44
CA LYS B 21 -19.68 -10.45 -17.21
C LYS B 21 -20.45 -9.13 -17.20
N PHE B 22 -21.32 -8.88 -18.19
CA PHE B 22 -21.90 -7.55 -18.30
C PHE B 22 -23.28 -7.41 -17.67
N GLY B 23 -23.84 -8.48 -17.13
CA GLY B 23 -25.05 -8.39 -16.34
C GLY B 23 -26.12 -7.55 -17.02
N ASP B 24 -26.75 -6.66 -16.25
CA ASP B 24 -27.85 -5.87 -16.77
C ASP B 24 -27.42 -4.47 -17.23
N ARG B 25 -26.13 -4.26 -17.54
CA ARG B 25 -25.64 -2.94 -17.90
C ARG B 25 -26.45 -2.32 -19.04
N TYR B 26 -26.74 -3.09 -20.09
CA TYR B 26 -27.51 -2.56 -21.22
C TYR B 26 -28.86 -2.01 -20.78
N ALA B 27 -29.53 -2.70 -19.84
CA ALA B 27 -30.82 -2.26 -19.33
C ALA B 27 -30.71 -0.94 -18.56
N LEU B 28 -29.67 -0.79 -17.71
CA LEU B 28 -29.49 0.49 -17.02
C LEU B 28 -29.30 1.62 -18.04
N VAL B 29 -28.49 1.36 -19.08
CA VAL B 29 -28.22 2.38 -20.08
C VAL B 29 -29.50 2.81 -20.79
N MET B 30 -30.26 1.85 -21.32
CA MET B 30 -31.45 2.20 -22.09
C MET B 30 -32.53 2.79 -21.20
N ASP B 31 -32.62 2.33 -19.95
CA ASP B 31 -33.67 2.85 -19.06
C ASP B 31 -33.33 4.24 -18.55
N LEU B 32 -32.06 4.59 -18.42
CA LEU B 32 -31.71 5.96 -18.05
C LEU B 32 -31.95 6.93 -19.21
N ILE B 33 -31.64 6.50 -20.44
CA ILE B 33 -32.02 7.27 -21.61
C ILE B 33 -33.54 7.46 -21.64
N ASN B 34 -34.29 6.40 -21.31
CA ASN B 34 -35.75 6.49 -21.28
C ASN B 34 -36.26 7.40 -20.15
N ALA B 35 -35.67 7.31 -18.96
CA ALA B 35 -36.12 8.14 -17.85
C ALA B 35 -35.89 9.63 -18.12
N TYR B 36 -34.85 9.97 -18.87
CA TYR B 36 -34.65 11.37 -19.21
C TYR B 36 -35.46 11.80 -20.44
N LYS B 37 -36.39 10.96 -20.89
CA LYS B 37 -37.34 11.29 -21.98
C LYS B 37 -36.63 11.57 -23.30
N LEU B 38 -35.54 10.85 -23.57
CA LEU B 38 -34.88 10.98 -24.87
C LEU B 38 -35.45 10.03 -25.94
N ILE B 39 -36.12 8.94 -25.53
CA ILE B 39 -36.58 7.94 -26.50
C ILE B 39 -37.49 8.52 -27.57
N PRO B 40 -38.50 9.36 -27.24
CA PRO B 40 -39.34 9.95 -28.32
C PRO B 40 -38.57 10.80 -29.34
N GLU B 41 -37.37 11.27 -29.02
CA GLU B 41 -36.55 11.99 -30.01
C GLU B 41 -35.91 11.06 -31.04
N LEU B 42 -35.95 9.76 -30.82
CA LEU B 42 -35.06 8.82 -31.52
C LEU B 42 -35.89 7.84 -32.33
N SER B 43 -35.34 7.42 -33.47
CA SER B 43 -35.94 6.39 -34.31
CA SER B 43 -35.94 6.38 -34.30
C SER B 43 -35.44 5.03 -33.83
N ARG B 44 -36.37 4.14 -33.44
CA ARG B 44 -35.94 2.79 -33.08
C ARG B 44 -35.44 2.04 -34.32
N VAL B 45 -34.21 1.52 -34.24
CA VAL B 45 -33.65 0.70 -35.31
C VAL B 45 -33.72 -0.76 -34.87
N PRO B 46 -34.55 -1.60 -35.49
CA PRO B 46 -34.67 -3.00 -35.04
C PRO B 46 -33.47 -3.84 -35.43
N PRO B 47 -33.00 -4.73 -34.55
CA PRO B 47 -31.92 -5.64 -34.92
C PRO B 47 -32.26 -6.47 -36.16
N LEU B 48 -31.24 -6.76 -36.96
CA LEU B 48 -31.45 -7.50 -38.19
C LEU B 48 -31.77 -8.97 -37.88
N GLN B 49 -32.75 -9.53 -38.60
CA GLN B 49 -33.00 -10.96 -38.55
C GLN B 49 -32.92 -11.51 -39.97
N TRP B 50 -32.63 -12.81 -40.09
CA TRP B 50 -32.43 -13.44 -41.39
C TRP B 50 -33.56 -14.41 -41.71
N ASP B 51 -33.62 -14.80 -42.97
CA ASP B 51 -34.65 -15.70 -43.47
C ASP B 51 -34.24 -17.16 -43.46
N SER B 52 -33.05 -17.48 -42.99
CA SER B 52 -32.63 -18.88 -42.90
C SER B 52 -31.35 -18.94 -42.06
N PRO B 53 -31.03 -20.12 -41.50
CA PRO B 53 -29.72 -20.28 -40.84
C PRO B 53 -28.57 -20.10 -41.81
N SER B 54 -28.73 -20.51 -43.07
CA SER B 54 -27.66 -20.29 -44.06
C SER B 54 -27.39 -18.81 -44.29
N ARG B 55 -28.44 -17.97 -44.33
CA ARG B 55 -28.18 -16.54 -44.49
C ARG B 55 -27.48 -15.95 -43.28
N MET B 56 -27.86 -16.37 -42.07
CA MET B 56 -27.15 -15.89 -40.89
C MET B 56 -25.69 -16.32 -40.92
N TYR B 57 -25.45 -17.57 -41.29
CA TYR B 57 -24.08 -18.10 -41.29
C TYR B 57 -23.22 -17.39 -42.33
N GLU B 58 -23.78 -17.12 -43.52
CA GLU B 58 -23.04 -16.35 -44.53
C GLU B 58 -22.71 -14.96 -44.02
N ALA B 59 -23.62 -14.32 -43.30
CA ALA B 59 -23.34 -12.97 -42.82
C ALA B 59 -22.18 -12.97 -41.82
N VAL B 60 -22.21 -13.89 -40.85
CA VAL B 60 -21.16 -13.88 -39.83
C VAL B 60 -19.80 -14.26 -40.43
N THR B 61 -19.78 -15.22 -41.38
CA THR B 61 -18.54 -15.66 -42.01
C THR B 61 -18.07 -14.76 -43.13
N ALA B 62 -18.67 -13.58 -43.31
CA ALA B 62 -17.98 -12.54 -44.08
C ALA B 62 -16.70 -12.08 -43.37
N PHE B 63 -16.60 -12.29 -42.05
CA PHE B 63 -15.34 -12.07 -41.32
C PHE B 63 -14.81 -13.31 -40.62
N HIS B 64 -15.62 -13.95 -39.78
CA HIS B 64 -15.17 -15.07 -38.94
C HIS B 64 -15.04 -16.36 -39.76
N SER B 65 -14.11 -17.23 -39.36
CA SER B 65 -13.94 -18.51 -40.07
C SER B 65 -15.11 -19.45 -39.80
N THR B 66 -15.36 -20.36 -40.76
CA THR B 66 -16.40 -21.37 -40.56
C THR B 66 -16.09 -22.22 -39.33
N GLU B 67 -14.83 -22.63 -39.16
CA GLU B 67 -14.56 -23.52 -38.02
C GLU B 67 -14.76 -22.79 -36.68
N TYR B 68 -14.41 -21.50 -36.59
CA TYR B 68 -14.64 -20.76 -35.35
C TYR B 68 -16.15 -20.59 -35.08
N VAL B 69 -16.92 -20.18 -36.09
CA VAL B 69 -18.38 -20.05 -35.90
C VAL B 69 -18.98 -21.40 -35.50
N ASP B 70 -18.55 -22.49 -36.14
CA ASP B 70 -19.05 -23.83 -35.74
C ASP B 70 -18.78 -24.10 -34.27
N ALA B 71 -17.57 -23.79 -33.79
CA ALA B 71 -17.20 -24.06 -32.40
C ALA B 71 -18.02 -23.23 -31.41
N LEU B 72 -18.26 -21.95 -31.73
CA LEU B 72 -19.07 -21.09 -30.86
C LEU B 72 -20.50 -21.60 -30.74
N LYS B 73 -21.07 -22.09 -31.85
CA LYS B 73 -22.40 -22.69 -31.80
C LYS B 73 -22.41 -23.88 -30.86
N LYS B 74 -21.40 -24.76 -30.99
CA LYS B 74 -21.34 -25.98 -30.20
C LYS B 74 -21.16 -25.67 -28.73
N LEU B 75 -20.40 -24.62 -28.42
CA LEU B 75 -20.19 -24.22 -27.03
C LEU B 75 -21.53 -23.89 -26.36
N GLN B 76 -22.39 -23.15 -27.06
CA GLN B 76 -23.72 -22.85 -26.52
C GLN B 76 -24.53 -24.13 -26.32
N MET B 77 -24.57 -24.98 -27.34
CA MET B 77 -25.29 -26.25 -27.22
C MET B 77 -24.79 -27.02 -26.01
N LEU B 78 -23.47 -27.08 -25.82
CA LEU B 78 -22.90 -27.82 -24.69
C LEU B 78 -23.30 -27.20 -23.34
N HIS B 79 -23.27 -25.86 -23.23
CA HIS B 79 -23.67 -25.28 -21.95
C HIS B 79 -25.17 -25.33 -21.71
N CYS B 80 -25.96 -25.71 -22.71
CA CYS B 80 -27.39 -25.91 -22.53
C CYS B 80 -27.76 -27.33 -22.11
N GLU B 81 -26.77 -28.19 -21.82
CA GLU B 81 -27.08 -29.53 -21.32
C GLU B 81 -26.48 -29.77 -19.94
N LEU B 85 -17.98 -31.76 -20.64
CA LEU B 85 -17.31 -31.82 -21.94
C LEU B 85 -16.39 -33.03 -22.10
N THR B 86 -16.31 -33.57 -23.31
CA THR B 86 -15.29 -34.57 -23.56
C THR B 86 -13.92 -33.90 -23.67
N ALA B 87 -12.87 -34.72 -23.55
CA ALA B 87 -11.50 -34.20 -23.66
C ALA B 87 -11.26 -33.55 -25.01
N ASP B 88 -11.81 -34.14 -26.08
CA ASP B 88 -11.66 -33.52 -27.40
C ASP B 88 -12.49 -32.24 -27.55
N ASP B 89 -13.65 -32.16 -26.88
CA ASP B 89 -14.43 -30.92 -26.88
C ASP B 89 -13.65 -29.79 -26.23
N GLU B 90 -13.04 -30.07 -25.07
CA GLU B 90 -12.25 -29.05 -24.38
C GLU B 90 -11.07 -28.59 -25.22
N LEU B 91 -10.36 -29.54 -25.85
CA LEU B 91 -9.25 -29.14 -26.72
C LEU B 91 -9.74 -28.30 -27.88
N LEU B 92 -10.92 -28.62 -28.42
CA LEU B 92 -11.50 -27.83 -29.51
C LEU B 92 -11.77 -26.40 -29.06
N MET B 93 -12.41 -26.23 -27.89
CA MET B 93 -12.69 -24.89 -27.37
C MET B 93 -11.41 -24.12 -27.04
N ASP B 94 -10.43 -24.80 -26.45
CA ASP B 94 -9.14 -24.14 -26.15
C ASP B 94 -8.48 -23.59 -27.41
N SER B 95 -8.60 -24.31 -28.53
CA SER B 95 -7.96 -23.86 -29.76
C SER B 95 -8.56 -22.57 -30.31
N PHE B 96 -9.76 -22.18 -29.88
CA PHE B 96 -10.35 -20.91 -30.29
C PHE B 96 -10.38 -19.87 -29.17
N SER B 97 -9.64 -20.12 -28.08
CA SER B 97 -9.63 -19.26 -26.88
C SER B 97 -11.01 -19.13 -26.25
N LEU B 98 -11.84 -20.16 -26.40
CA LEU B 98 -13.16 -20.15 -25.78
C LEU B 98 -13.04 -20.70 -24.36
N ASN B 99 -12.27 -19.95 -23.55
CA ASN B 99 -11.91 -20.34 -22.19
C ASN B 99 -11.50 -19.08 -21.42
N TYR B 100 -11.17 -19.27 -20.14
CA TYR B 100 -10.66 -18.22 -19.24
C TYR B 100 -11.51 -16.96 -19.34
N ASP B 101 -11.01 -15.92 -20.03
CA ASP B 101 -11.72 -14.63 -20.14
C ASP B 101 -12.95 -14.69 -21.04
N CYS B 102 -13.08 -15.73 -21.86
CA CYS B 102 -14.20 -15.85 -22.79
C CYS B 102 -14.84 -17.21 -22.60
N PRO B 103 -15.44 -17.45 -21.43
CA PRO B 103 -16.03 -18.77 -21.17
C PRO B 103 -17.34 -18.94 -21.92
N GLY B 104 -17.79 -20.20 -21.97
CA GLY B 104 -19.13 -20.49 -22.40
C GLY B 104 -20.17 -20.24 -21.31
N PHE B 105 -21.41 -20.07 -21.77
CA PHE B 105 -22.58 -19.95 -20.91
C PHE B 105 -23.79 -20.23 -21.78
N PRO B 106 -24.96 -20.46 -21.18
CA PRO B 106 -26.10 -21.02 -21.96
C PRO B 106 -26.54 -20.18 -23.17
N SER B 107 -26.31 -18.86 -23.18
CA SER B 107 -26.74 -18.03 -24.30
C SER B 107 -25.56 -17.43 -25.08
N VAL B 108 -24.38 -18.03 -24.99
CA VAL B 108 -23.17 -17.34 -25.46
C VAL B 108 -23.23 -17.04 -26.96
N PHE B 109 -23.80 -17.94 -27.77
CA PHE B 109 -23.92 -17.66 -29.21
C PHE B 109 -25.02 -16.62 -29.49
N ASP B 110 -26.23 -16.84 -28.94
CA ASP B 110 -27.31 -15.86 -29.12
C ASP B 110 -26.86 -14.47 -28.68
N TYR B 111 -26.23 -14.40 -27.51
CA TYR B 111 -25.73 -13.13 -26.97
C TYR B 111 -24.76 -12.47 -27.93
N SER B 112 -23.78 -13.24 -28.45
CA SER B 112 -22.78 -12.67 -29.37
C SER B 112 -23.42 -12.22 -30.68
N LEU B 113 -24.30 -13.06 -31.23
CA LEU B 113 -24.96 -12.74 -32.50
C LEU B 113 -25.79 -11.48 -32.39
N ALA B 114 -26.42 -11.29 -31.22
CA ALA B 114 -27.29 -10.14 -31.02
C ALA B 114 -26.57 -8.82 -31.31
N ALA B 115 -25.34 -8.65 -30.80
CA ALA B 115 -24.57 -7.43 -31.12
C ALA B 115 -24.34 -7.30 -32.63
N VAL B 116 -24.00 -8.39 -33.31
CA VAL B 116 -23.89 -8.35 -34.77
C VAL B 116 -25.20 -7.88 -35.40
N GLN B 117 -26.33 -8.43 -34.93
CA GLN B 117 -27.63 -8.07 -35.50
C GLN B 117 -27.91 -6.57 -35.35
N GLY B 118 -27.58 -5.98 -34.20
CA GLY B 118 -27.82 -4.57 -34.00
C GLY B 118 -26.93 -3.68 -34.87
N SER B 119 -25.63 -4.00 -34.94
CA SER B 119 -24.70 -3.13 -35.64
C SER B 119 -24.87 -3.24 -37.16
N LEU B 120 -25.28 -4.42 -37.67
CA LEU B 120 -25.59 -4.55 -39.10
C LEU B 120 -26.84 -3.75 -39.48
N ALA B 121 -27.91 -3.84 -38.66
CA ALA B 121 -29.08 -3.00 -38.89
C ALA B 121 -28.72 -1.51 -38.83
N ALA B 122 -27.89 -1.11 -37.87
CA ALA B 122 -27.45 0.28 -37.80
C ALA B 122 -26.78 0.72 -39.10
N ALA B 123 -25.85 -0.11 -39.60
CA ALA B 123 -25.18 0.21 -40.86
C ALA B 123 -26.17 0.35 -42.02
N SER B 124 -27.18 -0.53 -42.09
CA SER B 124 -28.17 -0.46 -43.17
C SER B 124 -28.99 0.81 -43.09
N ALA B 125 -29.31 1.26 -41.88
CA ALA B 125 -30.08 2.49 -41.72
C ALA B 125 -29.30 3.72 -42.19
N LEU B 126 -27.95 3.73 -42.04
CA LEU B 126 -27.13 4.82 -42.61
C LEU B 126 -27.06 4.72 -44.13
N ILE B 127 -26.85 3.50 -44.64
CA ILE B 127 -26.71 3.30 -46.09
C ILE B 127 -27.95 3.79 -46.83
N CYS B 128 -29.14 3.42 -46.38
CA CYS B 128 -30.33 3.92 -47.07
C CYS B 128 -30.71 5.33 -46.64
N ARG B 129 -29.87 6.00 -45.84
CA ARG B 129 -30.11 7.39 -45.41
C ARG B 129 -31.40 7.54 -44.59
N HIS B 130 -31.90 6.47 -43.97
CA HIS B 130 -32.99 6.65 -43.02
C HIS B 130 -32.52 7.46 -41.80
N CYS B 131 -31.25 7.31 -41.39
CA CYS B 131 -30.69 7.98 -40.22
C CYS B 131 -29.39 8.68 -40.60
N GLU B 132 -29.16 9.88 -40.02
CA GLU B 132 -27.86 10.53 -40.16
C GLU B 132 -26.83 9.93 -39.22
N VAL B 133 -27.28 9.47 -38.05
CA VAL B 133 -26.44 8.86 -37.04
C VAL B 133 -27.24 7.70 -36.43
N VAL B 134 -26.56 6.61 -36.10
CA VAL B 134 -27.22 5.52 -35.37
C VAL B 134 -26.35 5.14 -34.18
N ILE B 135 -26.99 4.97 -33.02
CA ILE B 135 -26.35 4.54 -31.77
C ILE B 135 -26.68 3.06 -31.53
N ASN B 136 -25.67 2.24 -31.23
CA ASN B 136 -25.90 0.89 -30.70
C ASN B 136 -25.10 0.65 -29.40
N TRP B 137 -25.75 0.87 -28.25
CA TRP B 137 -25.07 0.63 -26.99
C TRP B 137 -24.95 -0.84 -26.64
N GLY B 138 -25.46 -1.75 -27.47
CA GLY B 138 -25.20 -3.15 -27.24
C GLY B 138 -24.05 -3.69 -28.05
N GLY B 139 -23.45 -2.87 -28.91
CA GLY B 139 -22.36 -3.29 -29.77
C GLY B 139 -21.03 -2.68 -29.33
N GLY B 140 -20.02 -2.88 -30.20
CA GLY B 140 -18.69 -2.37 -29.97
C GLY B 140 -17.67 -3.38 -29.49
N TRP B 141 -17.80 -4.65 -29.85
CA TRP B 141 -16.94 -5.70 -29.29
C TRP B 141 -15.68 -5.86 -30.16
N HIS B 142 -14.71 -4.94 -29.94
CA HIS B 142 -13.58 -4.70 -30.86
C HIS B 142 -12.43 -5.71 -30.75
N HIS B 143 -12.37 -6.60 -29.74
CA HIS B 143 -11.22 -7.52 -29.65
C HIS B 143 -11.41 -8.85 -30.39
N ALA B 144 -12.62 -9.19 -30.82
CA ALA B 144 -12.85 -10.52 -31.40
C ALA B 144 -12.07 -10.64 -32.70
N LYS B 145 -11.37 -11.77 -32.89
CA LYS B 145 -10.58 -12.02 -34.09
C LYS B 145 -11.30 -12.98 -35.03
N ARG B 146 -10.71 -13.10 -36.23
CA ARG B 146 -11.23 -13.98 -37.27
C ARG B 146 -11.55 -15.39 -36.75
N SER B 147 -10.63 -15.98 -35.99
CA SER B 147 -10.86 -17.32 -35.45
C SER B 147 -10.52 -17.38 -33.98
N GLU B 148 -10.81 -16.31 -33.22
CA GLU B 148 -10.46 -16.34 -31.81
C GLU B 148 -11.31 -15.36 -31.01
N ALA B 149 -11.86 -15.83 -29.87
CA ALA B 149 -12.50 -14.94 -28.91
C ALA B 149 -11.43 -14.25 -28.06
N SER B 150 -11.70 -13.02 -27.61
CA SER B 150 -10.68 -12.25 -26.91
C SER B 150 -11.34 -11.15 -26.08
N GLY B 151 -10.96 -11.05 -24.81
CA GLY B 151 -11.36 -9.92 -23.98
C GLY B 151 -12.87 -9.79 -23.87
N PHE B 152 -13.52 -10.93 -23.62
CA PHE B 152 -14.99 -11.15 -23.59
C PHE B 152 -15.70 -10.69 -24.86
N CYS B 153 -14.97 -10.56 -25.97
CA CYS B 153 -15.54 -10.40 -27.31
C CYS B 153 -15.50 -11.73 -28.06
N TYR B 154 -16.66 -12.22 -28.50
CA TYR B 154 -16.82 -13.48 -29.23
C TYR B 154 -17.02 -13.28 -30.74
N LEU B 155 -17.79 -12.29 -31.16
CA LEU B 155 -18.03 -11.98 -32.56
C LEU B 155 -17.81 -10.49 -32.75
N ASN B 156 -17.15 -10.13 -33.86
CA ASN B 156 -16.76 -8.73 -34.03
C ASN B 156 -17.84 -8.01 -34.85
N ASP B 157 -18.83 -7.46 -34.13
CA ASP B 157 -19.91 -6.70 -34.76
C ASP B 157 -19.39 -5.46 -35.47
N ILE B 158 -18.31 -4.84 -34.97
CA ILE B 158 -17.78 -3.62 -35.60
C ILE B 158 -17.25 -3.93 -37.00
N VAL B 159 -16.42 -4.96 -37.12
CA VAL B 159 -15.86 -5.35 -38.42
C VAL B 159 -16.98 -5.67 -39.41
N LEU B 160 -18.00 -6.40 -38.96
CA LEU B 160 -19.07 -6.78 -39.87
C LEU B 160 -19.86 -5.55 -40.31
N ALA B 161 -20.10 -4.60 -39.40
CA ALA B 161 -20.80 -3.38 -39.78
C ALA B 161 -19.96 -2.55 -40.74
N ILE B 162 -18.66 -2.41 -40.46
CA ILE B 162 -17.79 -1.67 -41.35
C ILE B 162 -17.80 -2.31 -42.73
N HIS B 163 -17.70 -3.64 -42.77
CA HIS B 163 -17.71 -4.32 -44.06
C HIS B 163 -18.97 -4.01 -44.86
N ARG B 164 -20.13 -4.00 -44.19
CA ARG B 164 -21.36 -3.62 -44.89
C ARG B 164 -21.28 -2.20 -45.43
N LEU B 165 -20.77 -1.25 -44.63
CA LEU B 165 -20.71 0.16 -45.07
C LEU B 165 -19.75 0.32 -46.24
N VAL B 166 -18.56 -0.27 -46.13
CA VAL B 166 -17.50 -0.03 -47.11
C VAL B 166 -17.81 -0.68 -48.43
N SER B 167 -18.70 -1.67 -48.44
CA SER B 167 -19.09 -2.32 -49.69
C SER B 167 -20.44 -1.81 -50.21
N SER B 168 -20.81 -0.57 -49.89
CA SER B 168 -22.04 0.07 -50.32
C SER B 168 -21.77 1.12 -51.40
N THR B 169 -22.82 1.51 -52.11
CA THR B 169 -22.69 2.53 -53.15
C THR B 169 -23.81 3.55 -53.08
N GLN B 178 -13.55 4.49 -53.85
CA GLN B 178 -14.15 5.79 -53.53
C GLN B 178 -14.83 5.82 -52.15
N THR B 179 -15.51 4.75 -51.75
CA THR B 179 -16.12 4.70 -50.41
C THR B 179 -15.03 4.37 -49.39
N ARG B 180 -14.84 5.28 -48.42
CA ARG B 180 -13.86 5.09 -47.35
C ARG B 180 -14.57 5.19 -46.01
N VAL B 181 -14.15 4.37 -45.03
CA VAL B 181 -14.67 4.44 -43.66
C VAL B 181 -13.52 4.82 -42.73
N LEU B 182 -13.76 5.80 -41.85
CA LEU B 182 -12.87 6.13 -40.75
C LEU B 182 -13.41 5.53 -39.47
N TYR B 183 -12.60 4.70 -38.80
CA TYR B 183 -12.94 4.04 -37.55
C TYR B 183 -12.17 4.71 -36.42
N VAL B 184 -12.88 5.15 -35.39
CA VAL B 184 -12.27 5.88 -34.27
C VAL B 184 -12.58 5.10 -32.99
N ASP B 185 -11.55 4.67 -32.28
CA ASP B 185 -11.71 3.78 -31.14
C ASP B 185 -11.28 4.50 -29.86
N LEU B 186 -12.26 4.89 -29.03
CA LEU B 186 -11.99 5.71 -27.85
C LEU B 186 -11.90 4.91 -26.54
N ASP B 187 -12.10 3.60 -26.61
CA ASP B 187 -11.99 2.68 -25.48
C ASP B 187 -10.62 2.79 -24.80
N LEU B 188 -10.57 2.45 -23.50
CA LEU B 188 -9.30 2.41 -22.76
C LEU B 188 -8.28 1.48 -23.41
N HIS B 189 -8.74 0.41 -24.05
CA HIS B 189 -7.90 -0.63 -24.66
C HIS B 189 -7.75 -0.44 -26.16
N HIS B 190 -6.61 -0.89 -26.67
CA HIS B 190 -6.33 -0.88 -28.11
C HIS B 190 -7.36 -1.70 -28.89
N GLY B 191 -7.92 -1.12 -29.94
CA GLY B 191 -8.86 -1.85 -30.79
C GLY B 191 -8.16 -2.80 -31.76
N ASP B 192 -7.56 -3.87 -31.22
CA ASP B 192 -6.72 -4.78 -32.01
C ASP B 192 -7.51 -5.58 -33.04
N GLY B 193 -8.72 -6.05 -32.69
CA GLY B 193 -9.46 -6.87 -33.64
C GLY B 193 -9.92 -6.13 -34.89
N VAL B 194 -10.39 -4.89 -34.73
CA VAL B 194 -10.77 -4.10 -35.90
C VAL B 194 -9.54 -3.73 -36.72
N GLU B 195 -8.47 -3.29 -36.06
CA GLU B 195 -7.22 -2.95 -36.76
C GLU B 195 -6.71 -4.14 -37.59
N GLU B 196 -6.67 -5.32 -36.99
CA GLU B 196 -6.15 -6.48 -37.69
C GLU B 196 -7.03 -6.85 -38.88
N ALA B 197 -8.35 -6.77 -38.72
CA ALA B 197 -9.24 -7.19 -39.81
C ALA B 197 -8.99 -6.41 -41.09
N PHE B 198 -8.63 -5.13 -40.99
CA PHE B 198 -8.49 -4.24 -42.14
C PHE B 198 -7.03 -3.84 -42.38
N TRP B 199 -6.10 -4.62 -41.82
CA TRP B 199 -4.67 -4.33 -41.88
C TRP B 199 -4.17 -4.14 -43.32
N TYR B 200 -4.75 -4.89 -44.28
CA TYR B 200 -4.33 -4.86 -45.69
C TYR B 200 -5.22 -3.99 -46.56
N SER B 201 -6.17 -3.24 -45.97
CA SER B 201 -7.17 -2.53 -46.76
C SER B 201 -6.98 -1.02 -46.58
N PRO B 202 -6.76 -0.26 -47.65
CA PRO B 202 -6.70 1.20 -47.51
C PRO B 202 -8.05 1.85 -47.34
N ARG B 203 -9.14 1.17 -47.66
CA ARG B 203 -10.44 1.83 -47.64
C ARG B 203 -11.08 1.89 -46.24
N VAL B 204 -10.50 1.22 -45.25
CA VAL B 204 -10.90 1.38 -43.86
C VAL B 204 -9.69 1.90 -43.09
N VAL B 205 -9.73 3.17 -42.67
CA VAL B 205 -8.65 3.75 -41.88
C VAL B 205 -9.03 3.64 -40.40
N THR B 206 -8.20 2.96 -39.61
CA THR B 206 -8.48 2.75 -38.19
C THR B 206 -7.60 3.67 -37.33
N PHE B 207 -8.17 4.20 -36.26
CA PHE B 207 -7.42 5.08 -35.34
C PHE B 207 -7.85 4.77 -33.91
N SER B 208 -6.94 4.26 -33.09
CA SER B 208 -7.24 3.94 -31.69
C SER B 208 -6.37 4.78 -30.75
N VAL B 209 -7.00 5.38 -29.73
CA VAL B 209 -6.34 6.06 -28.63
C VAL B 209 -6.57 5.22 -27.40
N HIS B 210 -5.54 4.99 -26.58
CA HIS B 210 -5.68 3.96 -25.54
C HIS B 210 -4.53 4.07 -24.56
N HIS B 211 -4.68 3.38 -23.43
CA HIS B 211 -3.52 3.12 -22.59
C HIS B 211 -2.70 1.95 -23.12
N ALA B 212 -1.37 2.07 -23.05
CA ALA B 212 -0.54 0.90 -23.27
C ALA B 212 0.65 0.94 -22.32
N SER B 213 1.03 -0.22 -21.80
CA SER B 213 2.15 -0.37 -20.88
C SER B 213 2.46 -1.88 -20.74
N PRO B 214 3.65 -2.24 -20.27
CA PRO B 214 4.06 -3.67 -20.31
C PRO B 214 3.14 -4.54 -19.47
N GLY B 215 2.58 -5.59 -20.10
CA GLY B 215 1.67 -6.49 -19.42
C GLY B 215 0.20 -6.10 -19.50
N PHE B 216 -0.13 -4.90 -19.97
CA PHE B 216 -1.52 -4.45 -20.02
C PHE B 216 -2.19 -4.93 -21.31
N PHE B 217 -3.38 -5.53 -21.15
CA PHE B 217 -4.16 -6.13 -22.24
C PHE B 217 -4.56 -5.07 -23.29
N PRO B 218 -4.50 -5.41 -24.60
CA PRO B 218 -4.09 -6.69 -25.19
C PRO B 218 -2.61 -6.71 -25.59
N GLY B 219 -1.92 -5.58 -25.42
CA GLY B 219 -0.49 -5.51 -25.62
C GLY B 219 -0.05 -4.79 -26.88
N THR B 220 -0.95 -4.56 -27.83
CA THR B 220 -0.63 -3.99 -29.13
C THR B 220 -0.96 -2.49 -29.13
N GLY B 221 -0.83 -1.86 -30.30
CA GLY B 221 -1.07 -0.43 -30.45
C GLY B 221 0.03 0.46 -29.88
N THR B 222 1.26 -0.02 -29.88
CA THR B 222 2.38 0.72 -29.28
C THR B 222 3.66 0.31 -29.99
N TRP B 223 4.82 0.80 -29.49
CA TRP B 223 6.11 0.44 -30.08
C TRP B 223 6.27 -1.08 -30.19
N ASN B 224 6.88 -1.52 -31.29
CA ASN B 224 6.97 -2.95 -31.57
C ASN B 224 8.41 -3.45 -31.74
N LEU B 231 16.09 0.09 -32.17
CA LEU B 231 15.10 1.16 -32.12
C LEU B 231 13.73 0.59 -32.49
N PRO B 232 12.68 0.97 -31.75
CA PRO B 232 11.33 0.46 -32.07
C PRO B 232 10.52 1.41 -32.95
N ILE B 233 9.50 0.87 -33.62
CA ILE B 233 8.67 1.62 -34.56
C ILE B 233 7.21 1.25 -34.32
N PHE B 234 6.31 2.04 -34.92
CA PHE B 234 4.91 1.66 -35.04
C PHE B 234 4.68 0.92 -36.35
N LEU B 235 4.19 -0.31 -36.26
CA LEU B 235 3.59 -0.96 -37.40
C LEU B 235 2.28 -0.23 -37.72
N ASN B 236 1.96 -0.14 -39.02
CA ASN B 236 0.86 0.73 -39.40
C ASN B 236 0.04 0.23 -40.59
N GLY B 237 0.04 -1.09 -40.83
CA GLY B 237 -0.64 -1.71 -41.95
C GLY B 237 0.35 -2.32 -42.93
N ALA B 238 -0.19 -3.07 -43.91
CA ALA B 238 0.74 -3.71 -44.85
C ALA B 238 0.12 -3.78 -46.25
N GLY B 239 1.00 -4.03 -47.23
CA GLY B 239 0.56 -4.09 -48.63
C GLY B 239 -0.15 -2.81 -49.05
N ARG B 240 -1.30 -2.93 -49.70
CA ARG B 240 -2.11 -1.75 -50.02
C ARG B 240 -2.60 -1.00 -48.78
N GLY B 241 -2.62 -1.64 -47.62
CA GLY B 241 -3.06 -1.00 -46.39
C GLY B 241 -1.96 -0.32 -45.61
N ARG B 242 -0.76 -0.24 -46.18
CA ARG B 242 0.31 0.43 -45.46
C ARG B 242 -0.08 1.87 -45.13
N PHE B 243 0.31 2.32 -43.94
CA PHE B 243 0.03 3.65 -43.41
C PHE B 243 -1.43 3.84 -42.99
N SER B 244 -2.29 2.82 -43.06
CA SER B 244 -3.72 3.02 -42.83
C SER B 244 -4.19 2.68 -41.41
N ALA B 245 -3.29 2.23 -40.52
CA ALA B 245 -3.63 1.87 -39.14
C ALA B 245 -2.89 2.82 -38.19
N PHE B 246 -3.64 3.65 -37.47
CA PHE B 246 -3.13 4.72 -36.62
C PHE B 246 -3.36 4.35 -35.15
N ASN B 247 -2.40 4.72 -34.31
CA ASN B 247 -2.43 4.40 -32.88
C ASN B 247 -1.84 5.54 -32.08
N LEU B 248 -2.44 5.82 -30.94
CA LEU B 248 -1.91 6.83 -30.01
C LEU B 248 -1.99 6.27 -28.60
N PRO B 249 -0.94 5.61 -28.14
CA PRO B 249 -0.94 5.10 -26.76
C PRO B 249 -0.56 6.21 -25.78
N LEU B 250 -1.25 6.23 -24.63
CA LEU B 250 -1.09 7.30 -23.66
C LEU B 250 -0.80 6.70 -22.28
N GLU B 251 -0.05 7.44 -21.49
CA GLU B 251 0.29 7.03 -20.13
C GLU B 251 -0.93 7.14 -19.20
N GLU B 252 -0.90 6.40 -18.09
CA GLU B 252 -2.02 6.49 -17.16
C GLU B 252 -2.13 7.89 -16.55
N GLY B 253 -3.35 8.22 -16.09
CA GLY B 253 -3.61 9.44 -15.34
C GLY B 253 -4.12 10.64 -16.13
N ILE B 254 -4.34 10.50 -17.45
CA ILE B 254 -4.69 11.64 -18.30
C ILE B 254 -6.11 12.12 -18.00
N ASN B 255 -6.30 13.45 -18.05
CA ASN B 255 -7.59 14.06 -17.74
C ASN B 255 -8.34 14.45 -19.02
N ASP B 256 -9.55 15.02 -18.83
CA ASP B 256 -10.41 15.36 -19.97
C ASP B 256 -9.69 16.29 -20.94
N LEU B 257 -9.05 17.34 -20.40
CA LEU B 257 -8.44 18.38 -21.23
C LEU B 257 -7.27 17.84 -22.04
N ASP B 258 -6.35 17.14 -21.38
CA ASP B 258 -5.16 16.66 -22.09
C ASP B 258 -5.52 15.58 -23.11
N TRP B 259 -6.50 14.72 -22.80
CA TRP B 259 -6.98 13.72 -23.76
C TRP B 259 -7.66 14.39 -24.94
N SER B 260 -8.44 15.45 -24.66
CA SER B 260 -9.11 16.20 -25.72
C SER B 260 -8.10 16.87 -26.65
N ASN B 261 -7.11 17.54 -26.08
CA ASN B 261 -6.05 18.15 -26.88
C ASN B 261 -5.21 17.10 -27.59
N ALA B 262 -5.03 15.93 -26.99
CA ALA B 262 -4.24 14.89 -27.64
C ALA B 262 -4.90 14.40 -28.92
N ILE B 263 -6.23 14.17 -28.92
CA ILE B 263 -6.84 13.55 -30.10
C ILE B 263 -7.60 14.50 -31.02
N GLY B 264 -7.99 15.68 -30.54
CA GLY B 264 -8.77 16.59 -31.35
C GLY B 264 -8.17 16.97 -32.70
N PRO B 265 -6.93 17.50 -32.71
CA PRO B 265 -6.32 17.86 -34.00
C PRO B 265 -6.06 16.66 -34.92
N ILE B 266 -5.79 15.49 -34.34
CA ILE B 266 -5.61 14.28 -35.14
C ILE B 266 -6.91 13.88 -35.84
N LEU B 267 -8.04 13.97 -35.12
CA LEU B 267 -9.34 13.65 -35.70
C LEU B 267 -9.68 14.58 -36.86
N ASP B 268 -9.58 15.89 -36.64
CA ASP B 268 -9.81 16.87 -37.71
C ASP B 268 -8.90 16.60 -38.92
N SER B 269 -7.63 16.26 -38.69
CA SER B 269 -6.71 16.03 -39.80
C SER B 269 -7.08 14.77 -40.58
N LEU B 270 -7.43 13.70 -39.87
CA LEU B 270 -7.93 12.49 -40.52
C LEU B 270 -9.15 12.81 -41.38
N ASN B 271 -10.09 13.61 -40.88
CA ASN B 271 -11.26 13.96 -41.66
C ASN B 271 -10.87 14.75 -42.90
N ILE B 272 -9.99 15.75 -42.75
CA ILE B 272 -9.59 16.58 -43.87
C ILE B 272 -8.99 15.73 -44.99
N VAL B 273 -8.07 14.84 -44.63
CA VAL B 273 -7.27 14.14 -45.63
C VAL B 273 -8.02 12.95 -46.20
N ILE B 274 -8.66 12.16 -45.35
CA ILE B 274 -9.29 10.91 -45.80
C ILE B 274 -10.67 11.17 -46.41
N GLN B 275 -11.37 12.20 -45.94
CA GLN B 275 -12.72 12.51 -46.41
C GLN B 275 -13.63 11.29 -46.39
N PRO B 276 -13.84 10.67 -45.23
CA PRO B 276 -14.60 9.42 -45.19
C PRO B 276 -16.07 9.62 -45.58
N SER B 277 -16.66 8.54 -46.11
CA SER B 277 -18.09 8.50 -46.40
C SER B 277 -18.91 8.16 -45.16
N TYR B 278 -18.31 7.45 -44.21
CA TYR B 278 -18.91 7.08 -42.96
C TYR B 278 -17.86 7.15 -41.87
N VAL B 279 -18.30 7.44 -40.65
CA VAL B 279 -17.44 7.34 -39.47
C VAL B 279 -18.07 6.29 -38.56
N VAL B 280 -17.24 5.42 -37.98
CA VAL B 280 -17.68 4.46 -36.97
C VAL B 280 -16.87 4.73 -35.71
N VAL B 281 -17.56 5.02 -34.61
CA VAL B 281 -16.92 5.41 -33.35
C VAL B 281 -17.24 4.33 -32.32
N GLN B 282 -16.21 3.75 -31.73
CA GLN B 282 -16.38 2.86 -30.58
C GLN B 282 -16.21 3.74 -29.33
N CYS B 283 -17.19 3.74 -28.44
CA CYS B 283 -17.21 4.71 -27.35
C CYS B 283 -17.19 4.03 -25.98
N GLY B 284 -16.30 3.04 -25.80
CA GLY B 284 -16.16 2.35 -24.53
C GLY B 284 -15.87 3.25 -23.35
N ALA B 285 -16.58 3.03 -22.23
CA ALA B 285 -16.60 3.94 -21.10
C ALA B 285 -15.54 3.63 -20.06
N ASP B 286 -14.57 2.77 -20.36
CA ASP B 286 -13.62 2.41 -19.31
C ASP B 286 -12.49 3.43 -19.14
N CYS B 287 -12.54 4.57 -19.84
CA CYS B 287 -11.63 5.68 -19.54
C CYS B 287 -12.12 6.56 -18.39
N LEU B 288 -13.34 6.36 -17.89
CA LEU B 288 -13.85 7.20 -16.82
C LEU B 288 -13.00 7.05 -15.55
N ALA B 289 -12.84 8.17 -14.84
CA ALA B 289 -12.04 8.14 -13.63
C ALA B 289 -12.58 7.15 -12.61
N THR B 290 -13.87 6.84 -12.67
CA THR B 290 -14.53 5.92 -11.76
C THR B 290 -14.61 4.50 -12.29
N ASP B 291 -14.06 4.22 -13.46
CA ASP B 291 -14.00 2.82 -13.89
C ASP B 291 -13.08 2.05 -12.95
N PRO B 292 -13.42 0.80 -12.60
CA PRO B 292 -12.53 0.05 -11.70
C PRO B 292 -11.15 -0.20 -12.26
N HIS B 293 -10.92 0.00 -13.59
CA HIS B 293 -9.55 -0.05 -14.09
C HIS B 293 -8.67 1.04 -13.46
N ARG B 294 -9.25 2.22 -13.21
CA ARG B 294 -8.56 3.34 -12.55
C ARG B 294 -7.27 3.73 -13.28
N ILE B 295 -7.35 3.90 -14.59
CA ILE B 295 -6.17 4.23 -15.40
C ILE B 295 -6.24 5.66 -15.94
N PHE B 296 -7.30 6.01 -16.65
CA PHE B 296 -7.49 7.39 -17.10
C PHE B 296 -8.42 8.13 -16.13
N ARG B 297 -8.50 9.46 -16.29
CA ARG B 297 -9.39 10.24 -15.44
C ARG B 297 -10.42 11.07 -16.23
N LEU B 298 -11.08 10.46 -17.22
CA LEU B 298 -12.12 11.20 -17.94
C LEU B 298 -13.37 11.32 -17.08
N THR B 299 -14.26 12.25 -17.46
CA THR B 299 -15.55 12.41 -16.79
C THR B 299 -16.65 12.39 -17.82
N ASN B 300 -17.90 12.55 -17.35
CA ASN B 300 -19.05 12.85 -18.18
C ASN B 300 -19.58 14.28 -17.96
N PHE B 301 -18.71 15.20 -17.51
CA PHE B 301 -19.16 16.56 -17.17
C PHE B 301 -19.47 17.40 -18.40
N TYR B 302 -20.48 18.26 -18.29
CA TYR B 302 -20.91 19.10 -19.40
C TYR B 302 -21.27 20.49 -18.88
N PRO B 303 -20.29 21.40 -18.83
CA PRO B 303 -20.47 22.80 -18.40
C PRO B 303 -21.29 23.62 -19.38
N LEU B 317 -14.94 19.92 -19.33
CA LEU B 317 -15.75 19.25 -20.35
C LEU B 317 -15.25 17.84 -20.66
N SER B 318 -16.13 16.86 -20.47
CA SER B 318 -15.88 15.46 -20.81
C SER B 318 -15.11 15.31 -22.11
N GLY B 319 -13.92 14.69 -22.03
CA GLY B 319 -13.20 14.32 -23.25
C GLY B 319 -14.06 13.57 -24.25
N TYR B 320 -14.87 12.64 -23.77
CA TYR B 320 -15.80 11.90 -24.64
C TYR B 320 -16.76 12.84 -25.39
N LEU B 321 -17.38 13.78 -24.67
CA LEU B 321 -18.36 14.64 -25.32
C LEU B 321 -17.67 15.60 -26.29
N TYR B 322 -16.47 16.06 -25.94
CA TYR B 322 -15.70 16.91 -26.83
C TYR B 322 -15.43 16.19 -28.16
N ALA B 323 -14.93 14.95 -28.08
CA ALA B 323 -14.61 14.19 -29.30
C ALA B 323 -15.86 13.84 -30.09
N ILE B 324 -16.96 13.46 -29.43
CA ILE B 324 -18.18 13.14 -30.20
C ILE B 324 -18.73 14.39 -30.87
N LYS B 325 -18.79 15.50 -30.14
CA LYS B 325 -19.22 16.75 -30.75
C LYS B 325 -18.37 17.07 -31.97
N LYS B 326 -17.05 16.89 -31.86
CA LYS B 326 -16.16 17.22 -32.98
C LYS B 326 -16.47 16.34 -34.18
N ILE B 327 -16.60 15.02 -33.96
CA ILE B 327 -16.87 14.10 -35.07
C ILE B 327 -18.20 14.44 -35.73
N LEU B 328 -19.23 14.72 -34.92
CA LEU B 328 -20.53 15.04 -35.52
C LEU B 328 -20.53 16.38 -36.27
N SER B 329 -19.60 17.29 -35.95
CA SER B 329 -19.56 18.58 -36.64
C SER B 329 -19.17 18.42 -38.10
N TRP B 330 -18.58 17.28 -38.47
CA TRP B 330 -18.21 17.00 -39.85
C TRP B 330 -19.40 16.69 -40.73
N LYS B 331 -20.58 16.40 -40.16
CA LYS B 331 -21.80 16.11 -40.92
C LYS B 331 -21.59 14.92 -41.86
N VAL B 332 -20.86 13.91 -41.39
CA VAL B 332 -20.67 12.65 -42.10
C VAL B 332 -21.51 11.59 -41.41
N PRO B 333 -22.25 10.76 -42.14
CA PRO B 333 -23.08 9.73 -41.49
C PRO B 333 -22.23 8.88 -40.55
N THR B 334 -22.70 8.69 -39.31
CA THR B 334 -21.87 8.17 -38.24
C THR B 334 -22.60 7.04 -37.53
N LEU B 335 -21.85 6.01 -37.15
CA LEU B 335 -22.32 4.95 -36.27
C LEU B 335 -21.59 5.09 -34.93
N ILE B 336 -22.36 5.11 -33.84
CA ILE B 336 -21.81 5.24 -32.48
C ILE B 336 -22.09 3.97 -31.70
N LEU B 337 -21.03 3.30 -31.23
CA LEU B 337 -21.11 2.01 -30.57
C LEU B 337 -20.63 2.12 -29.11
N GLY B 338 -21.08 1.18 -28.27
CA GLY B 338 -20.57 1.07 -26.93
C GLY B 338 -19.22 0.37 -26.85
N GLY B 339 -19.07 -0.54 -25.89
CA GLY B 339 -17.85 -1.25 -25.64
C GLY B 339 -17.60 -1.53 -24.16
N GLY B 340 -16.36 -1.34 -23.72
CA GLY B 340 -16.00 -1.53 -22.31
C GLY B 340 -16.70 -0.53 -21.42
N GLY B 341 -16.61 -0.80 -20.12
CA GLY B 341 -17.29 0.02 -19.13
C GLY B 341 -17.82 -0.87 -18.03
N TYR B 342 -17.14 -0.86 -16.88
CA TYR B 342 -17.36 -1.84 -15.83
C TYR B 342 -17.92 -1.22 -14.56
N ASN B 343 -18.14 0.07 -14.54
CA ASN B 343 -18.97 0.74 -13.53
C ASN B 343 -20.31 0.97 -14.24
N PHE B 344 -21.29 0.09 -14.03
CA PHE B 344 -22.50 0.16 -14.87
C PHE B 344 -23.27 1.46 -14.71
N PRO B 345 -23.52 2.00 -13.50
CA PRO B 345 -24.22 3.29 -13.40
C PRO B 345 -23.47 4.45 -14.05
N ASP B 346 -22.15 4.50 -13.89
CA ASP B 346 -21.39 5.60 -14.51
C ASP B 346 -21.29 5.43 -16.02
N THR B 347 -21.29 4.18 -16.51
CA THR B 347 -21.38 3.98 -17.95
C THR B 347 -22.73 4.48 -18.49
N ALA B 348 -23.83 4.16 -17.81
CA ALA B 348 -25.13 4.72 -18.20
C ALA B 348 -25.13 6.25 -18.14
N ARG B 349 -24.51 6.84 -17.11
CA ARG B 349 -24.45 8.29 -16.99
C ARG B 349 -23.73 8.93 -18.17
N LEU B 350 -22.60 8.35 -18.59
CA LEU B 350 -21.87 8.90 -19.73
C LEU B 350 -22.65 8.72 -21.03
N TRP B 351 -23.15 7.51 -21.30
CA TRP B 351 -23.78 7.24 -22.58
C TRP B 351 -25.13 7.95 -22.71
N THR B 352 -25.79 8.24 -21.59
CA THR B 352 -27.00 9.07 -21.66
C THR B 352 -26.68 10.47 -22.15
N ARG B 353 -25.58 11.06 -21.63
CA ARG B 353 -25.15 12.38 -22.10
C ARG B 353 -24.71 12.34 -23.56
N VAL B 354 -23.96 11.31 -23.97
CA VAL B 354 -23.62 11.17 -25.37
C VAL B 354 -24.88 11.13 -26.26
N THR B 355 -25.93 10.43 -25.80
CA THR B 355 -27.16 10.35 -26.60
C THR B 355 -27.81 11.73 -26.73
N ALA B 356 -27.93 12.46 -25.61
CA ALA B 356 -28.48 13.81 -25.63
C ALA B 356 -27.68 14.72 -26.55
N LEU B 357 -26.36 14.66 -26.47
CA LEU B 357 -25.51 15.50 -27.32
C LEU B 357 -25.74 15.19 -28.79
N THR B 358 -25.83 13.90 -29.14
CA THR B 358 -26.06 13.52 -30.52
C THR B 358 -27.38 14.10 -31.02
N ILE B 359 -28.42 14.06 -30.20
CA ILE B 359 -29.69 14.64 -30.60
C ILE B 359 -29.53 16.13 -30.86
N GLU B 360 -28.87 16.83 -29.92
CA GLU B 360 -28.66 18.28 -30.08
C GLU B 360 -27.91 18.61 -31.36
N GLU B 361 -26.78 17.93 -31.60
CA GLU B 361 -25.92 18.26 -32.75
C GLU B 361 -26.58 17.94 -34.08
N VAL B 362 -27.33 16.84 -34.16
CA VAL B 362 -27.89 16.43 -35.44
C VAL B 362 -29.22 17.14 -35.71
N LYS B 363 -30.09 17.24 -34.70
CA LYS B 363 -31.38 17.87 -34.90
C LYS B 363 -31.38 19.37 -34.61
N GLY B 364 -30.30 19.92 -34.06
CA GLY B 364 -30.32 21.34 -33.70
C GLY B 364 -31.33 21.69 -32.64
N LYS B 365 -31.61 20.76 -31.73
CA LYS B 365 -32.73 20.84 -30.80
C LYS B 365 -32.20 20.68 -29.39
N LYS B 366 -32.48 21.65 -28.50
CA LYS B 366 -31.82 21.67 -27.21
C LYS B 366 -32.34 20.55 -26.31
N MET B 367 -31.42 19.81 -25.68
CA MET B 367 -31.75 18.70 -24.78
C MET B 367 -31.24 19.05 -23.39
N THR B 368 -32.14 19.44 -22.49
CA THR B 368 -31.77 19.83 -21.14
C THR B 368 -31.94 18.64 -20.22
N ILE B 369 -30.90 18.30 -19.49
CA ILE B 369 -30.91 17.11 -18.66
C ILE B 369 -30.81 17.52 -17.19
N SER B 370 -31.81 17.15 -16.40
CA SER B 370 -31.78 17.50 -14.98
C SER B 370 -30.57 16.90 -14.28
N PRO B 371 -29.94 17.64 -13.36
CA PRO B 371 -28.81 17.06 -12.59
C PRO B 371 -29.23 15.95 -11.63
N GLU B 372 -30.51 15.86 -11.26
CA GLU B 372 -31.01 14.75 -10.44
C GLU B 372 -31.50 13.61 -11.34
N ILE B 373 -31.09 12.39 -11.02
CA ILE B 373 -31.56 11.18 -11.72
C ILE B 373 -33.08 11.09 -11.60
N PRO B 374 -33.82 10.91 -12.70
CA PRO B 374 -35.28 10.82 -12.60
C PRO B 374 -35.71 9.47 -12.07
N GLU B 375 -36.95 9.43 -11.58
CA GLU B 375 -37.58 8.20 -11.13
C GLU B 375 -37.61 7.17 -12.27
N HIS B 376 -37.17 5.94 -11.97
CA HIS B 376 -37.28 4.80 -12.87
C HIS B 376 -36.85 3.55 -12.08
N SER B 377 -37.03 2.38 -12.69
CA SER B 377 -36.94 1.17 -11.87
C SER B 377 -35.51 0.83 -11.44
N TYR B 378 -34.50 1.44 -12.04
CA TYR B 378 -33.10 1.32 -11.61
C TYR B 378 -32.61 2.58 -10.86
N PHE B 379 -33.51 3.45 -10.39
CA PHE B 379 -33.09 4.67 -9.69
C PHE B 379 -32.14 4.36 -8.53
N SER B 380 -32.42 3.26 -7.81
CA SER B 380 -31.63 2.93 -6.62
C SER B 380 -30.18 2.59 -6.95
N ARG B 381 -29.87 2.24 -8.21
CA ARG B 381 -28.47 1.98 -8.55
C ARG B 381 -27.62 3.25 -8.63
N TYR B 382 -28.20 4.45 -8.58
CA TYR B 382 -27.40 5.68 -8.69
C TYR B 382 -27.10 6.31 -7.34
N GLY B 383 -27.21 5.56 -6.25
CA GLY B 383 -26.92 6.10 -4.92
C GLY B 383 -25.42 6.29 -4.69
N PRO B 384 -25.05 7.05 -3.63
CA PRO B 384 -25.93 7.67 -2.64
C PRO B 384 -26.34 9.10 -2.99
N ASP B 385 -25.79 9.62 -4.09
CA ASP B 385 -26.01 10.99 -4.52
C ASP B 385 -27.20 11.14 -5.46
N PHE B 386 -27.50 10.14 -6.28
CA PHE B 386 -28.59 10.17 -7.26
C PHE B 386 -28.48 11.38 -8.19
N GLU B 387 -27.27 11.69 -8.61
CA GLU B 387 -26.96 12.77 -9.55
C GLU B 387 -26.37 12.23 -10.85
N LEU B 388 -26.48 13.03 -11.92
CA LEU B 388 -26.02 12.60 -13.24
C LEU B 388 -24.49 12.66 -13.42
N ASP B 389 -23.84 13.72 -12.91
CA ASP B 389 -22.37 13.82 -12.93
C ASP B 389 -21.75 12.68 -12.12
N ILE B 390 -20.71 12.05 -12.68
CA ILE B 390 -20.05 11.00 -11.92
C ILE B 390 -19.43 11.60 -10.66
N ASP B 391 -19.22 10.73 -9.67
CA ASP B 391 -18.79 11.16 -8.33
C ASP B 391 -17.27 11.16 -8.27
N TYR B 392 -16.67 12.19 -8.86
CA TYR B 392 -15.24 12.32 -9.00
C TYR B 392 -14.86 13.78 -8.88
N PHE B 393 -13.74 14.05 -8.21
CA PHE B 393 -13.29 15.42 -8.00
C PHE B 393 -11.99 15.67 -8.74
N PRO B 394 -12.03 16.25 -9.94
CA PRO B 394 -10.80 16.43 -10.74
C PRO B 394 -9.78 17.26 -9.99
N HIS B 395 -8.50 16.94 -10.17
CA HIS B 395 -7.44 17.63 -9.43
C HIS B 395 -6.13 17.40 -10.15
N GLU B 396 -5.09 18.13 -9.74
CA GLU B 396 -3.79 17.97 -10.38
C GLU B 396 -2.69 17.74 -9.36
N ASP B 403 5.31 15.53 -20.14
CA ASP B 403 4.17 14.64 -20.38
C ASP B 403 3.50 14.89 -21.74
N SER B 404 4.04 15.83 -22.50
CA SER B 404 3.46 16.19 -23.79
C SER B 404 3.74 15.09 -24.81
N ILE B 405 3.06 15.17 -25.96
CA ILE B 405 3.13 14.14 -26.98
C ILE B 405 3.24 14.80 -28.36
N GLN B 406 3.94 15.94 -28.41
CA GLN B 406 4.10 16.63 -29.68
C GLN B 406 4.81 15.76 -30.72
N LYS B 407 5.71 14.86 -30.30
CA LYS B 407 6.37 14.01 -31.28
C LYS B 407 5.46 12.93 -31.83
N HIS B 408 4.45 12.49 -31.06
CA HIS B 408 3.45 11.58 -31.61
C HIS B 408 2.60 12.26 -32.67
N HIS B 409 2.18 13.50 -32.39
CA HIS B 409 1.49 14.30 -33.39
C HIS B 409 2.30 14.37 -34.67
N ARG B 410 3.62 14.61 -34.53
CA ARG B 410 4.48 14.72 -35.71
C ARG B 410 4.57 13.39 -36.43
N ARG B 411 4.75 12.30 -35.68
CA ARG B 411 4.79 10.97 -36.28
C ARG B 411 3.48 10.62 -36.98
N ILE B 412 2.35 10.93 -36.35
CA ILE B 412 1.05 10.59 -36.93
C ILE B 412 0.78 11.42 -38.18
N LEU B 413 1.05 12.73 -38.14
CA LEU B 413 0.87 13.55 -39.35
C LEU B 413 1.75 13.06 -40.50
N GLU B 414 2.97 12.60 -40.20
CA GLU B 414 3.82 12.04 -41.28
C GLU B 414 3.20 10.76 -41.85
N GLN B 415 2.66 9.89 -40.98
CA GLN B 415 1.96 8.71 -41.47
C GLN B 415 0.79 9.09 -42.36
N LEU B 416 0.05 10.15 -41.98
CA LEU B 416 -1.12 10.55 -42.77
C LEU B 416 -0.71 11.06 -44.15
N ARG B 417 0.43 11.75 -44.22
CA ARG B 417 0.98 12.19 -45.49
C ARG B 417 1.44 11.01 -46.34
N ASN B 418 2.11 10.02 -45.73
CA ASN B 418 2.46 8.80 -46.47
C ASN B 418 1.22 8.07 -46.97
N TYR B 419 0.15 8.03 -46.17
CA TYR B 419 -1.07 7.38 -46.64
C TYR B 419 -1.65 8.10 -47.86
N ALA B 420 -1.72 9.43 -47.80
CA ALA B 420 -2.28 10.20 -48.90
C ALA B 420 -1.48 10.02 -50.19
N ASP B 421 -0.15 9.93 -50.06
CA ASP B 421 0.70 9.74 -51.24
C ASP B 421 0.52 8.35 -51.82
N LEU B 422 0.56 7.32 -50.96
CA LEU B 422 0.36 5.95 -51.43
C LEU B 422 -0.95 5.83 -52.18
N ASN B 423 -1.99 6.49 -51.69
CA ASN B 423 -3.32 6.29 -52.23
C ASN B 423 -3.73 7.39 -53.21
N LYS B 424 -2.79 8.26 -53.61
CA LYS B 424 -3.04 9.32 -54.60
C LYS B 424 -4.18 10.25 -54.15
N LEU B 425 -4.15 10.66 -52.89
CA LEU B 425 -5.15 11.57 -52.36
C LEU B 425 -4.57 12.98 -52.22
N ILE B 426 -5.43 13.98 -52.34
CA ILE B 426 -4.99 15.35 -52.06
C ILE B 426 -4.61 15.46 -50.59
N TYR B 427 -3.38 15.93 -50.33
CA TYR B 427 -2.93 16.29 -48.98
C TYR B 427 -2.94 17.82 -48.88
N ASP B 428 -3.96 18.36 -48.22
CA ASP B 428 -4.13 19.83 -48.12
C ASP B 428 -3.28 20.36 -46.95
N TYR B 429 -1.99 20.57 -47.23
CA TYR B 429 -1.08 21.06 -46.20
C TYR B 429 -1.56 22.37 -45.60
N ASP B 430 -2.09 23.28 -46.42
CA ASP B 430 -2.54 24.58 -45.91
C ASP B 430 -3.64 24.42 -44.87
N GLN B 431 -4.58 23.50 -45.10
CA GLN B 431 -5.68 23.34 -44.17
C GLN B 431 -5.22 22.66 -42.88
N VAL B 432 -4.32 21.69 -42.98
CA VAL B 432 -3.81 21.02 -41.78
C VAL B 432 -2.89 21.98 -41.00
N TYR B 433 -2.00 22.67 -41.70
CA TYR B 433 -1.21 23.71 -41.03
C TYR B 433 -2.09 24.69 -40.26
N GLN B 434 -3.10 25.27 -40.93
CA GLN B 434 -3.94 26.27 -40.27
C GLN B 434 -4.64 25.66 -39.06
N LEU B 435 -5.10 24.42 -39.19
CA LEU B 435 -5.73 23.73 -38.06
C LEU B 435 -4.78 23.64 -36.86
N TYR B 436 -3.54 23.20 -37.10
CA TYR B 436 -2.60 23.05 -36.00
C TYR B 436 -2.09 24.40 -35.49
N ASN B 437 -2.03 25.41 -36.36
CA ASN B 437 -1.53 26.70 -35.90
C ASN B 437 -2.52 27.44 -34.99
N LEU B 438 -3.77 27.00 -34.92
CA LEU B 438 -4.69 27.59 -33.95
C LEU B 438 -4.16 27.47 -32.53
N THR B 439 -3.32 26.46 -32.25
CA THR B 439 -2.71 26.29 -30.94
C THR B 439 -1.20 26.53 -30.96
N GLY B 440 -0.69 27.23 -31.97
CA GLY B 440 0.73 27.49 -32.07
C GLY B 440 1.61 26.32 -32.45
N MET B 441 1.04 25.25 -33.03
CA MET B 441 1.78 24.05 -33.34
C MET B 441 1.86 23.75 -34.84
N GLY B 442 1.63 24.77 -35.68
CA GLY B 442 1.73 24.57 -37.13
C GLY B 442 3.07 24.00 -37.58
N SER B 443 4.13 24.23 -36.80
CA SER B 443 5.44 23.66 -37.14
C SER B 443 5.47 22.13 -37.15
N LEU B 444 4.49 21.46 -36.52
CA LEU B 444 4.51 20.00 -36.49
C LEU B 444 4.06 19.35 -37.80
N VAL B 445 3.47 20.12 -38.72
CA VAL B 445 2.81 19.58 -39.90
C VAL B 445 3.83 19.43 -41.02
N PRO B 446 4.03 18.24 -41.56
CA PRO B 446 4.93 18.08 -42.71
C PRO B 446 4.25 18.52 -44.00
N ARG B 447 5.07 18.87 -45.00
CA ARG B 447 4.54 19.42 -46.24
C ARG B 447 4.20 18.35 -47.29
N SER C 3 10.03 -23.16 45.58
CA SER C 3 8.66 -23.00 45.17
C SER C 3 8.55 -21.89 44.10
N VAL C 4 7.96 -22.21 42.94
CA VAL C 4 7.54 -21.23 41.95
C VAL C 4 6.07 -20.94 42.20
N GLY C 5 5.76 -19.66 42.57
CA GLY C 5 4.38 -19.29 42.79
C GLY C 5 3.75 -18.69 41.55
N ILE C 6 2.42 -18.74 41.49
CA ILE C 6 1.69 -18.08 40.41
C ILE C 6 0.41 -17.52 41.00
N VAL C 7 0.10 -16.26 40.67
CA VAL C 7 -1.09 -15.57 41.20
C VAL C 7 -2.33 -16.01 40.44
N TYR C 8 -3.33 -16.54 41.17
CA TYR C 8 -4.66 -16.71 40.59
C TYR C 8 -5.69 -16.89 41.70
N GLY C 9 -6.95 -16.84 41.28
CA GLY C 9 -8.09 -17.04 42.15
C GLY C 9 -9.34 -16.86 41.30
N ASP C 10 -10.46 -17.34 41.83
CA ASP C 10 -11.71 -17.29 41.08
C ASP C 10 -12.17 -15.85 40.88
N GLN C 11 -12.25 -15.07 41.96
CA GLN C 11 -12.61 -13.66 41.78
C GLN C 11 -11.57 -12.92 40.95
N TYR C 12 -10.29 -13.20 41.20
CA TYR C 12 -9.20 -12.59 40.44
C TYR C 12 -9.38 -12.77 38.94
N ARG C 13 -9.65 -14.00 38.52
CA ARG C 13 -9.86 -14.30 37.11
C ARG C 13 -11.03 -13.50 36.55
N GLN C 14 -12.16 -13.47 37.27
CA GLN C 14 -13.32 -12.73 36.80
C GLN C 14 -12.98 -11.24 36.62
N LEU C 15 -12.29 -10.64 37.61
CA LEU C 15 -11.95 -9.22 37.50
C LEU C 15 -10.94 -8.95 36.39
N CYS C 16 -9.91 -9.82 36.23
CA CYS C 16 -8.94 -9.65 35.15
C CYS C 16 -9.57 -9.78 33.78
N CYS C 17 -10.74 -10.46 33.66
CA CYS C 17 -11.42 -10.62 32.39
C CYS C 17 -12.56 -9.65 32.18
N SER C 18 -12.68 -8.60 33.01
CA SER C 18 -13.85 -7.73 32.98
C SER C 18 -13.62 -6.43 32.20
N SER C 19 -12.43 -6.26 31.53
CA SER C 19 -12.25 -4.97 30.87
C SER C 19 -12.59 -5.06 29.38
N PRO C 20 -13.01 -3.93 28.78
CA PRO C 20 -13.29 -3.93 27.33
C PRO C 20 -12.04 -4.11 26.46
N LYS C 21 -10.88 -3.64 26.91
CA LYS C 21 -9.69 -3.73 26.08
C LYS C 21 -9.07 -5.13 26.12
N PHE C 22 -8.94 -5.75 27.29
CA PHE C 22 -8.21 -7.00 27.33
C PHE C 22 -9.10 -8.24 27.37
N GLY C 23 -10.43 -8.07 27.33
CA GLY C 23 -11.38 -9.18 27.33
C GLY C 23 -10.98 -10.36 28.19
N ASP C 24 -10.98 -11.56 27.61
CA ASP C 24 -10.72 -12.78 28.36
C ASP C 24 -9.27 -13.26 28.22
N ARG C 25 -8.33 -12.36 27.90
CA ARG C 25 -6.97 -12.80 27.64
C ARG C 25 -6.37 -13.56 28.84
N TYR C 26 -6.60 -13.05 30.07
CA TYR C 26 -6.06 -13.71 31.26
C TYR C 26 -6.56 -15.15 31.40
N ALA C 27 -7.84 -15.39 31.07
CA ALA C 27 -8.40 -16.73 31.13
C ALA C 27 -7.76 -17.66 30.11
N LEU C 28 -7.58 -17.19 28.87
CA LEU C 28 -6.87 -18.01 27.90
C LEU C 28 -5.49 -18.39 28.43
N VAL C 29 -4.78 -17.42 29.02
CA VAL C 29 -3.41 -17.67 29.48
C VAL C 29 -3.42 -18.74 30.56
N MET C 30 -4.21 -18.52 31.63
CA MET C 30 -4.23 -19.45 32.76
C MET C 30 -4.76 -20.83 32.35
N ASP C 31 -5.75 -20.90 31.44
CA ASP C 31 -6.28 -22.20 31.05
C ASP C 31 -5.32 -22.97 30.13
N LEU C 32 -4.50 -22.28 29.34
CA LEU C 32 -3.50 -23.00 28.55
C LEU C 32 -2.39 -23.55 29.46
N ILE C 33 -1.97 -22.77 30.46
CA ILE C 33 -1.05 -23.29 31.47
C ILE C 33 -1.66 -24.49 32.18
N ASN C 34 -2.95 -24.41 32.52
CA ASN C 34 -3.64 -25.54 33.13
C ASN C 34 -3.72 -26.74 32.16
N ALA C 35 -4.06 -26.49 30.89
CA ALA C 35 -4.21 -27.60 29.95
C ALA C 35 -2.90 -28.35 29.73
N TYR C 36 -1.75 -27.67 29.83
CA TYR C 36 -0.45 -28.33 29.68
C TYR C 36 0.03 -28.98 30.98
N LYS C 37 -0.85 -29.04 31.99
CA LYS C 37 -0.62 -29.73 33.26
C LYS C 37 0.53 -29.09 34.08
N LEU C 38 0.67 -27.76 34.00
CA LEU C 38 1.70 -27.08 34.79
C LEU C 38 1.21 -26.64 36.18
N ILE C 39 -0.10 -26.53 36.37
CA ILE C 39 -0.63 -26.01 37.62
C ILE C 39 -0.21 -26.83 38.84
N PRO C 40 -0.22 -28.18 38.82
CA PRO C 40 0.29 -28.92 39.98
C PRO C 40 1.76 -28.67 40.33
N GLU C 41 2.59 -28.15 39.41
CA GLU C 41 3.97 -27.80 39.75
C GLU C 41 4.10 -26.49 40.51
N LEU C 42 3.04 -25.69 40.57
CA LEU C 42 3.13 -24.31 40.99
C LEU C 42 2.34 -24.11 42.28
N SER C 43 2.85 -23.23 43.13
CA SER C 43 2.20 -22.81 44.36
C SER C 43 1.25 -21.64 44.06
N ARG C 44 -0.02 -21.78 44.39
CA ARG C 44 -0.96 -20.68 44.19
C ARG C 44 -0.69 -19.56 45.19
N VAL C 45 -0.50 -18.34 44.67
CA VAL C 45 -0.30 -17.15 45.49
C VAL C 45 -1.60 -16.36 45.46
N PRO C 46 -2.34 -16.27 46.57
CA PRO C 46 -3.65 -15.61 46.53
C PRO C 46 -3.48 -14.10 46.55
N PRO C 47 -4.28 -13.37 45.78
CA PRO C 47 -4.20 -11.90 45.81
C PRO C 47 -4.41 -11.36 47.22
N LEU C 48 -3.72 -10.28 47.51
CA LEU C 48 -3.80 -9.64 48.82
C LEU C 48 -5.17 -9.01 49.02
N GLN C 49 -5.75 -9.20 50.19
CA GLN C 49 -6.93 -8.41 50.58
C GLN C 49 -6.63 -7.66 51.87
N TRP C 50 -7.36 -6.57 52.08
CA TRP C 50 -7.12 -5.73 53.25
C TRP C 50 -8.25 -5.86 54.27
N ASP C 51 -7.97 -5.34 55.46
CA ASP C 51 -8.88 -5.41 56.60
C ASP C 51 -9.81 -4.19 56.71
N SER C 52 -9.66 -3.20 55.84
CA SER C 52 -10.51 -2.01 55.90
C SER C 52 -10.25 -1.16 54.65
N PRO C 53 -11.21 -0.32 54.27
CA PRO C 53 -10.95 0.63 53.16
C PRO C 53 -9.77 1.55 53.44
N SER C 54 -9.55 1.96 54.69
CA SER C 54 -8.39 2.80 55.01
C SER C 54 -7.07 2.08 54.76
N ARG C 55 -7.00 0.79 55.06
CA ARG C 55 -5.75 0.08 54.79
C ARG C 55 -5.52 -0.08 53.29
N MET C 56 -6.59 -0.32 52.52
CA MET C 56 -6.44 -0.40 51.07
C MET C 56 -5.95 0.94 50.51
N TYR C 57 -6.54 2.02 50.98
CA TYR C 57 -6.18 3.35 50.51
C TYR C 57 -4.74 3.69 50.86
N GLU C 58 -4.31 3.35 52.07
CA GLU C 58 -2.92 3.57 52.46
C GLU C 58 -1.95 2.82 51.56
N ALA C 59 -2.34 1.60 51.15
CA ALA C 59 -1.48 0.79 50.30
C ALA C 59 -1.35 1.42 48.92
N VAL C 60 -2.47 1.78 48.29
CA VAL C 60 -2.44 2.32 46.92
C VAL C 60 -1.81 3.71 46.90
N THR C 61 -2.06 4.52 47.95
CA THR C 61 -1.46 5.86 47.96
C THR C 61 -0.04 5.86 48.47
N ALA C 62 0.60 4.70 48.63
CA ALA C 62 2.05 4.70 48.75
C ALA C 62 2.70 5.28 47.50
N PHE C 63 2.07 5.08 46.34
CA PHE C 63 2.49 5.71 45.08
C PHE C 63 1.51 6.76 44.57
N HIS C 64 0.23 6.41 44.39
CA HIS C 64 -0.71 7.28 43.70
C HIS C 64 -1.25 8.35 44.66
N SER C 65 -1.69 9.47 44.07
CA SER C 65 -2.25 10.54 44.88
C SER C 65 -3.64 10.15 45.41
N THR C 66 -3.98 10.72 46.57
CA THR C 66 -5.30 10.51 47.15
C THR C 66 -6.40 10.97 46.21
N GLU C 67 -6.22 12.14 45.58
CA GLU C 67 -7.23 12.69 44.66
C GLU C 67 -7.39 11.82 43.43
N TYR C 68 -6.29 11.28 42.89
CA TYR C 68 -6.41 10.39 41.74
C TYR C 68 -7.20 9.13 42.11
N VAL C 69 -6.85 8.50 43.24
CA VAL C 69 -7.57 7.32 43.67
C VAL C 69 -9.05 7.64 43.90
N ASP C 70 -9.31 8.79 44.55
CA ASP C 70 -10.68 9.27 44.73
C ASP C 70 -11.42 9.34 43.39
N ALA C 71 -10.80 9.96 42.39
CA ALA C 71 -11.44 10.12 41.08
C ALA C 71 -11.68 8.75 40.41
N LEU C 72 -10.72 7.83 40.55
CA LEU C 72 -10.88 6.52 39.92
C LEU C 72 -12.05 5.75 40.52
N LYS C 73 -12.22 5.83 41.83
CA LYS C 73 -13.38 5.20 42.47
C LYS C 73 -14.67 5.80 41.94
N LYS C 74 -14.73 7.14 41.86
CA LYS C 74 -15.95 7.82 41.40
C LYS C 74 -16.27 7.43 39.95
N LEU C 75 -15.24 7.33 39.10
CA LEU C 75 -15.47 6.89 37.73
C LEU C 75 -16.22 5.55 37.70
N GLN C 76 -15.79 4.58 38.53
CA GLN C 76 -16.47 3.29 38.58
C GLN C 76 -17.91 3.45 39.02
N MET C 77 -18.11 4.18 40.12
CA MET C 77 -19.46 4.47 40.61
C MET C 77 -20.32 5.07 39.50
N LEU C 78 -19.76 6.05 38.76
CA LEU C 78 -20.52 6.71 37.70
C LEU C 78 -20.95 5.72 36.61
N HIS C 79 -20.04 4.86 36.17
CA HIS C 79 -20.41 3.91 35.12
C HIS C 79 -21.35 2.83 35.62
N CYS C 80 -21.46 2.64 36.93
CA CYS C 80 -22.40 1.65 37.43
C CYS C 80 -23.83 2.18 37.50
N GLU C 81 -24.01 3.48 37.70
CA GLU C 81 -25.32 4.08 37.51
C GLU C 81 -25.60 4.28 36.02
N GLU C 82 -26.89 4.43 35.69
CA GLU C 82 -27.26 4.64 34.30
C GLU C 82 -27.00 6.08 33.87
N LYS C 83 -27.12 7.04 34.78
CA LYS C 83 -27.08 8.45 34.40
C LYS C 83 -25.66 8.85 33.97
N GLU C 84 -25.60 9.89 33.16
CA GLU C 84 -24.37 10.35 32.53
C GLU C 84 -23.75 11.51 33.33
N LEU C 85 -22.54 11.88 32.93
CA LEU C 85 -21.70 12.77 33.74
C LEU C 85 -22.13 14.22 33.59
N THR C 86 -21.94 14.98 34.67
CA THR C 86 -22.03 16.43 34.65
C THR C 86 -20.75 17.02 34.07
N ALA C 87 -20.86 18.30 33.67
CA ALA C 87 -19.70 19.00 33.11
C ALA C 87 -18.56 19.07 34.11
N ASP C 88 -18.88 19.26 35.40
CA ASP C 88 -17.82 19.24 36.40
C ASP C 88 -17.18 17.87 36.54
N ASP C 89 -17.97 16.79 36.49
CA ASP C 89 -17.37 15.47 36.62
C ASP C 89 -16.46 15.17 35.42
N GLU C 90 -16.87 15.58 34.22
CA GLU C 90 -16.05 15.39 33.03
C GLU C 90 -14.70 16.08 33.17
N LEU C 91 -14.70 17.36 33.59
CA LEU C 91 -13.45 18.06 33.80
C LEU C 91 -12.59 17.37 34.86
N LEU C 92 -13.21 16.87 35.94
CA LEU C 92 -12.45 16.12 36.95
C LEU C 92 -11.73 14.92 36.34
N MET C 93 -12.47 14.10 35.56
CA MET C 93 -11.86 12.91 34.96
C MET C 93 -10.79 13.28 33.92
N ASP C 94 -11.04 14.34 33.13
CA ASP C 94 -10.03 14.79 32.16
C ASP C 94 -8.74 15.25 32.86
N SER C 95 -8.85 15.85 34.05
CA SER C 95 -7.63 16.30 34.72
C SER C 95 -6.74 15.14 35.18
N PHE C 96 -7.27 13.90 35.20
CA PHE C 96 -6.49 12.72 35.52
C PHE C 96 -6.27 11.80 34.31
N SER C 97 -6.57 12.29 33.11
CA SER C 97 -6.53 11.52 31.86
C SER C 97 -7.39 10.26 31.93
N LEU C 98 -8.51 10.34 32.64
CA LEU C 98 -9.45 9.23 32.66
C LEU C 98 -10.42 9.40 31.49
N ASN C 99 -9.87 9.21 30.29
CA ASN C 99 -10.58 9.43 29.04
C ASN C 99 -9.82 8.77 27.90
N TYR C 100 -10.38 8.90 26.70
CA TYR C 100 -9.81 8.41 25.43
C TYR C 100 -9.28 6.99 25.53
N ASP C 101 -7.96 6.83 25.69
CA ASP C 101 -7.34 5.50 25.82
C ASP C 101 -7.59 4.85 27.17
N CYS C 102 -8.04 5.60 28.17
CA CYS C 102 -8.27 5.07 29.52
C CYS C 102 -9.69 5.42 29.94
N PRO C 103 -10.68 4.84 29.29
CA PRO C 103 -12.07 5.20 29.60
C PRO C 103 -12.52 4.52 30.88
N GLY C 104 -13.63 5.02 31.41
CA GLY C 104 -14.34 4.31 32.44
C GLY C 104 -15.14 3.16 31.89
N PHE C 105 -15.43 2.22 32.79
CA PHE C 105 -16.32 1.10 32.54
C PHE C 105 -16.75 0.56 33.90
N PRO C 106 -17.82 -0.26 33.95
CA PRO C 106 -18.45 -0.56 35.26
C PRO C 106 -17.50 -1.09 36.33
N SER C 107 -16.40 -1.75 35.96
CA SER C 107 -15.49 -2.34 36.94
C SER C 107 -14.10 -1.70 36.94
N VAL C 108 -13.96 -0.45 36.49
CA VAL C 108 -12.63 0.09 36.20
C VAL C 108 -11.78 0.11 37.47
N PHE C 109 -12.37 0.45 38.62
CA PHE C 109 -11.57 0.50 39.84
C PHE C 109 -11.21 -0.91 40.33
N ASP C 110 -12.23 -1.77 40.52
CA ASP C 110 -11.98 -3.15 40.95
C ASP C 110 -10.99 -3.86 40.04
N TYR C 111 -11.13 -3.68 38.73
CA TYR C 111 -10.22 -4.29 37.76
C TYR C 111 -8.79 -3.83 37.97
N SER C 112 -8.61 -2.51 38.12
CA SER C 112 -7.27 -1.94 38.31
C SER C 112 -6.67 -2.38 39.64
N LEU C 113 -7.48 -2.32 40.71
CA LEU C 113 -7.00 -2.73 42.02
C LEU C 113 -6.56 -4.20 42.08
N ALA C 114 -7.23 -5.07 41.29
CA ALA C 114 -6.93 -6.50 41.34
C ALA C 114 -5.47 -6.76 40.98
N ALA C 115 -4.95 -6.12 39.91
CA ALA C 115 -3.55 -6.33 39.57
C ALA C 115 -2.63 -5.86 40.70
N VAL C 116 -2.99 -4.76 41.36
CA VAL C 116 -2.24 -4.32 42.53
C VAL C 116 -2.25 -5.41 43.60
N GLN C 117 -3.43 -5.99 43.87
CA GLN C 117 -3.53 -7.03 44.91
C GLN C 117 -2.67 -8.24 44.55
N GLY C 118 -2.63 -8.62 43.27
CA GLY C 118 -1.83 -9.77 42.89
C GLY C 118 -0.34 -9.50 42.98
N SER C 119 0.09 -8.33 42.52
CA SER C 119 1.54 -8.09 42.53
C SER C 119 2.06 -7.83 43.95
N LEU C 120 1.27 -7.19 44.80
CA LEU C 120 1.67 -7.07 46.21
C LEU C 120 1.74 -8.42 46.90
N ALA C 121 0.78 -9.32 46.65
CA ALA C 121 0.86 -10.65 47.24
C ALA C 121 2.12 -11.37 46.74
N ALA C 122 2.43 -11.20 45.45
CA ALA C 122 3.61 -11.81 44.86
C ALA C 122 4.88 -11.33 45.55
N ALA C 123 5.01 -10.00 45.72
CA ALA C 123 6.15 -9.45 46.43
C ALA C 123 6.27 -10.03 47.84
N SER C 124 5.17 -10.13 48.60
CA SER C 124 5.23 -10.70 49.95
C SER C 124 5.67 -12.15 49.94
N ALA C 125 5.30 -12.93 48.92
CA ALA C 125 5.72 -14.31 48.89
C ALA C 125 7.25 -14.44 48.69
N LEU C 126 7.87 -13.49 47.97
CA LEU C 126 9.33 -13.50 47.82
C LEU C 126 10.03 -13.09 49.12
N ILE C 127 9.49 -12.06 49.79
CA ILE C 127 10.13 -11.48 50.97
C ILE C 127 10.23 -12.51 52.10
N CYS C 128 9.15 -13.25 52.36
CA CYS C 128 9.14 -14.28 53.40
C CYS C 128 9.74 -15.60 52.91
N ARG C 129 10.26 -15.64 51.69
CA ARG C 129 10.98 -16.79 51.11
C ARG C 129 10.09 -18.03 50.95
N HIS C 130 8.79 -17.82 50.86
CA HIS C 130 7.90 -18.92 50.45
C HIS C 130 8.19 -19.34 49.01
N CYS C 131 8.43 -18.39 48.10
CA CYS C 131 8.69 -18.69 46.69
C CYS C 131 10.04 -18.11 46.28
N GLU C 132 10.76 -18.83 45.43
CA GLU C 132 11.96 -18.27 44.83
C GLU C 132 11.62 -17.36 43.65
N VAL C 133 10.51 -17.65 42.97
CA VAL C 133 10.01 -16.87 41.83
C VAL C 133 8.49 -16.82 41.96
N VAL C 134 7.86 -15.71 41.60
CA VAL C 134 6.40 -15.64 41.54
C VAL C 134 6.00 -15.02 40.19
N ILE C 135 5.07 -15.68 39.49
CA ILE C 135 4.51 -15.18 38.23
C ILE C 135 3.16 -14.51 38.50
N ASN C 136 2.95 -13.30 37.95
CA ASN C 136 1.59 -12.74 37.94
C ASN C 136 1.22 -12.29 36.52
N TRP C 137 0.53 -13.15 35.77
CA TRP C 137 0.13 -12.78 34.41
C TRP C 137 -1.05 -11.80 34.36
N GLY C 138 -1.67 -11.50 35.49
CA GLY C 138 -2.58 -10.39 35.44
C GLY C 138 -1.98 -9.03 35.78
N GLY C 139 -0.67 -8.96 36.03
CA GLY C 139 -0.01 -7.74 36.44
C GLY C 139 0.88 -7.20 35.32
N GLY C 140 1.58 -6.08 35.63
CA GLY C 140 2.53 -5.48 34.68
C GLY C 140 2.11 -4.19 33.99
N TRP C 141 1.33 -3.33 34.67
CA TRP C 141 0.74 -2.15 34.04
C TRP C 141 1.65 -0.93 34.24
N HIS C 142 2.66 -0.83 33.35
CA HIS C 142 3.84 0.00 33.61
C HIS C 142 3.68 1.49 33.29
N HIS C 143 2.63 1.93 32.57
CA HIS C 143 2.51 3.34 32.19
C HIS C 143 1.81 4.21 33.24
N ALA C 144 1.10 3.62 34.21
CA ALA C 144 0.29 4.44 35.13
C ALA C 144 1.19 5.35 35.96
N LYS C 145 0.75 6.60 36.12
CA LYS C 145 1.51 7.61 36.84
C LYS C 145 0.85 7.96 38.18
N ARG C 146 1.59 8.74 38.98
CA ARG C 146 1.12 9.12 40.31
C ARG C 146 -0.30 9.68 40.29
N SER C 147 -0.61 10.55 39.33
CA SER C 147 -1.97 11.09 39.23
C SER C 147 -2.46 11.09 37.80
N GLU C 148 -2.17 10.04 37.03
CA GLU C 148 -2.59 10.02 35.64
C GLU C 148 -2.68 8.58 35.14
N ALA C 149 -3.82 8.23 34.51
CA ALA C 149 -3.90 6.99 33.76
C ALA C 149 -3.26 7.14 32.39
N SER C 150 -2.67 6.05 31.89
CA SER C 150 -1.97 6.13 30.61
C SER C 150 -1.92 4.75 29.98
N GLY C 151 -2.24 4.68 28.70
CA GLY C 151 -1.99 3.47 27.91
C GLY C 151 -2.70 2.25 28.48
N PHE C 152 -3.98 2.44 28.81
N PHE C 152 -3.97 2.42 28.84
CA PHE C 152 -4.86 1.48 29.51
CA PHE C 152 -4.81 1.39 29.45
C PHE C 152 -4.25 0.93 30.79
C PHE C 152 -4.36 1.00 30.86
N CYS C 153 -3.39 1.73 31.44
CA CYS C 153 -2.90 1.45 32.78
C CYS C 153 -3.48 2.49 33.75
N TYR C 154 -4.23 2.05 34.75
CA TYR C 154 -4.87 2.95 35.70
C TYR C 154 -4.16 3.00 37.05
N LEU C 155 -3.71 1.85 37.56
CA LEU C 155 -2.94 1.73 38.79
C LEU C 155 -1.64 1.00 38.48
N ASN C 156 -0.53 1.46 39.06
CA ASN C 156 0.78 0.90 38.70
C ASN C 156 1.16 -0.17 39.74
N ASP C 157 0.78 -1.42 39.44
CA ASP C 157 1.06 -2.53 40.35
C ASP C 157 2.54 -2.77 40.48
N ILE C 158 3.30 -2.51 39.40
CA ILE C 158 4.73 -2.75 39.43
C ILE C 158 5.42 -1.84 40.47
N VAL C 159 5.12 -0.54 40.44
CA VAL C 159 5.73 0.40 41.37
C VAL C 159 5.40 0.00 42.80
N LEU C 160 4.16 -0.41 43.04
CA LEU C 160 3.77 -0.75 44.40
C LEU C 160 4.47 -2.04 44.86
N ALA C 161 4.64 -3.02 43.97
CA ALA C 161 5.34 -4.24 44.35
C ALA C 161 6.81 -3.96 44.61
N ILE C 162 7.46 -3.19 43.74
CA ILE C 162 8.86 -2.82 43.97
C ILE C 162 9.02 -2.05 45.27
N HIS C 163 8.10 -1.13 45.54
CA HIS C 163 8.19 -0.39 46.79
C HIS C 163 8.14 -1.34 47.98
N ARG C 164 7.26 -2.35 47.92
CA ARG C 164 7.24 -3.35 49.01
C ARG C 164 8.57 -4.08 49.11
N LEU C 165 9.18 -4.45 47.97
CA LEU C 165 10.42 -5.23 48.02
C LEU C 165 11.58 -4.40 48.57
N VAL C 166 11.69 -3.15 48.14
CA VAL C 166 12.87 -2.36 48.50
C VAL C 166 12.78 -1.87 49.93
N SER C 167 11.58 -1.90 50.53
CA SER C 167 11.35 -1.55 51.92
C SER C 167 11.56 -2.72 52.89
N SER C 168 11.77 -3.94 52.39
CA SER C 168 11.97 -5.10 53.26
C SER C 168 13.41 -5.12 53.79
N THR C 169 13.65 -6.01 54.76
CA THR C 169 14.97 -6.15 55.36
C THR C 169 15.39 -7.61 55.39
N GLN C 178 20.58 -0.94 51.52
CA GLN C 178 21.40 -2.09 51.15
C GLN C 178 20.62 -3.08 50.26
N THR C 179 19.30 -3.10 50.41
CA THR C 179 18.44 -3.85 49.48
C THR C 179 18.30 -3.05 48.20
N ARG C 180 18.68 -3.64 47.07
CA ARG C 180 18.53 -3.05 45.75
C ARG C 180 17.67 -3.95 44.86
N VAL C 181 16.87 -3.32 43.99
CA VAL C 181 15.99 -4.01 43.05
C VAL C 181 16.41 -3.64 41.63
N LEU C 182 16.56 -4.64 40.78
CA LEU C 182 16.74 -4.44 39.34
C LEU C 182 15.41 -4.70 38.63
N TYR C 183 14.91 -3.66 37.93
CA TYR C 183 13.68 -3.78 37.16
C TYR C 183 14.03 -3.89 35.68
N VAL C 184 13.50 -4.91 35.02
CA VAL C 184 13.78 -5.23 33.61
C VAL C 184 12.48 -5.24 32.83
N ASP C 185 12.37 -4.36 31.83
CA ASP C 185 11.09 -4.14 31.13
C ASP C 185 11.25 -4.58 29.68
N LEU C 186 10.66 -5.73 29.32
CA LEU C 186 10.84 -6.30 27.98
C LEU C 186 9.69 -5.97 27.02
N ASP C 187 8.71 -5.22 27.47
CA ASP C 187 7.58 -4.81 26.65
C ASP C 187 8.07 -4.07 25.40
N LEU C 188 7.30 -4.16 24.30
CA LEU C 188 7.53 -3.32 23.12
C LEU C 188 7.63 -1.83 23.44
N HIS C 189 6.91 -1.36 24.47
CA HIS C 189 6.81 0.05 24.82
C HIS C 189 7.74 0.40 25.98
N HIS C 190 8.22 1.65 25.98
CA HIS C 190 9.03 2.18 27.09
C HIS C 190 8.30 2.07 28.43
N GLY C 191 8.97 1.53 29.45
CA GLY C 191 8.35 1.47 30.77
C GLY C 191 8.45 2.80 31.52
N ASP C 192 7.70 3.81 31.04
CA ASP C 192 7.88 5.19 31.51
C ASP C 192 7.39 5.39 32.94
N GLY C 193 6.27 4.75 33.32
CA GLY C 193 5.71 4.96 34.64
C GLY C 193 6.59 4.43 35.77
N VAL C 194 7.16 3.23 35.60
CA VAL C 194 8.11 2.69 36.58
C VAL C 194 9.36 3.56 36.64
N GLU C 195 9.90 3.93 35.48
CA GLU C 195 11.10 4.75 35.44
C GLU C 195 10.90 6.10 36.13
N GLU C 196 9.76 6.73 35.90
CA GLU C 196 9.46 8.02 36.53
C GLU C 196 9.31 7.90 38.04
N ALA C 197 8.70 6.81 38.52
CA ALA C 197 8.46 6.68 39.96
C ALA C 197 9.76 6.60 40.74
N PHE C 198 10.81 6.00 40.17
CA PHE C 198 12.07 5.79 40.86
C PHE C 198 13.21 6.64 40.28
N TRP C 199 12.87 7.72 39.55
CA TRP C 199 13.86 8.56 38.87
C TRP C 199 14.90 9.13 39.82
N TYR C 200 14.50 9.46 41.05
CA TYR C 200 15.41 9.98 42.08
C TYR C 200 15.93 8.92 43.04
N SER C 201 15.76 7.63 42.75
CA SER C 201 16.12 6.61 43.72
C SER C 201 17.23 5.69 43.21
N PRO C 202 18.40 5.63 43.87
CA PRO C 202 19.45 4.71 43.38
C PRO C 202 19.21 3.25 43.72
N ARG C 203 18.33 2.94 44.64
CA ARG C 203 18.18 1.55 45.05
C ARG C 203 17.22 0.75 44.17
N VAL C 204 16.52 1.40 43.24
CA VAL C 204 15.75 0.72 42.20
C VAL C 204 16.36 1.14 40.88
N VAL C 205 17.08 0.23 40.24
CA VAL C 205 17.65 0.48 38.91
C VAL C 205 16.65 -0.05 37.88
N THR C 206 16.23 0.81 36.96
CA THR C 206 15.27 0.45 35.92
C THR C 206 15.98 0.29 34.58
N PHE C 207 15.61 -0.72 33.81
CA PHE C 207 16.18 -0.95 32.47
C PHE C 207 15.08 -1.38 31.51
N SER C 208 14.78 -0.53 30.52
CA SER C 208 13.74 -0.82 29.54
C SER C 208 14.36 -0.95 28.15
N VAL C 209 14.02 -2.04 27.45
CA VAL C 209 14.31 -2.21 26.03
C VAL C 209 12.98 -2.12 25.28
N HIS C 210 12.96 -1.41 24.14
CA HIS C 210 11.68 -1.05 23.57
C HIS C 210 11.90 -0.54 22.16
N HIS C 211 10.83 -0.47 21.39
CA HIS C 211 10.86 0.38 20.20
C HIS C 211 10.66 1.84 20.58
N ALA C 212 11.34 2.73 19.86
CA ALA C 212 11.02 4.15 19.92
C ALA C 212 11.25 4.77 18.55
N SER C 213 10.39 5.73 18.16
CA SER C 213 10.44 6.44 16.88
C SER C 213 9.50 7.63 16.97
N PRO C 214 9.57 8.60 16.07
CA PRO C 214 8.75 9.82 16.24
C PRO C 214 7.26 9.52 16.20
N GLY C 215 6.55 9.98 17.22
CA GLY C 215 5.11 9.74 17.31
C GLY C 215 4.70 8.40 17.92
N PHE C 216 5.63 7.49 18.21
CA PHE C 216 5.27 6.18 18.75
C PHE C 216 5.09 6.29 20.26
N PHE C 217 3.99 5.74 20.79
CA PHE C 217 3.68 5.80 22.23
C PHE C 217 4.71 5.03 23.09
N PRO C 218 5.10 5.59 24.26
CA PRO C 218 4.67 6.88 24.82
C PRO C 218 5.63 8.06 24.54
N GLY C 219 6.69 7.83 23.77
CA GLY C 219 7.58 8.89 23.33
C GLY C 219 8.91 8.95 24.03
N THR C 220 9.04 8.39 25.21
CA THR C 220 10.23 8.53 26.05
C THR C 220 11.14 7.30 25.88
N GLY C 221 12.18 7.23 26.71
CA GLY C 221 13.18 6.18 26.66
C GLY C 221 14.11 6.28 25.46
N THR C 222 14.35 7.50 24.96
CA THR C 222 15.19 7.67 23.78
C THR C 222 15.93 9.01 23.88
N TRP C 223 16.61 9.41 22.81
CA TRP C 223 17.33 10.69 22.78
C TRP C 223 16.40 11.88 23.11
N ASN C 224 16.91 12.80 23.92
CA ASN C 224 16.07 13.90 24.41
C ASN C 224 16.29 15.26 23.70
N ILE C 233 21.22 13.68 24.00
CA ILE C 233 21.64 12.80 25.10
C ILE C 233 20.49 12.03 25.72
N PHE C 234 20.83 10.94 26.42
CA PHE C 234 19.89 10.22 27.27
C PHE C 234 19.85 10.85 28.66
N LEU C 235 18.67 11.25 29.11
CA LEU C 235 18.49 11.47 30.54
C LEU C 235 18.46 10.11 31.23
N ASN C 236 18.93 10.05 32.50
CA ASN C 236 19.14 8.75 33.12
C ASN C 236 18.93 8.78 34.64
N GLY C 237 18.03 9.65 35.11
CA GLY C 237 17.79 9.84 36.53
C GLY C 237 18.37 11.17 37.00
N ALA C 238 17.99 11.56 38.22
CA ALA C 238 18.45 12.82 38.76
C ALA C 238 18.56 12.72 40.27
N GLY C 239 19.18 13.74 40.88
CA GLY C 239 19.43 13.72 42.30
C GLY C 239 20.31 12.54 42.68
N ARG C 240 19.93 11.87 43.79
CA ARG C 240 20.63 10.65 44.17
C ARG C 240 20.41 9.54 43.14
N GLY C 241 19.40 9.68 42.29
CA GLY C 241 19.11 8.72 41.24
C GLY C 241 19.83 8.91 39.92
N ARG C 242 20.76 9.85 39.81
CA ARG C 242 21.48 10.00 38.54
C ARG C 242 22.15 8.69 38.14
N PHE C 243 22.09 8.35 36.85
CA PHE C 243 22.70 7.16 36.24
C PHE C 243 21.93 5.86 36.55
N SER C 244 20.77 5.93 37.21
CA SER C 244 20.08 4.72 37.67
C SER C 244 18.90 4.32 36.79
N ALA C 245 18.61 5.07 35.72
CA ALA C 245 17.54 4.73 34.78
C ALA C 245 18.20 4.47 33.41
N PHE C 246 18.12 3.22 32.96
CA PHE C 246 18.73 2.76 31.71
C PHE C 246 17.67 2.49 30.65
N ASN C 247 18.05 2.72 29.38
CA ASN C 247 17.14 2.58 28.25
C ASN C 247 17.89 2.09 27.01
N LEU C 248 17.26 1.17 26.27
CA LEU C 248 17.79 0.76 24.97
C LEU C 248 16.65 0.80 23.95
N PRO C 249 16.52 1.89 23.20
CA PRO C 249 15.56 1.93 22.09
C PRO C 249 16.11 1.24 20.85
N LEU C 250 15.24 0.52 20.14
CA LEU C 250 15.64 -0.26 18.99
C LEU C 250 14.72 0.01 17.82
N GLU C 251 15.26 -0.12 16.60
CA GLU C 251 14.48 0.10 15.38
C GLU C 251 13.53 -1.07 15.12
N GLU C 252 12.50 -0.81 14.32
CA GLU C 252 11.56 -1.88 13.99
C GLU C 252 12.23 -3.00 13.20
N GLY C 253 11.69 -4.22 13.35
CA GLY C 253 12.08 -5.37 12.55
C GLY C 253 13.03 -6.36 13.20
N ILE C 254 13.41 -6.14 14.47
CA ILE C 254 14.48 -6.92 15.07
C ILE C 254 14.00 -8.34 15.40
N ASN C 255 14.89 -9.33 15.21
CA ASN C 255 14.51 -10.74 15.38
C ASN C 255 15.03 -11.25 16.73
N ASP C 256 14.72 -12.52 17.02
CA ASP C 256 15.07 -13.13 18.31
C ASP C 256 16.57 -13.01 18.59
N LEU C 257 17.40 -13.38 17.62
CA LEU C 257 18.85 -13.42 17.83
C LEU C 257 19.42 -12.02 18.07
N ASP C 258 19.02 -11.04 17.27
CA ASP C 258 19.58 -9.70 17.44
C ASP C 258 19.11 -9.05 18.74
N TRP C 259 17.84 -9.25 19.11
CA TRP C 259 17.33 -8.75 20.38
C TRP C 259 18.01 -9.42 21.55
N SER C 260 18.21 -10.76 21.46
CA SER C 260 18.96 -11.50 22.47
C SER C 260 20.39 -10.98 22.64
N ASN C 261 21.13 -10.85 21.53
CA ASN C 261 22.47 -10.28 21.58
C ASN C 261 22.49 -8.82 22.04
N ALA C 262 21.40 -8.07 21.80
CA ALA C 262 21.36 -6.67 22.21
C ALA C 262 21.26 -6.53 23.74
N ILE C 263 20.49 -7.36 24.43
CA ILE C 263 20.27 -7.16 25.86
C ILE C 263 21.02 -8.16 26.76
N GLY C 264 21.45 -9.30 26.24
CA GLY C 264 22.13 -10.30 27.05
C GLY C 264 23.31 -9.78 27.86
N PRO C 265 24.28 -9.16 27.18
CA PRO C 265 25.45 -8.67 27.91
C PRO C 265 25.15 -7.49 28.82
N ILE C 266 24.15 -6.67 28.48
CA ILE C 266 23.73 -5.60 29.38
C ILE C 266 23.11 -6.18 30.64
N LEU C 267 22.24 -7.18 30.51
CA LEU C 267 21.61 -7.81 31.66
C LEU C 267 22.66 -8.40 32.61
N ASP C 268 23.62 -9.17 32.07
CA ASP C 268 24.67 -9.78 32.87
C ASP C 268 25.54 -8.71 33.56
N SER C 269 25.80 -7.60 32.86
CA SER C 269 26.59 -6.53 33.46
C SER C 269 25.83 -5.82 34.59
N LEU C 270 24.53 -5.59 34.40
CA LEU C 270 23.73 -5.00 35.47
C LEU C 270 23.77 -5.88 36.72
N ASN C 271 23.61 -7.20 36.55
CA ASN C 271 23.63 -8.10 37.70
C ASN C 271 24.98 -8.08 38.41
N ILE C 272 26.08 -8.02 37.66
CA ILE C 272 27.40 -8.06 38.27
C ILE C 272 27.65 -6.79 39.11
N VAL C 273 27.29 -5.63 38.58
CA VAL C 273 27.61 -4.37 39.25
C VAL C 273 26.60 -4.06 40.36
N ILE C 274 25.32 -4.14 40.06
CA ILE C 274 24.33 -3.77 41.05
C ILE C 274 24.15 -4.84 42.14
N GLN C 275 24.35 -6.11 41.82
CA GLN C 275 24.12 -7.19 42.78
C GLN C 275 22.75 -7.05 43.46
N PRO C 276 21.66 -7.09 42.69
CA PRO C 276 20.33 -6.86 43.29
C PRO C 276 19.89 -7.97 44.24
N SER C 277 19.06 -7.59 45.22
CA SER C 277 18.41 -8.52 46.13
C SER C 277 17.15 -9.12 45.53
N TYR C 278 16.53 -8.43 44.58
CA TYR C 278 15.36 -8.88 43.86
C TYR C 278 15.46 -8.37 42.42
N VAL C 279 14.89 -9.16 41.50
CA VAL C 279 14.72 -8.77 40.10
C VAL C 279 13.22 -8.80 39.80
N VAL C 280 12.71 -7.73 39.19
CA VAL C 280 11.32 -7.65 38.74
C VAL C 280 11.33 -7.51 37.22
N VAL C 281 10.66 -8.42 36.54
CA VAL C 281 10.68 -8.50 35.07
C VAL C 281 9.27 -8.29 34.55
N GLN C 282 9.09 -7.27 33.70
CA GLN C 282 7.84 -7.11 32.96
C GLN C 282 8.02 -7.80 31.60
N CYS C 283 7.09 -8.71 31.26
CA CYS C 283 7.25 -9.57 30.09
CA CYS C 283 7.21 -9.59 30.11
C CYS C 283 6.12 -9.36 29.08
N GLY C 284 5.78 -8.09 28.81
CA GLY C 284 4.79 -7.75 27.79
C GLY C 284 5.03 -8.47 26.48
N ALA C 285 4.01 -9.15 25.94
CA ALA C 285 4.15 -10.02 24.77
C ALA C 285 3.95 -9.30 23.44
N ASP C 286 3.96 -7.96 23.42
CA ASP C 286 3.66 -7.28 22.16
C ASP C 286 4.88 -7.12 21.26
N CYS C 287 6.03 -7.74 21.60
CA CYS C 287 7.17 -7.86 20.68
C CYS C 287 7.05 -9.06 19.74
N LEU C 288 6.04 -9.92 19.92
CA LEU C 288 5.89 -11.07 19.04
C LEU C 288 5.61 -10.62 17.61
N ALA C 289 6.14 -11.38 16.66
CA ALA C 289 6.00 -11.06 15.25
C ALA C 289 4.54 -11.00 14.83
N THR C 290 3.68 -11.75 15.52
CA THR C 290 2.25 -11.83 15.25
C THR C 290 1.41 -10.88 16.08
N ASP C 291 2.02 -10.05 16.91
CA ASP C 291 1.25 -9.01 17.57
C ASP C 291 0.72 -8.03 16.52
N PRO C 292 -0.49 -7.49 16.70
CA PRO C 292 -1.03 -6.56 15.69
C PRO C 292 -0.22 -5.28 15.57
N HIS C 293 0.64 -4.93 16.55
CA HIS C 293 1.55 -3.81 16.35
C HIS C 293 2.49 -4.06 15.17
N ARG C 294 2.89 -5.32 14.95
CA ARG C 294 3.79 -5.67 13.85
C ARG C 294 5.04 -4.79 13.82
N ILE C 295 5.72 -4.67 14.95
CA ILE C 295 6.94 -3.88 15.04
C ILE C 295 8.19 -4.76 15.17
N PHE C 296 8.28 -5.54 16.25
CA PHE C 296 9.41 -6.47 16.36
C PHE C 296 9.02 -7.84 15.79
N ARG C 297 10.02 -8.70 15.58
CA ARG C 297 9.72 -10.04 15.07
C ARG C 297 10.16 -11.14 16.02
N LEU C 298 9.81 -11.05 17.30
CA LEU C 298 10.16 -12.10 18.24
C LEU C 298 9.20 -13.30 18.12
N THR C 299 9.61 -14.46 18.65
CA THR C 299 8.83 -15.69 18.60
C THR C 299 8.71 -16.25 20.02
N ASN C 300 7.93 -17.35 20.15
CA ASN C 300 7.96 -18.23 21.31
C ASN C 300 8.70 -19.55 21.04
N PHE C 301 9.59 -19.61 20.05
CA PHE C 301 10.20 -20.89 19.67
C PHE C 301 11.21 -21.38 20.72
N TYR C 302 11.25 -22.71 20.89
CA TYR C 302 12.14 -23.36 21.85
C TYR C 302 12.72 -24.62 21.21
N PRO C 303 13.87 -24.51 20.56
CA PRO C 303 14.47 -25.64 19.81
C PRO C 303 14.92 -26.76 20.73
N LEU C 317 15.75 -19.66 18.80
CA LEU C 317 15.33 -19.48 20.19
C LEU C 317 14.68 -18.12 20.48
N SER C 318 13.45 -18.15 20.98
CA SER C 318 12.74 -16.98 21.46
C SER C 318 13.61 -16.04 22.28
N GLY C 319 13.75 -14.79 21.82
CA GLY C 319 14.42 -13.78 22.63
C GLY C 319 13.88 -13.70 24.03
N TYR C 320 12.57 -13.83 24.19
CA TYR C 320 11.95 -13.82 25.52
C TYR C 320 12.48 -14.95 26.40
N LEU C 321 12.52 -16.18 25.87
CA LEU C 321 12.95 -17.28 26.71
C LEU C 321 14.44 -17.17 27.00
N TYR C 322 15.22 -16.69 26.03
CA TYR C 322 16.64 -16.45 26.28
C TYR C 322 16.84 -15.51 27.47
N ALA C 323 16.14 -14.37 27.48
CA ALA C 323 16.33 -13.40 28.53
C ALA C 323 15.83 -13.90 29.88
N ILE C 324 14.69 -14.60 29.91
CA ILE C 324 14.20 -15.13 31.19
C ILE C 324 15.16 -16.19 31.73
N LYS C 325 15.65 -17.05 30.86
CA LYS C 325 16.60 -18.08 31.30
C LYS C 325 17.86 -17.45 31.87
N LYS C 326 18.41 -16.45 31.17
CA LYS C 326 19.58 -15.74 31.68
C LYS C 326 19.29 -15.10 33.04
N ILE C 327 18.11 -14.47 33.21
CA ILE C 327 17.82 -13.80 34.47
C ILE C 327 17.69 -14.82 35.60
N LEU C 328 16.98 -15.94 35.35
CA LEU C 328 16.83 -16.96 36.39
C LEU C 328 18.14 -17.63 36.76
N SER C 329 19.11 -17.67 35.82
CA SER C 329 20.40 -18.30 36.09
C SER C 329 21.18 -17.57 37.19
N TRP C 330 20.80 -16.32 37.50
CA TRP C 330 21.46 -15.56 38.55
C TRP C 330 21.07 -16.06 39.95
N LYS C 331 19.97 -16.79 40.07
CA LYS C 331 19.47 -17.33 41.34
C LYS C 331 19.15 -16.20 42.33
N VAL C 332 18.59 -15.11 41.83
CA VAL C 332 18.09 -13.99 42.64
C VAL C 332 16.56 -14.09 42.67
N PRO C 333 15.91 -13.93 43.82
CA PRO C 333 14.44 -14.01 43.86
C PRO C 333 13.80 -13.04 42.86
N THR C 334 12.86 -13.54 42.08
CA THR C 334 12.37 -12.85 40.89
C THR C 334 10.85 -12.80 40.84
N LEU C 335 10.31 -11.65 40.47
CA LEU C 335 8.90 -11.50 40.16
C LEU C 335 8.76 -11.38 38.64
N ILE C 336 7.90 -12.19 38.04
CA ILE C 336 7.67 -12.15 36.59
C ILE C 336 6.25 -11.67 36.31
N LEU C 337 6.12 -10.56 35.56
CA LEU C 337 4.84 -9.91 35.35
C LEU C 337 4.46 -9.98 33.86
N GLY C 338 3.17 -9.84 33.59
CA GLY C 338 2.68 -9.70 32.23
C GLY C 338 2.82 -8.29 31.66
N GLY C 339 1.80 -7.80 30.96
CA GLY C 339 1.89 -6.48 30.32
C GLY C 339 1.10 -6.46 29.01
N GLY C 340 1.68 -5.79 28.03
CA GLY C 340 1.07 -5.70 26.70
C GLY C 340 0.95 -7.05 26.02
N GLY C 341 0.15 -7.08 24.95
CA GLY C 341 -0.02 -8.30 24.17
C GLY C 341 -1.43 -8.45 23.67
N TYR C 342 -1.62 -8.18 22.37
CA TYR C 342 -2.95 -7.96 21.83
C TYR C 342 -3.38 -9.05 20.84
N ASN C 343 -2.55 -10.06 20.62
CA ASN C 343 -2.96 -11.31 19.98
C ASN C 343 -3.13 -12.28 21.14
N PHE C 344 -4.38 -12.50 21.59
CA PHE C 344 -4.54 -13.19 22.88
C PHE C 344 -4.05 -14.64 22.83
N PRO C 345 -4.35 -15.44 21.78
CA PRO C 345 -3.80 -16.80 21.76
C PRO C 345 -2.27 -16.88 21.68
N ASP C 346 -1.61 -15.96 20.95
CA ASP C 346 -0.15 -16.02 20.89
C ASP C 346 0.48 -15.55 22.19
N THR C 347 -0.17 -14.62 22.89
CA THR C 347 0.30 -14.23 24.23
C THR C 347 0.23 -15.42 25.18
N ALA C 348 -0.90 -16.15 25.18
CA ALA C 348 -0.98 -17.39 25.95
C ALA C 348 0.12 -18.40 25.56
N ARG C 349 0.37 -18.57 24.25
CA ARG C 349 1.41 -19.51 23.79
C ARG C 349 2.80 -19.17 24.36
N LEU C 350 3.16 -17.88 24.34
CA LEU C 350 4.44 -17.41 24.87
C LEU C 350 4.52 -17.57 26.39
N TRP C 351 3.51 -17.03 27.10
CA TRP C 351 3.56 -17.04 28.55
C TRP C 351 3.45 -18.45 29.12
N THR C 352 2.85 -19.39 28.35
CA THR C 352 2.85 -20.78 28.80
C THR C 352 4.26 -21.36 28.76
N ARG C 353 5.03 -21.02 27.72
CA ARG C 353 6.41 -21.48 27.65
C ARG C 353 7.28 -20.79 28.68
N VAL C 354 7.07 -19.49 28.92
CA VAL C 354 7.79 -18.82 30.00
C VAL C 354 7.55 -19.54 31.33
N THR C 355 6.29 -19.92 31.59
CA THR C 355 5.99 -20.60 32.85
C THR C 355 6.71 -21.95 32.94
N ALA C 356 6.63 -22.75 31.86
CA ALA C 356 7.31 -24.04 31.84
C ALA C 356 8.80 -23.87 32.02
N LEU C 357 9.38 -22.86 31.35
CA LEU C 357 10.81 -22.59 31.50
C LEU C 357 11.17 -22.23 32.94
N THR C 358 10.34 -21.42 33.60
CA THR C 358 10.62 -21.05 34.98
C THR C 358 10.62 -22.27 35.91
N ILE C 359 9.69 -23.20 35.70
CA ILE C 359 9.66 -24.43 36.49
C ILE C 359 10.95 -25.22 36.30
N GLU C 360 11.38 -25.41 35.05
CA GLU C 360 12.63 -26.13 34.78
C GLU C 360 13.81 -25.48 35.47
N GLU C 361 13.99 -24.17 35.27
CA GLU C 361 15.19 -23.49 35.78
C GLU C 361 15.23 -23.53 37.31
N VAL C 362 14.08 -23.37 37.96
CA VAL C 362 14.05 -23.22 39.41
C VAL C 362 14.06 -24.57 40.12
N LYS C 363 13.18 -25.48 39.69
CA LYS C 363 13.11 -26.81 40.31
C LYS C 363 14.10 -27.80 39.73
N GLY C 364 14.66 -27.54 38.55
CA GLY C 364 15.43 -28.58 37.88
C GLY C 364 14.63 -29.75 37.39
N LYS C 365 13.33 -29.58 37.15
CA LYS C 365 12.47 -30.63 36.62
C LYS C 365 12.19 -30.37 35.15
N LYS C 366 12.44 -31.38 34.30
CA LYS C 366 12.14 -31.25 32.87
C LYS C 366 10.64 -31.07 32.64
N MET C 367 10.27 -30.08 31.83
CA MET C 367 8.88 -29.84 31.45
C MET C 367 8.77 -30.02 29.95
N THR C 368 8.13 -31.09 29.51
CA THR C 368 7.97 -31.36 28.09
C THR C 368 6.58 -30.89 27.67
N ILE C 369 6.55 -30.02 26.67
CA ILE C 369 5.33 -29.39 26.23
C ILE C 369 5.03 -29.92 24.83
N SER C 370 3.91 -30.62 24.68
CA SER C 370 3.54 -31.17 23.39
C SER C 370 3.35 -30.06 22.35
N PRO C 371 3.77 -30.28 21.10
CA PRO C 371 3.56 -29.24 20.07
C PRO C 371 2.10 -29.03 19.68
N GLU C 372 1.21 -30.01 19.93
CA GLU C 372 -0.23 -29.83 19.72
C GLU C 372 -0.90 -29.23 20.96
N ILE C 373 -1.77 -28.25 20.74
CA ILE C 373 -2.53 -27.66 21.86
C ILE C 373 -3.41 -28.75 22.49
N PRO C 374 -3.44 -28.86 23.82
CA PRO C 374 -4.31 -29.86 24.46
C PRO C 374 -5.77 -29.44 24.48
N GLU C 375 -6.63 -30.46 24.62
CA GLU C 375 -8.04 -30.24 24.84
C GLU C 375 -8.27 -29.35 26.06
N HIS C 376 -9.05 -28.30 25.89
CA HIS C 376 -9.53 -27.45 26.97
C HIS C 376 -10.56 -26.53 26.35
N SER C 377 -11.28 -25.80 27.19
CA SER C 377 -12.47 -25.12 26.67
C SER C 377 -12.16 -23.92 25.79
N TYR C 378 -10.90 -23.48 25.68
CA TYR C 378 -10.50 -22.47 24.70
C TYR C 378 -9.71 -23.04 23.52
N PHE C 379 -9.71 -24.37 23.34
CA PHE C 379 -8.95 -25.01 22.27
C PHE C 379 -9.24 -24.35 20.91
N SER C 380 -10.51 -24.03 20.64
CA SER C 380 -10.91 -23.50 19.33
C SER C 380 -10.34 -22.12 19.04
N ARG C 381 -9.86 -21.40 20.06
CA ARG C 381 -9.17 -20.13 19.80
C ARG C 381 -7.79 -20.30 19.18
N TYR C 382 -7.23 -21.52 19.12
CA TYR C 382 -5.86 -21.72 18.65
C TYR C 382 -5.79 -22.22 17.23
N GLY C 383 -6.87 -22.11 16.47
CA GLY C 383 -6.86 -22.52 15.08
C GLY C 383 -6.18 -21.51 14.18
N PRO C 384 -5.99 -21.85 12.90
CA PRO C 384 -6.42 -23.10 12.27
C PRO C 384 -5.44 -24.26 12.42
N ASP C 385 -4.32 -24.00 13.06
CA ASP C 385 -3.25 -24.98 13.24
C ASP C 385 -3.34 -25.75 14.55
N PHE C 386 -3.82 -25.12 15.61
CA PHE C 386 -3.84 -25.73 16.95
C PHE C 386 -2.47 -26.25 17.40
N GLU C 387 -1.42 -25.49 17.12
CA GLU C 387 -0.09 -25.78 17.61
C GLU C 387 0.42 -24.67 18.53
N LEU C 388 1.43 -25.05 19.33
CA LEU C 388 2.00 -24.17 20.34
C LEU C 388 2.93 -23.09 19.75
N ASP C 389 3.75 -23.43 18.74
CA ASP C 389 4.59 -22.42 18.10
C ASP C 389 3.72 -21.39 17.37
N ILE C 390 4.06 -20.09 17.50
CA ILE C 390 3.28 -19.06 16.77
C ILE C 390 3.42 -19.27 15.25
N ASP C 391 2.44 -18.76 14.52
CA ASP C 391 2.34 -19.04 13.07
C ASP C 391 3.11 -17.95 12.34
N TYR C 392 4.44 -18.08 12.35
CA TYR C 392 5.34 -17.07 11.80
C TYR C 392 6.55 -17.77 11.22
N PHE C 393 7.03 -17.28 10.08
CA PHE C 393 8.22 -17.84 9.42
C PHE C 393 9.37 -16.83 9.40
N PRO C 394 10.32 -16.91 10.33
CA PRO C 394 11.39 -15.90 10.39
C PRO C 394 12.26 -15.96 9.15
N HIS C 395 12.73 -14.80 8.70
CA HIS C 395 13.44 -14.74 7.42
C HIS C 395 14.41 -13.59 7.43
N LEU C 402 25.34 -2.52 9.27
CA LEU C 402 25.13 -1.14 9.71
C LEU C 402 24.06 -0.96 10.81
N ASP C 403 23.24 -1.99 11.06
CA ASP C 403 22.19 -1.95 12.09
C ASP C 403 22.69 -2.32 13.48
N SER C 404 24.00 -2.40 13.69
CA SER C 404 24.53 -2.75 15.00
C SER C 404 24.34 -1.60 15.99
N ILE C 405 24.51 -1.94 17.27
CA ILE C 405 24.25 -0.97 18.35
C ILE C 405 25.42 -0.99 19.31
N GLN C 406 26.63 -1.15 18.76
CA GLN C 406 27.80 -1.21 19.62
C GLN C 406 28.02 0.12 20.37
N LYS C 407 27.72 1.27 19.77
CA LYS C 407 27.86 2.49 20.56
C LYS C 407 26.84 2.58 21.70
N HIS C 408 25.68 1.91 21.56
CA HIS C 408 24.73 1.87 22.68
C HIS C 408 25.29 1.06 23.82
N HIS C 409 25.95 -0.07 23.53
CA HIS C 409 26.59 -0.85 24.59
C HIS C 409 27.63 -0.01 25.33
N ARG C 410 28.46 0.71 24.57
CA ARG C 410 29.52 1.50 25.19
C ARG C 410 28.94 2.62 26.02
N ARG C 411 27.85 3.22 25.54
CA ARG C 411 27.20 4.28 26.30
C ARG C 411 26.56 3.73 27.56
N ILE C 412 25.87 2.59 27.45
CA ILE C 412 25.21 2.02 28.62
C ILE C 412 26.25 1.58 29.66
N LEU C 413 27.35 0.95 29.22
CA LEU C 413 28.39 0.55 30.18
C LEU C 413 29.06 1.75 30.84
N GLU C 414 29.26 2.86 30.09
CA GLU C 414 29.75 4.08 30.75
C GLU C 414 28.78 4.56 31.82
N GLN C 415 27.47 4.55 31.52
CA GLN C 415 26.48 4.90 32.54
C GLN C 415 26.60 3.98 33.75
N LEU C 416 26.77 2.67 33.52
CA LEU C 416 26.86 1.75 34.65
C LEU C 416 28.08 2.06 35.53
N ARG C 417 29.20 2.43 34.93
CA ARG C 417 30.39 2.80 35.70
C ARG C 417 30.15 4.09 36.49
N ASN C 418 29.47 5.08 35.87
CA ASN C 418 29.08 6.29 36.60
C ASN C 418 28.15 5.98 37.76
N TYR C 419 27.17 5.07 37.54
CA TYR C 419 26.31 4.66 38.65
C TYR C 419 27.12 4.03 39.77
N ALA C 420 28.11 3.18 39.45
CA ALA C 420 28.90 2.53 40.49
C ALA C 420 29.76 3.54 41.26
N ASP C 421 30.35 4.52 40.55
CA ASP C 421 31.16 5.54 41.21
C ASP C 421 30.34 6.41 42.15
N LEU C 422 29.20 6.91 41.67
CA LEU C 422 28.34 7.74 42.50
C LEU C 422 27.93 7.01 43.79
N ASN C 423 27.66 5.71 43.69
CA ASN C 423 27.06 4.98 44.79
C ASN C 423 28.07 4.20 45.62
N LYS C 424 29.37 4.38 45.35
CA LYS C 424 30.43 3.74 46.12
C LYS C 424 30.32 2.22 46.06
N LEU C 425 30.05 1.70 44.87
CA LEU C 425 29.99 0.26 44.61
C LEU C 425 31.25 -0.20 43.89
N ILE C 426 31.64 -1.45 44.16
CA ILE C 426 32.72 -2.07 43.42
C ILE C 426 32.28 -2.25 41.96
N TYR C 427 33.08 -1.70 41.04
CA TYR C 427 32.92 -1.92 39.60
C TYR C 427 34.02 -2.89 39.16
N ASP C 428 33.64 -4.16 38.94
CA ASP C 428 34.59 -5.23 38.63
C ASP C 428 34.88 -5.23 37.13
N TYR C 429 35.80 -4.35 36.72
CA TYR C 429 36.12 -4.22 35.30
C TYR C 429 36.56 -5.55 34.69
N ASP C 430 37.29 -6.37 35.44
CA ASP C 430 37.78 -7.63 34.90
C ASP C 430 36.64 -8.56 34.52
N GLN C 431 35.65 -8.71 35.42
CA GLN C 431 34.55 -9.62 35.12
C GLN C 431 33.69 -9.11 33.98
N VAL C 432 33.37 -7.80 33.98
CA VAL C 432 32.59 -7.26 32.88
C VAL C 432 33.36 -7.39 31.58
N TYR C 433 34.67 -7.14 31.61
CA TYR C 433 35.48 -7.28 30.40
C TYR C 433 35.39 -8.70 29.86
N GLN C 434 35.60 -9.70 30.72
CA GLN C 434 35.60 -11.09 30.26
C GLN C 434 34.27 -11.44 29.65
N LEU C 435 33.18 -10.96 30.25
CA LEU C 435 31.84 -11.16 29.70
C LEU C 435 31.75 -10.69 28.25
N TYR C 436 32.12 -9.44 28.00
CA TYR C 436 32.04 -8.89 26.66
C TYR C 436 33.10 -9.48 25.74
N ASN C 437 34.23 -9.90 26.30
CA ASN C 437 35.25 -10.51 25.44
C ASN C 437 34.83 -11.88 24.92
N LEU C 438 33.76 -12.47 25.46
CA LEU C 438 33.29 -13.73 24.91
C LEU C 438 32.83 -13.58 23.46
N THR C 439 32.34 -12.40 23.09
CA THR C 439 31.94 -12.09 21.72
C THR C 439 32.95 -11.18 21.00
N GLY C 440 34.16 -11.06 21.54
CA GLY C 440 35.17 -10.20 20.96
C GLY C 440 34.91 -8.71 21.10
N MET C 441 34.05 -8.32 22.04
CA MET C 441 33.70 -6.92 22.23
C MET C 441 34.25 -6.34 23.53
N GLY C 442 35.31 -6.94 24.09
CA GLY C 442 35.86 -6.46 25.36
C GLY C 442 36.30 -5.01 25.33
N SER C 443 36.69 -4.51 24.16
CA SER C 443 37.09 -3.11 24.02
C SER C 443 35.98 -2.11 24.29
N LEU C 444 34.71 -2.54 24.35
CA LEU C 444 33.64 -1.58 24.62
C LEU C 444 33.51 -1.26 26.11
N VAL C 445 34.17 -2.04 26.97
CA VAL C 445 34.03 -1.90 28.43
C VAL C 445 34.97 -0.79 28.92
N PRO C 446 34.48 0.21 29.64
CA PRO C 446 35.36 1.22 30.21
C PRO C 446 36.01 0.73 31.50
N ARG C 447 37.16 1.34 31.83
CA ARG C 447 37.91 0.90 33.02
C ARG C 447 37.44 1.51 34.34
N SER D 3 -17.37 20.65 26.57
CA SER D 3 -16.37 21.47 27.27
C SER D 3 -15.51 22.25 26.28
N VAL D 4 -14.67 23.16 26.78
CA VAL D 4 -13.66 23.81 25.97
C VAL D 4 -12.34 23.07 26.22
N GLY D 5 -11.81 22.42 25.16
CA GLY D 5 -10.55 21.72 25.26
C GLY D 5 -9.35 22.61 24.93
N ILE D 6 -8.18 22.22 25.44
CA ILE D 6 -6.93 22.90 25.10
C ILE D 6 -5.81 21.85 25.06
N VAL D 7 -4.95 21.94 24.05
CA VAL D 7 -3.89 20.94 23.83
C VAL D 7 -2.65 21.34 24.63
N TYR D 8 -2.22 20.46 25.54
CA TYR D 8 -0.93 20.65 26.19
C TYR D 8 -0.50 19.32 26.80
N GLY D 9 0.77 19.29 27.26
CA GLY D 9 1.39 18.12 27.82
C GLY D 9 2.86 18.41 28.06
N ASP D 10 3.50 17.67 28.97
CA ASP D 10 4.91 17.93 29.28
C ASP D 10 5.80 17.70 28.07
N GLN D 11 5.67 16.57 27.37
CA GLN D 11 6.50 16.36 26.20
C GLN D 11 6.17 17.37 25.10
N TYR D 12 4.88 17.63 24.89
CA TYR D 12 4.42 18.60 23.90
C TYR D 12 5.01 19.98 24.18
N ARG D 13 4.99 20.40 25.44
CA ARG D 13 5.59 21.67 25.81
C ARG D 13 7.08 21.72 25.42
N GLN D 14 7.84 20.65 25.71
CA GLN D 14 9.27 20.68 25.43
C GLN D 14 9.54 20.70 23.94
N LEU D 15 8.80 19.90 23.17
CA LEU D 15 8.98 19.94 21.73
C LEU D 15 8.56 21.29 21.14
N CYS D 16 7.43 21.85 21.58
CA CYS D 16 7.01 23.15 21.05
C CYS D 16 7.99 24.27 21.39
N CYS D 17 8.83 24.10 22.40
CA CYS D 17 9.82 25.11 22.77
C CYS D 17 11.23 24.80 22.24
N SER D 18 11.39 23.87 21.30
CA SER D 18 12.72 23.42 20.93
C SER D 18 13.23 24.03 19.62
N SER D 19 12.54 25.00 19.07
CA SER D 19 13.07 25.46 17.80
C SER D 19 13.84 26.77 17.97
N PRO D 20 14.82 27.05 17.10
CA PRO D 20 15.56 28.31 17.25
C PRO D 20 14.71 29.53 16.92
N LYS D 21 13.73 29.39 16.02
CA LYS D 21 12.97 30.57 15.63
C LYS D 21 11.88 30.94 16.65
N PHE D 22 11.14 29.96 17.18
CA PHE D 22 10.05 30.30 18.08
C PHE D 22 10.39 30.17 19.57
N GLY D 23 11.56 29.62 19.89
CA GLY D 23 12.06 29.66 21.26
C GLY D 23 11.05 29.17 22.27
N ASP D 24 10.91 29.92 23.38
CA ASP D 24 10.03 29.56 24.48
C ASP D 24 8.62 30.18 24.39
N ARG D 25 8.20 30.65 23.21
CA ARG D 25 6.91 31.34 23.06
C ARG D 25 5.75 30.51 23.61
N TYR D 26 5.72 29.20 23.30
CA TYR D 26 4.60 28.38 23.71
C TYR D 26 4.50 28.29 25.23
N ALA D 27 5.64 28.27 25.91
CA ALA D 27 5.66 28.24 27.36
C ALA D 27 5.15 29.55 27.97
N LEU D 28 5.50 30.71 27.39
CA LEU D 28 4.90 31.97 27.85
C LEU D 28 3.37 31.95 27.69
N VAL D 29 2.89 31.49 26.54
CA VAL D 29 1.44 31.44 26.29
C VAL D 29 0.73 30.58 27.35
N MET D 30 1.15 29.32 27.51
CA MET D 30 0.45 28.42 28.44
C MET D 30 0.66 28.82 29.93
N ASP D 31 1.82 29.38 30.29
CA ASP D 31 2.00 29.84 31.67
C ASP D 31 1.18 31.10 31.98
N LEU D 32 0.94 32.00 31.00
CA LEU D 32 0.07 33.14 31.29
C LEU D 32 -1.40 32.69 31.44
N ILE D 33 -1.85 31.79 30.58
CA ILE D 33 -3.16 31.14 30.72
C ILE D 33 -3.28 30.47 32.08
N ASN D 34 -2.21 29.79 32.52
CA ASN D 34 -2.19 29.16 33.84
C ASN D 34 -2.16 30.21 34.95
N ALA D 35 -1.30 31.23 34.82
CA ALA D 35 -1.24 32.31 35.81
C ALA D 35 -2.60 32.97 36.01
N TYR D 36 -3.42 33.05 34.97
CA TYR D 36 -4.75 33.65 35.12
C TYR D 36 -5.80 32.66 35.61
N LYS D 37 -5.40 31.44 36.01
CA LYS D 37 -6.31 30.44 36.58
C LYS D 37 -7.35 29.96 35.56
N LEU D 38 -7.01 30.00 34.28
CA LEU D 38 -7.95 29.53 33.28
C LEU D 38 -7.91 28.01 33.13
N ILE D 39 -6.81 27.36 33.54
CA ILE D 39 -6.65 25.92 33.29
C ILE D 39 -7.74 25.07 33.94
N PRO D 40 -8.15 25.29 35.19
CA PRO D 40 -9.23 24.46 35.75
C PRO D 40 -10.57 24.60 35.01
N GLU D 41 -10.77 25.65 34.22
CA GLU D 41 -11.96 25.76 33.38
C GLU D 41 -11.92 24.89 32.12
N LEU D 42 -10.77 24.29 31.79
CA LEU D 42 -10.55 23.72 30.46
C LEU D 42 -10.34 22.22 30.55
N SER D 43 -10.65 21.51 29.46
CA SER D 43 -10.37 20.10 29.32
C SER D 43 -9.02 19.90 28.60
N ARG D 44 -8.04 19.30 29.27
CA ARG D 44 -6.78 18.97 28.58
C ARG D 44 -7.00 17.91 27.49
N VAL D 45 -6.59 18.21 26.27
CA VAL D 45 -6.62 17.32 25.11
C VAL D 45 -5.20 16.83 24.86
N PRO D 46 -4.91 15.54 25.04
CA PRO D 46 -3.53 15.06 24.88
C PRO D 46 -3.20 14.93 23.41
N PRO D 47 -1.96 15.23 23.01
CA PRO D 47 -1.58 15.01 21.61
C PRO D 47 -1.76 13.54 21.20
N LEU D 48 -2.16 13.33 19.95
CA LEU D 48 -2.31 12.00 19.40
C LEU D 48 -0.96 11.29 19.31
N GLN D 49 -0.92 10.02 19.70
CA GLN D 49 0.22 9.15 19.38
C GLN D 49 -0.23 7.91 18.63
N TRP D 50 0.72 7.27 17.94
CA TRP D 50 0.45 6.18 17.02
C TRP D 50 1.04 4.86 17.51
N ASP D 51 0.51 3.78 16.95
CA ASP D 51 0.86 2.43 17.33
C ASP D 51 2.02 1.84 16.53
N SER D 52 2.51 2.55 15.53
CA SER D 52 3.64 2.05 14.74
C SER D 52 4.16 3.19 13.86
N PRO D 53 5.40 3.07 13.38
CA PRO D 53 5.87 3.99 12.33
C PRO D 53 4.97 4.03 11.12
N SER D 54 4.44 2.88 10.69
CA SER D 54 3.56 2.83 9.51
C SER D 54 2.29 3.65 9.71
N ARG D 55 1.70 3.58 10.91
CA ARG D 55 0.48 4.35 11.18
C ARG D 55 0.78 5.86 11.20
N MET D 56 1.92 6.26 11.76
CA MET D 56 2.32 7.67 11.67
C MET D 56 2.47 8.12 10.23
N TYR D 57 3.20 7.33 9.42
CA TYR D 57 3.38 7.69 8.01
C TYR D 57 2.04 7.76 7.28
N GLU D 58 1.12 6.85 7.59
CA GLU D 58 -0.18 6.88 6.93
C GLU D 58 -0.94 8.17 7.25
N ALA D 59 -0.81 8.69 8.49
CA ALA D 59 -1.54 9.90 8.85
C ALA D 59 -0.91 11.12 8.19
N VAL D 60 0.41 11.25 8.27
CA VAL D 60 1.08 12.44 7.73
C VAL D 60 0.99 12.46 6.20
N THR D 61 1.15 11.28 5.55
CA THR D 61 1.12 11.26 4.08
C THR D 61 -0.31 11.27 3.51
N ALA D 62 -1.33 11.51 4.34
CA ALA D 62 -2.63 11.87 3.79
C ALA D 62 -2.57 13.19 3.03
N PHE D 63 -1.57 14.04 3.33
CA PHE D 63 -1.31 15.27 2.59
C PHE D 63 0.09 15.30 2.03
N HIS D 64 1.12 15.04 2.85
CA HIS D 64 2.51 15.20 2.44
C HIS D 64 3.00 13.95 1.69
N SER D 65 3.97 14.14 0.79
CA SER D 65 4.53 13.00 0.06
C SER D 65 5.45 12.19 0.96
N THR D 66 5.52 10.87 0.70
CA THR D 66 6.41 10.02 1.47
C THR D 66 7.87 10.49 1.33
N GLU D 67 8.26 10.93 0.14
CA GLU D 67 9.66 11.34 -0.01
C GLU D 67 9.97 12.60 0.78
N TYR D 68 9.00 13.53 0.90
CA TYR D 68 9.21 14.72 1.73
C TYR D 68 9.34 14.34 3.19
N VAL D 69 8.44 13.49 3.70
CA VAL D 69 8.52 13.06 5.09
C VAL D 69 9.86 12.37 5.36
N ASP D 70 10.31 11.49 4.43
CA ASP D 70 11.62 10.85 4.55
C ASP D 70 12.74 11.90 4.65
N ALA D 71 12.69 12.92 3.79
CA ALA D 71 13.74 13.94 3.77
C ALA D 71 13.76 14.72 5.09
N LEU D 72 12.57 15.08 5.60
CA LEU D 72 12.50 15.83 6.86
C LEU D 72 13.06 15.00 8.04
N LYS D 73 12.76 13.72 8.05
CA LYS D 73 13.28 12.81 9.07
C LYS D 73 14.80 12.67 8.94
N LYS D 74 15.29 12.54 7.72
CA LYS D 74 16.74 12.45 7.52
C LYS D 74 17.44 13.76 7.91
N LEU D 75 16.77 14.91 7.74
CA LEU D 75 17.37 16.18 8.13
C LEU D 75 17.57 16.26 9.65
N GLN D 76 16.61 15.78 10.43
CA GLN D 76 16.79 15.72 11.88
C GLN D 76 17.98 14.84 12.24
N MET D 77 18.02 13.61 11.71
CA MET D 77 19.15 12.73 12.00
C MET D 77 20.49 13.41 11.70
N LEU D 78 20.58 14.12 10.57
CA LEU D 78 21.85 14.74 10.19
C LEU D 78 22.23 15.88 11.15
N HIS D 79 21.24 16.62 11.64
CA HIS D 79 21.56 17.65 12.61
C HIS D 79 21.82 17.10 14.01
N CYS D 80 21.59 15.80 14.25
CA CYS D 80 21.95 15.17 15.52
C CYS D 80 23.32 14.50 15.46
N GLU D 81 24.02 14.59 14.34
CA GLU D 81 25.39 14.11 14.22
C GLU D 81 26.28 15.27 13.77
N GLU D 82 27.44 15.39 14.41
CA GLU D 82 28.27 16.59 14.28
C GLU D 82 28.62 16.90 12.83
N LYS D 83 28.76 15.87 12.00
CA LYS D 83 29.23 16.05 10.63
C LYS D 83 28.34 17.01 9.87
N GLU D 84 28.96 17.76 8.95
CA GLU D 84 28.22 18.66 8.08
C GLU D 84 27.63 17.89 6.89
N LEU D 85 26.69 18.53 6.20
CA LEU D 85 25.99 17.86 5.11
C LEU D 85 26.91 17.67 3.91
N THR D 86 26.82 16.51 3.28
CA THR D 86 27.49 16.32 2.01
C THR D 86 26.77 17.09 0.89
N ALA D 87 27.45 17.22 -0.25
CA ALA D 87 26.85 17.93 -1.38
C ALA D 87 25.57 17.24 -1.86
N ASP D 88 25.56 15.89 -1.88
CA ASP D 88 24.33 15.19 -2.28
C ASP D 88 23.20 15.41 -1.29
N ASP D 89 23.51 15.47 0.02
CA ASP D 89 22.41 15.67 0.96
C ASP D 89 21.90 17.10 0.89
N GLU D 90 22.79 18.07 0.69
CA GLU D 90 22.34 19.45 0.53
C GLU D 90 21.40 19.59 -0.66
N LEU D 91 21.73 18.99 -1.80
CA LEU D 91 20.84 19.03 -2.97
C LEU D 91 19.49 18.39 -2.66
N LEU D 92 19.49 17.22 -2.01
CA LEU D 92 18.24 16.59 -1.59
C LEU D 92 17.37 17.55 -0.78
N MET D 93 17.96 18.18 0.24
CA MET D 93 17.19 19.12 1.07
C MET D 93 16.70 20.32 0.25
N ASP D 94 17.55 20.88 -0.61
CA ASP D 94 17.12 21.97 -1.49
C ASP D 94 15.90 21.61 -2.34
N SER D 95 15.80 20.34 -2.78
CA SER D 95 14.65 20.00 -3.63
C SER D 95 13.32 20.02 -2.88
N PHE D 96 13.35 20.06 -1.54
CA PHE D 96 12.15 20.24 -0.71
C PHE D 96 12.11 21.59 0.01
N SER D 97 12.97 22.56 -0.38
CA SER D 97 13.07 23.88 0.27
C SER D 97 13.36 23.73 1.76
N LEU D 98 14.06 22.67 2.13
CA LEU D 98 14.54 22.53 3.50
C LEU D 98 15.86 23.30 3.59
N ASN D 99 15.73 24.63 3.66
CA ASN D 99 16.89 25.53 3.62
C ASN D 99 16.43 26.95 3.95
N TYR D 100 17.41 27.83 4.11
CA TYR D 100 17.20 29.26 4.32
C TYR D 100 16.20 29.49 5.45
N ASP D 101 14.99 29.95 5.12
CA ASP D 101 13.99 30.20 6.15
C ASP D 101 13.49 28.92 6.83
N CYS D 102 13.74 27.74 6.27
CA CYS D 102 13.29 26.48 6.88
C CYS D 102 14.48 25.56 7.11
N PRO D 103 15.39 25.93 8.01
CA PRO D 103 16.62 25.17 8.18
C PRO D 103 16.39 23.95 9.06
N GLY D 104 17.38 23.05 9.04
CA GLY D 104 17.38 21.95 9.97
C GLY D 104 17.84 22.35 11.36
N PHE D 105 17.49 21.53 12.33
CA PHE D 105 18.00 21.64 13.69
C PHE D 105 17.72 20.32 14.38
N PRO D 106 18.31 20.08 15.56
CA PRO D 106 18.32 18.70 16.10
C PRO D 106 16.95 18.07 16.31
N SER D 107 15.90 18.86 16.54
CA SER D 107 14.58 18.28 16.78
C SER D 107 13.56 18.64 15.69
N VAL D 108 14.01 18.94 14.46
CA VAL D 108 13.12 19.56 13.48
C VAL D 108 11.95 18.63 13.13
N PHE D 109 12.19 17.32 13.04
CA PHE D 109 11.09 16.42 12.70
C PHE D 109 10.15 16.25 13.89
N ASP D 110 10.71 16.01 15.09
CA ASP D 110 9.82 15.81 16.24
C ASP D 110 9.02 17.07 16.54
N TYR D 111 9.65 18.23 16.38
CA TYR D 111 9.00 19.53 16.57
C TYR D 111 7.82 19.71 15.63
N SER D 112 8.04 19.45 14.34
CA SER D 112 6.99 19.59 13.33
C SER D 112 5.86 18.59 13.54
N LEU D 113 6.23 17.32 13.80
CA LEU D 113 5.24 16.28 14.02
C LEU D 113 4.38 16.61 15.24
N ALA D 114 4.96 17.24 16.26
CA ALA D 114 4.21 17.52 17.49
C ALA D 114 2.96 18.34 17.19
N ALA D 115 3.08 19.37 16.34
CA ALA D 115 1.91 20.20 16.02
C ALA D 115 0.81 19.38 15.34
N VAL D 116 1.19 18.47 14.43
CA VAL D 116 0.24 17.57 13.77
C VAL D 116 -0.48 16.71 14.82
N GLN D 117 0.28 16.14 15.76
CA GLN D 117 -0.31 15.33 16.83
C GLN D 117 -1.31 16.16 17.64
N GLY D 118 -0.96 17.41 17.92
CA GLY D 118 -1.89 18.27 18.66
C GLY D 118 -3.17 18.54 17.89
N SER D 119 -3.05 18.92 16.62
CA SER D 119 -4.23 19.40 15.90
C SER D 119 -5.11 18.23 15.42
N LEU D 120 -4.53 17.05 15.19
CA LEU D 120 -5.35 15.85 14.93
C LEU D 120 -6.13 15.42 16.18
N ALA D 121 -5.52 15.44 17.36
CA ALA D 121 -6.27 15.10 18.58
C ALA D 121 -7.39 16.10 18.81
N ALA D 122 -7.13 17.38 18.51
CA ALA D 122 -8.16 18.41 18.62
C ALA D 122 -9.36 18.11 17.72
N ALA D 123 -9.10 17.74 16.46
CA ALA D 123 -10.21 17.42 15.57
C ALA D 123 -10.98 16.20 16.09
N SER D 124 -10.27 15.20 16.60
CA SER D 124 -10.95 14.02 17.13
C SER D 124 -11.87 14.35 18.31
N ALA D 125 -11.41 15.21 19.23
CA ALA D 125 -12.22 15.61 20.39
C ALA D 125 -13.51 16.30 19.95
N LEU D 126 -13.43 17.08 18.87
CA LEU D 126 -14.61 17.69 18.27
C LEU D 126 -15.51 16.65 17.62
N ILE D 127 -14.94 15.67 16.90
CA ILE D 127 -15.74 14.67 16.18
C ILE D 127 -16.51 13.78 17.15
N CYS D 128 -15.87 13.32 18.21
CA CYS D 128 -16.59 12.51 19.19
C CYS D 128 -17.43 13.36 20.13
N ARG D 129 -17.48 14.68 19.91
CA ARG D 129 -18.30 15.61 20.68
C ARG D 129 -17.88 15.67 22.15
N HIS D 130 -16.62 15.34 22.46
CA HIS D 130 -16.14 15.56 23.82
C HIS D 130 -16.00 17.06 24.12
N CYS D 131 -15.63 17.86 23.12
CA CYS D 131 -15.52 19.30 23.28
C CYS D 131 -16.32 20.03 22.19
N GLU D 132 -16.87 21.18 22.56
CA GLU D 132 -17.54 22.06 21.60
C GLU D 132 -16.53 22.90 20.83
N VAL D 133 -15.44 23.27 21.50
CA VAL D 133 -14.34 24.06 20.93
C VAL D 133 -13.06 23.46 21.50
N VAL D 134 -12.01 23.39 20.68
CA VAL D 134 -10.68 22.99 21.14
C VAL D 134 -9.68 24.03 20.65
N ILE D 135 -8.77 24.41 21.53
CA ILE D 135 -7.70 25.36 21.27
C ILE D 135 -6.37 24.63 21.17
N ASN D 136 -5.56 24.94 20.16
CA ASN D 136 -4.19 24.42 20.11
C ASN D 136 -3.21 25.56 19.78
N TRP D 137 -2.60 26.17 20.80
CA TRP D 137 -1.66 27.24 20.55
C TRP D 137 -0.30 26.73 20.07
N GLY D 138 -0.10 25.42 20.01
CA GLY D 138 1.07 24.90 19.36
C GLY D 138 0.92 24.65 17.88
N GLY D 139 -0.28 24.89 17.33
CA GLY D 139 -0.59 24.57 15.95
C GLY D 139 -0.80 25.81 15.09
N GLY D 140 -1.17 25.57 13.83
CA GLY D 140 -1.49 26.65 12.91
C GLY D 140 -0.48 26.95 11.82
N TRP D 141 0.24 25.94 11.33
CA TRP D 141 1.40 26.17 10.44
C TRP D 141 0.94 26.12 8.98
N HIS D 142 0.38 27.24 8.54
CA HIS D 142 -0.46 27.25 7.36
C HIS D 142 0.32 27.30 6.05
N HIS D 143 1.65 27.46 6.06
CA HIS D 143 2.36 27.62 4.80
C HIS D 143 2.93 26.31 4.22
N ALA D 144 3.04 25.24 5.00
CA ALA D 144 3.68 24.03 4.48
C ALA D 144 2.86 23.42 3.34
N LYS D 145 3.57 22.91 2.32
CA LYS D 145 2.98 22.31 1.13
C LYS D 145 3.21 20.81 1.12
N ARG D 146 2.57 20.14 0.16
CA ARG D 146 2.66 18.69 0.07
C ARG D 146 4.11 18.20 0.12
N SER D 147 5.02 18.85 -0.61
CA SER D 147 6.42 18.43 -0.67
C SER D 147 7.37 19.61 -0.50
N GLU D 148 7.04 20.58 0.35
CA GLU D 148 7.88 21.76 0.45
C GLU D 148 7.63 22.43 1.78
N ALA D 149 8.70 22.74 2.52
CA ALA D 149 8.65 23.62 3.67
C ALA D 149 8.59 25.08 3.21
N SER D 150 7.97 25.94 4.03
CA SER D 150 7.82 27.34 3.67
C SER D 150 7.49 28.16 4.91
N GLY D 151 8.10 29.34 5.03
CA GLY D 151 7.74 30.27 6.10
C GLY D 151 7.79 29.67 7.49
N PHE D 152 8.87 28.92 7.78
N PHE D 152 8.82 28.89 7.78
CA PHE D 152 9.10 28.11 9.00
CA PHE D 152 9.02 28.22 9.06
C PHE D 152 7.97 27.13 9.32
C PHE D 152 7.97 27.14 9.33
N CYS D 153 7.17 26.77 8.32
CA CYS D 153 6.20 25.69 8.45
C CYS D 153 6.75 24.47 7.70
N TYR D 154 6.95 23.36 8.43
CA TYR D 154 7.48 22.12 7.86
C TYR D 154 6.40 21.09 7.55
N LEU D 155 5.39 20.96 8.39
CA LEU D 155 4.27 20.06 8.20
C LEU D 155 2.98 20.84 8.45
N ASN D 156 1.96 20.62 7.61
CA ASN D 156 0.74 21.44 7.68
C ASN D 156 -0.27 20.73 8.57
N ASP D 157 -0.22 21.04 9.88
CA ASP D 157 -1.14 20.44 10.85
C ASP D 157 -2.59 20.86 10.59
N ILE D 158 -2.80 22.03 9.99
CA ILE D 158 -4.16 22.49 9.70
C ILE D 158 -4.81 21.63 8.61
N VAL D 159 -4.07 21.38 7.53
CA VAL D 159 -4.61 20.57 6.42
C VAL D 159 -4.98 19.17 6.92
N LEU D 160 -4.09 18.56 7.72
CA LEU D 160 -4.33 17.22 8.24
C LEU D 160 -5.54 17.20 9.20
N ALA D 161 -5.65 18.21 10.07
CA ALA D 161 -6.83 18.28 10.94
C ALA D 161 -8.10 18.42 10.11
N ILE D 162 -8.09 19.32 9.12
CA ILE D 162 -9.29 19.51 8.30
C ILE D 162 -9.64 18.24 7.54
N HIS D 163 -8.63 17.57 6.99
CA HIS D 163 -8.86 16.30 6.33
C HIS D 163 -9.53 15.31 7.28
N ARG D 164 -9.09 15.26 8.54
CA ARG D 164 -9.76 14.37 9.49
C ARG D 164 -11.21 14.81 9.74
N LEU D 165 -11.49 16.12 9.74
CA LEU D 165 -12.87 16.56 9.97
C LEU D 165 -13.79 16.17 8.80
N VAL D 166 -13.37 16.46 7.56
CA VAL D 166 -14.24 16.20 6.40
C VAL D 166 -14.42 14.71 6.17
N SER D 167 -13.51 13.88 6.66
CA SER D 167 -13.57 12.44 6.43
C SER D 167 -14.32 11.68 7.52
N SER D 168 -15.16 12.35 8.30
CA SER D 168 -15.85 11.70 9.41
C SER D 168 -17.35 11.52 9.18
N GLN D 178 -23.60 15.73 4.35
CA GLN D 178 -22.17 15.69 4.06
C GLN D 178 -21.37 16.84 4.73
N THR D 179 -20.21 16.50 5.27
CA THR D 179 -19.45 17.43 6.09
C THR D 179 -18.88 18.58 5.27
N ARG D 180 -19.12 19.82 5.71
CA ARG D 180 -18.50 21.02 5.17
C ARG D 180 -17.68 21.70 6.27
N VAL D 181 -16.49 22.21 5.90
CA VAL D 181 -15.60 22.90 6.82
C VAL D 181 -15.36 24.31 6.28
N LEU D 182 -15.52 25.31 7.14
CA LEU D 182 -15.14 26.68 6.83
C LEU D 182 -13.84 26.98 7.54
N TYR D 183 -12.82 27.36 6.78
CA TYR D 183 -11.52 27.67 7.34
C TYR D 183 -11.33 29.19 7.30
N VAL D 184 -10.97 29.78 8.44
CA VAL D 184 -10.81 31.24 8.58
C VAL D 184 -9.38 31.52 9.04
N ASP D 185 -8.62 32.28 8.24
CA ASP D 185 -7.19 32.53 8.46
C ASP D 185 -6.98 34.03 8.79
N LEU D 186 -6.74 34.34 10.06
CA LEU D 186 -6.60 35.71 10.56
C LEU D 186 -5.14 36.20 10.61
N ASP D 187 -4.18 35.36 10.21
CA ASP D 187 -2.76 35.68 10.24
C ASP D 187 -2.45 36.89 9.33
N LEU D 188 -1.41 37.65 9.68
CA LEU D 188 -0.94 38.72 8.81
C LEU D 188 -0.67 38.23 7.39
N HIS D 189 -0.25 36.97 7.23
CA HIS D 189 0.15 36.40 5.95
C HIS D 189 -0.94 35.54 5.34
N HIS D 190 -0.93 35.47 4.01
CA HIS D 190 -1.91 34.68 3.28
C HIS D 190 -1.76 33.18 3.61
N GLY D 191 -2.89 32.52 3.87
CA GLY D 191 -2.84 31.08 4.13
C GLY D 191 -2.77 30.23 2.87
N ASP D 192 -1.62 30.26 2.18
CA ASP D 192 -1.47 29.61 0.87
C ASP D 192 -1.49 28.09 0.94
N GLY D 193 -0.75 27.50 1.90
CA GLY D 193 -0.67 26.05 1.96
C GLY D 193 -2.03 25.40 2.17
N VAL D 194 -2.84 25.95 3.05
CA VAL D 194 -4.19 25.41 3.27
C VAL D 194 -5.04 25.63 2.01
N GLU D 195 -5.06 26.85 1.49
CA GLU D 195 -5.80 27.17 0.27
C GLU D 195 -5.47 26.21 -0.86
N GLU D 196 -4.18 25.96 -1.06
CA GLU D 196 -3.73 25.07 -2.14
C GLU D 196 -4.21 23.65 -1.93
N ALA D 197 -4.12 23.13 -0.70
CA ALA D 197 -4.50 21.75 -0.44
C ALA D 197 -5.95 21.48 -0.83
N PHE D 198 -6.83 22.48 -0.66
CA PHE D 198 -8.25 22.29 -0.92
C PHE D 198 -8.72 23.07 -2.14
N TRP D 199 -7.79 23.45 -3.03
CA TRP D 199 -8.12 24.20 -4.25
C TRP D 199 -9.19 23.53 -5.11
N TYR D 200 -9.25 22.19 -5.13
CA TYR D 200 -10.24 21.47 -5.94
C TYR D 200 -11.43 20.92 -5.14
N SER D 201 -11.51 21.22 -3.85
N SER D 201 -11.55 21.26 -3.86
CA SER D 201 -12.53 20.68 -2.98
CA SER D 201 -12.53 20.65 -2.96
C SER D 201 -13.58 21.73 -2.68
C SER D 201 -13.60 21.67 -2.57
N PRO D 202 -14.85 21.51 -3.02
CA PRO D 202 -15.90 22.46 -2.60
C PRO D 202 -16.34 22.32 -1.15
N ARG D 203 -16.05 21.22 -0.48
CA ARG D 203 -16.55 21.05 0.89
C ARG D 203 -15.62 21.63 1.95
N VAL D 204 -14.46 22.16 1.56
CA VAL D 204 -13.61 22.92 2.46
C VAL D 204 -13.52 24.33 1.87
N VAL D 205 -14.27 25.27 2.40
CA VAL D 205 -14.19 26.66 1.94
C VAL D 205 -13.13 27.38 2.76
N THR D 206 -12.15 27.99 2.07
CA THR D 206 -11.08 28.71 2.76
C THR D 206 -11.27 30.22 2.61
N PHE D 207 -10.93 30.97 3.67
CA PHE D 207 -11.06 32.42 3.68
C PHE D 207 -9.88 32.97 4.47
N SER D 208 -8.99 33.72 3.78
CA SER D 208 -7.82 34.37 4.39
C SER D 208 -7.94 35.88 4.26
N VAL D 209 -7.72 36.59 5.36
CA VAL D 209 -7.56 38.03 5.37
C VAL D 209 -6.13 38.30 5.81
N HIS D 210 -5.45 39.22 5.14
CA HIS D 210 -3.99 39.31 5.23
C HIS D 210 -3.53 40.61 4.60
N HIS D 211 -2.29 40.99 4.89
CA HIS D 211 -1.64 42.01 4.07
C HIS D 211 -1.12 41.36 2.81
N ALA D 212 -1.20 42.10 1.68
CA ALA D 212 -0.47 41.72 0.48
C ALA D 212 0.07 42.98 -0.19
N SER D 213 1.30 42.90 -0.70
CA SER D 213 1.91 44.01 -1.43
C SER D 213 3.16 43.48 -2.15
N PRO D 214 3.68 44.20 -3.15
CA PRO D 214 4.74 43.62 -4.00
C PRO D 214 5.96 43.25 -3.19
N GLY D 215 6.39 41.99 -3.33
CA GLY D 215 7.53 41.44 -2.62
C GLY D 215 7.25 40.95 -1.21
N PHE D 216 6.02 41.05 -0.72
CA PHE D 216 5.71 40.65 0.66
C PHE D 216 5.32 39.16 0.70
N PHE D 217 5.91 38.42 1.63
CA PHE D 217 5.67 36.96 1.74
C PHE D 217 4.20 36.63 2.03
N PRO D 218 3.63 35.57 1.40
CA PRO D 218 4.29 34.71 0.42
C PRO D 218 4.02 35.13 -1.02
N GLY D 219 3.22 36.17 -1.22
CA GLY D 219 3.01 36.70 -2.55
C GLY D 219 1.63 36.41 -3.11
N THR D 220 0.89 35.49 -2.50
CA THR D 220 -0.40 35.10 -3.05
C THR D 220 -1.55 35.77 -2.29
N GLY D 221 -2.78 35.36 -2.59
CA GLY D 221 -3.96 35.89 -1.94
C GLY D 221 -4.36 37.26 -2.44
N THR D 222 -4.07 37.58 -3.69
CA THR D 222 -4.36 38.91 -4.22
C THR D 222 -4.44 38.83 -5.73
N TRP D 223 -4.56 40.00 -6.38
CA TRP D 223 -4.65 40.08 -7.84
C TRP D 223 -3.48 39.34 -8.47
N ASN D 224 -3.76 38.65 -9.58
CA ASN D 224 -2.83 37.68 -10.13
C ASN D 224 -2.76 37.84 -11.64
N MET D 225 -1.54 37.82 -12.17
CA MET D 225 -1.33 38.02 -13.60
C MET D 225 -1.64 36.79 -14.45
N LEU D 231 -5.47 42.17 -17.91
CA LEU D 231 -5.65 42.62 -16.52
C LEU D 231 -5.56 41.46 -15.54
N PRO D 232 -5.11 41.73 -14.32
CA PRO D 232 -5.08 40.68 -13.29
C PRO D 232 -6.46 40.44 -12.71
N ILE D 233 -6.67 39.22 -12.22
CA ILE D 233 -7.92 38.82 -11.62
C ILE D 233 -7.62 38.10 -10.30
N PHE D 234 -8.69 37.75 -9.58
CA PHE D 234 -8.56 36.86 -8.43
C PHE D 234 -8.86 35.44 -8.85
N LEU D 235 -7.89 34.55 -8.71
CA LEU D 235 -8.15 33.12 -8.80
C LEU D 235 -8.84 32.66 -7.52
N ASN D 236 -9.69 31.63 -7.64
CA ASN D 236 -10.55 31.29 -6.50
C ASN D 236 -10.91 29.80 -6.41
N GLY D 237 -10.06 28.92 -6.92
CA GLY D 237 -10.35 27.50 -6.94
C GLY D 237 -10.47 26.99 -8.38
N ALA D 238 -10.57 25.67 -8.50
CA ALA D 238 -10.62 25.05 -9.83
C ALA D 238 -11.41 23.75 -9.76
N GLY D 239 -11.82 23.26 -10.93
CA GLY D 239 -12.59 22.01 -10.98
C GLY D 239 -13.91 22.19 -10.25
N ARG D 240 -14.28 21.17 -9.47
CA ARG D 240 -15.45 21.33 -8.63
C ARG D 240 -15.23 22.32 -7.48
N GLY D 241 -13.98 22.71 -7.20
CA GLY D 241 -13.62 23.69 -6.20
C GLY D 241 -13.67 25.15 -6.65
N ARG D 242 -14.11 25.41 -7.88
CA ARG D 242 -14.24 26.80 -8.33
C ARG D 242 -15.09 27.63 -7.37
N PHE D 243 -14.63 28.84 -7.10
CA PHE D 243 -15.25 29.85 -6.24
C PHE D 243 -15.17 29.52 -4.76
N SER D 244 -14.46 28.45 -4.37
CA SER D 244 -14.41 28.02 -2.97
C SER D 244 -13.20 28.52 -2.18
N ALA D 245 -12.29 29.28 -2.80
CA ALA D 245 -11.17 29.91 -2.08
C ALA D 245 -11.36 31.42 -2.08
N PHE D 246 -11.49 32.01 -0.88
CA PHE D 246 -11.79 33.43 -0.67
C PHE D 246 -10.59 34.16 -0.08
N ASN D 247 -10.38 35.39 -0.52
CA ASN D 247 -9.24 36.20 -0.07
C ASN D 247 -9.64 37.65 0.05
N LEU D 248 -9.19 38.28 1.15
CA LEU D 248 -9.29 39.73 1.35
C LEU D 248 -7.92 40.34 1.68
N PRO D 249 -7.22 40.90 0.69
CA PRO D 249 -5.95 41.58 0.98
C PRO D 249 -6.20 43.03 1.40
N LEU D 250 -5.40 43.51 2.36
CA LEU D 250 -5.57 44.84 2.93
C LEU D 250 -4.24 45.57 2.99
N GLU D 251 -4.31 46.91 2.86
CA GLU D 251 -3.13 47.76 2.93
C GLU D 251 -2.57 47.86 4.35
N GLU D 252 -1.31 48.25 4.47
CA GLU D 252 -0.72 48.42 5.79
C GLU D 252 -1.40 49.55 6.57
N GLY D 253 -1.29 49.46 7.90
CA GLY D 253 -1.79 50.49 8.78
C GLY D 253 -3.20 50.28 9.30
N ILE D 254 -3.88 49.18 8.97
CA ILE D 254 -5.29 49.07 9.33
C ILE D 254 -5.44 48.82 10.82
N ASN D 255 -6.47 49.45 11.43
CA ASN D 255 -6.71 49.38 12.87
C ASN D 255 -7.87 48.42 13.18
N ASP D 256 -8.21 48.30 14.47
CA ASP D 256 -9.18 47.29 14.91
C ASP D 256 -10.55 47.49 14.23
N LEU D 257 -11.07 48.72 14.26
CA LEU D 257 -12.43 48.95 13.75
C LEU D 257 -12.52 48.75 12.24
N ASP D 258 -11.53 49.20 11.48
CA ASP D 258 -11.62 49.02 10.03
C ASP D 258 -11.41 47.57 9.65
N TRP D 259 -10.52 46.87 10.35
CA TRP D 259 -10.35 45.44 10.06
C TRP D 259 -11.60 44.65 10.44
N SER D 260 -12.25 45.03 11.55
CA SER D 260 -13.50 44.39 11.96
C SER D 260 -14.62 44.62 10.95
N ASN D 261 -14.82 45.87 10.51
CA ASN D 261 -15.85 46.16 9.53
C ASN D 261 -15.54 45.51 8.19
N ALA D 262 -14.26 45.33 7.87
CA ALA D 262 -13.88 44.66 6.62
C ALA D 262 -14.21 43.17 6.65
N ILE D 263 -14.01 42.52 7.79
CA ILE D 263 -14.14 41.06 7.86
C ILE D 263 -15.53 40.61 8.31
N GLY D 264 -16.20 41.42 9.12
CA GLY D 264 -17.41 40.99 9.81
C GLY D 264 -18.56 40.51 8.92
N PRO D 265 -18.97 41.33 7.93
CA PRO D 265 -20.03 40.88 7.00
C PRO D 265 -19.66 39.64 6.19
N ILE D 266 -18.40 39.52 5.76
CA ILE D 266 -17.98 38.33 5.00
C ILE D 266 -18.14 37.07 5.85
N LEU D 267 -17.68 37.14 7.11
CA LEU D 267 -17.80 35.98 8.01
C LEU D 267 -19.25 35.56 8.13
N ASP D 268 -20.14 36.53 8.32
CA ASP D 268 -21.56 36.20 8.52
C ASP D 268 -22.17 35.65 7.24
N SER D 269 -21.81 36.18 6.07
N SER D 269 -21.82 36.20 6.07
CA SER D 269 -22.36 35.65 4.83
CA SER D 269 -22.33 35.67 4.81
C SER D 269 -21.86 34.23 4.55
C SER D 269 -21.88 34.22 4.59
N LEU D 270 -20.60 33.93 4.88
CA LEU D 270 -20.08 32.58 4.65
C LEU D 270 -20.83 31.57 5.49
N ASN D 271 -21.02 31.89 6.79
CA ASN D 271 -21.78 31.00 7.66
C ASN D 271 -23.20 30.78 7.15
N ILE D 272 -23.87 31.85 6.71
CA ILE D 272 -25.25 31.72 6.24
C ILE D 272 -25.32 30.77 5.04
N VAL D 273 -24.49 31.02 4.02
CA VAL D 273 -24.59 30.27 2.77
C VAL D 273 -23.97 28.86 2.91
N ILE D 274 -22.81 28.74 3.55
CA ILE D 274 -22.13 27.44 3.60
C ILE D 274 -22.77 26.51 4.63
N GLN D 275 -23.23 27.05 5.76
CA GLN D 275 -23.71 26.27 6.88
C GLN D 275 -22.71 25.18 7.26
N PRO D 276 -21.49 25.54 7.65
CA PRO D 276 -20.46 24.53 7.88
C PRO D 276 -20.77 23.61 9.05
N SER D 277 -20.24 22.39 8.97
CA SER D 277 -20.33 21.47 10.11
C SER D 277 -19.23 21.74 11.14
N TYR D 278 -18.10 22.30 10.70
CA TYR D 278 -17.01 22.72 11.60
C TYR D 278 -16.43 24.02 11.08
N VAL D 279 -15.87 24.81 12.00
CA VAL D 279 -15.08 25.99 11.66
C VAL D 279 -13.65 25.76 12.18
N VAL D 280 -12.65 26.02 11.33
CA VAL D 280 -11.26 26.02 11.77
C VAL D 280 -10.74 27.44 11.64
N VAL D 281 -10.21 28.00 12.73
CA VAL D 281 -9.69 29.37 12.77
C VAL D 281 -8.19 29.34 13.00
N GLN D 282 -7.43 30.01 12.13
CA GLN D 282 -6.03 30.29 12.39
C GLN D 282 -5.93 31.71 12.94
N CYS D 283 -5.30 31.87 14.10
CA CYS D 283 -5.29 33.12 14.86
CA CYS D 283 -5.29 33.11 14.87
C CYS D 283 -3.86 33.63 15.06
N GLY D 284 -3.04 33.57 14.00
CA GLY D 284 -1.71 34.11 14.08
C GLY D 284 -1.74 35.55 14.58
N ALA D 285 -0.84 35.88 15.50
CA ALA D 285 -0.86 37.15 16.22
C ALA D 285 0.04 38.21 15.59
N ASP D 286 0.55 37.98 14.38
CA ASP D 286 1.47 38.97 13.84
C ASP D 286 0.77 40.19 13.27
N CYS D 287 -0.56 40.28 13.36
CA CYS D 287 -1.25 41.53 13.05
C CYS D 287 -1.21 42.55 14.18
N LEU D 288 -0.72 42.19 15.36
CA LEU D 288 -0.73 43.17 16.45
C LEU D 288 0.13 44.38 16.11
N ALA D 289 -0.30 45.57 16.58
CA ALA D 289 0.48 46.80 16.33
C ALA D 289 1.91 46.68 16.83
N THR D 290 2.13 45.86 17.86
CA THR D 290 3.45 45.71 18.47
C THR D 290 4.23 44.50 17.95
N ASP D 291 3.72 43.79 16.96
CA ASP D 291 4.53 42.78 16.31
C ASP D 291 5.69 43.47 15.58
N PRO D 292 6.89 42.86 15.55
CA PRO D 292 8.00 43.47 14.81
C PRO D 292 7.73 43.66 13.32
N HIS D 293 6.81 42.88 12.72
CA HIS D 293 6.48 43.19 11.32
C HIS D 293 6.03 44.63 11.18
N ARG D 294 5.23 45.12 12.15
CA ARG D 294 4.76 46.51 12.21
C ARG D 294 3.97 46.90 10.97
N ILE D 295 3.01 46.07 10.58
CA ILE D 295 2.23 46.28 9.37
C ILE D 295 0.77 46.64 9.68
N PHE D 296 0.07 45.80 10.45
CA PHE D 296 -1.28 46.13 10.88
C PHE D 296 -1.23 46.74 12.28
N ARG D 297 -2.35 47.33 12.70
CA ARG D 297 -2.46 47.99 14.00
C ARG D 297 -3.54 47.36 14.89
N LEU D 298 -3.69 46.04 14.85
CA LEU D 298 -4.66 45.42 15.75
C LEU D 298 -4.14 45.38 17.20
N THR D 299 -5.06 45.18 18.13
CA THR D 299 -4.74 45.16 19.57
C THR D 299 -5.33 43.90 20.20
N ASN D 300 -5.10 43.74 21.51
CA ASN D 300 -5.86 42.78 22.31
C ASN D 300 -6.84 43.47 23.26
N PHE D 301 -7.29 44.70 22.95
CA PHE D 301 -8.08 45.47 23.92
C PHE D 301 -9.48 44.87 24.06
N TYR D 302 -9.98 44.84 25.29
CA TYR D 302 -11.30 44.26 25.56
C TYR D 302 -12.03 45.16 26.54
N PRO D 303 -12.80 46.13 26.04
CA PRO D 303 -13.37 47.16 26.93
C PRO D 303 -14.34 46.58 27.95
N ASN D 304 -14.23 47.05 29.20
CA ASN D 304 -15.06 46.57 30.30
C ASN D 304 -16.41 47.31 30.34
N SER D 316 -11.10 50.96 21.61
CA SER D 316 -11.59 50.03 20.60
C SER D 316 -11.63 48.57 21.11
N LEU D 317 -12.39 47.73 20.43
CA LEU D 317 -12.40 46.29 20.68
C LEU D 317 -11.41 45.60 19.74
N SER D 318 -10.57 44.73 20.27
CA SER D 318 -9.63 43.95 19.45
C SER D 318 -10.30 43.33 18.23
N GLY D 319 -9.71 43.53 17.04
CA GLY D 319 -10.21 42.86 15.86
C GLY D 319 -10.28 41.34 16.02
N TYR D 320 -9.25 40.76 16.63
CA TYR D 320 -9.24 39.32 16.91
C TYR D 320 -10.42 38.90 17.79
N LEU D 321 -10.65 39.60 18.89
CA LEU D 321 -11.73 39.19 19.80
C LEU D 321 -13.10 39.40 19.15
N TYR D 322 -13.25 40.49 18.39
CA TYR D 322 -14.46 40.69 17.61
C TYR D 322 -14.75 39.49 16.70
N ALA D 323 -13.73 39.03 15.97
CA ALA D 323 -13.91 37.94 15.01
C ALA D 323 -14.23 36.63 15.71
N ILE D 324 -13.48 36.31 16.77
CA ILE D 324 -13.68 35.03 17.45
C ILE D 324 -15.05 34.98 18.10
N LYS D 325 -15.48 36.09 18.71
CA LYS D 325 -16.79 36.11 19.32
C LYS D 325 -17.89 35.91 18.29
N LYS D 326 -17.74 36.55 17.12
CA LYS D 326 -18.68 36.36 16.02
C LYS D 326 -18.71 34.90 15.59
N ILE D 327 -17.55 34.29 15.40
CA ILE D 327 -17.51 32.90 14.93
C ILE D 327 -18.15 31.97 15.97
N LEU D 328 -17.88 32.20 17.25
CA LEU D 328 -18.45 31.35 18.30
C LEU D 328 -19.94 31.58 18.48
N SER D 329 -20.47 32.77 18.13
CA SER D 329 -21.91 32.99 18.24
C SER D 329 -22.71 32.06 17.33
N TRP D 330 -22.05 31.50 16.30
CA TRP D 330 -22.74 30.58 15.40
C TRP D 330 -23.03 29.23 16.06
N LYS D 331 -22.32 28.89 17.13
CA LYS D 331 -22.53 27.61 17.84
C LYS D 331 -22.24 26.42 16.93
N VAL D 332 -21.18 26.52 16.14
CA VAL D 332 -20.69 25.41 15.33
C VAL D 332 -19.41 24.88 15.99
N PRO D 333 -19.22 23.56 16.10
CA PRO D 333 -17.96 23.03 16.65
C PRO D 333 -16.72 23.63 15.98
N THR D 334 -15.80 24.19 16.80
CA THR D 334 -14.74 25.05 16.29
C THR D 334 -13.35 24.68 16.82
N LEU D 335 -12.36 24.74 15.94
CA LEU D 335 -10.96 24.51 16.30
C LEU D 335 -10.23 25.84 16.18
N ILE D 336 -9.58 26.28 17.28
CA ILE D 336 -8.84 27.54 17.28
C ILE D 336 -7.34 27.25 17.36
N LEU D 337 -6.59 27.71 16.35
CA LEU D 337 -5.16 27.44 16.24
C LEU D 337 -4.32 28.71 16.35
N GLY D 338 -3.04 28.53 16.65
CA GLY D 338 -2.10 29.62 16.69
C GLY D 338 -1.54 29.96 15.32
N GLY D 339 -0.25 30.31 15.28
CA GLY D 339 0.42 30.62 14.02
C GLY D 339 1.54 31.62 14.23
N GLY D 340 1.58 32.64 13.37
CA GLY D 340 2.58 33.68 13.50
C GLY D 340 2.45 34.46 14.80
N GLY D 341 3.49 35.20 15.13
CA GLY D 341 3.46 36.02 16.35
C GLY D 341 4.85 36.13 16.91
N TYR D 342 5.57 37.24 16.65
CA TYR D 342 6.99 37.32 16.96
C TYR D 342 7.31 38.26 18.11
N ASN D 343 6.31 38.83 18.75
CA ASN D 343 6.50 39.50 20.03
C ASN D 343 5.89 38.52 21.03
N PHE D 344 6.74 37.75 21.72
CA PHE D 344 6.18 36.61 22.44
C PHE D 344 5.29 37.04 23.61
N PRO D 345 5.65 38.04 24.42
CA PRO D 345 4.74 38.41 25.52
C PRO D 345 3.41 38.94 25.02
N ASP D 346 3.43 39.77 23.96
CA ASP D 346 2.17 40.29 23.44
C ASP D 346 1.34 39.20 22.76
N THR D 347 1.98 38.19 22.17
CA THR D 347 1.24 37.06 21.64
C THR D 347 0.51 36.31 22.77
N ALA D 348 1.20 36.06 23.87
CA ALA D 348 0.57 35.46 25.06
C ALA D 348 -0.55 36.34 25.62
N ARG D 349 -0.34 37.67 25.64
CA ARG D 349 -1.40 38.59 26.05
C ARG D 349 -2.64 38.46 25.16
N LEU D 350 -2.44 38.34 23.85
CA LEU D 350 -3.59 38.19 22.97
C LEU D 350 -4.26 36.83 23.15
N TRP D 351 -3.48 35.74 23.15
CA TRP D 351 -4.11 34.41 23.15
C TRP D 351 -4.72 34.08 24.51
N THR D 352 -4.25 34.71 25.59
CA THR D 352 -4.89 34.54 26.90
C THR D 352 -6.31 35.10 26.89
N ARG D 353 -6.50 36.30 26.31
CA ARG D 353 -7.85 36.86 26.18
C ARG D 353 -8.73 36.04 25.24
N VAL D 354 -8.17 35.54 24.13
CA VAL D 354 -8.94 34.63 23.24
C VAL D 354 -9.40 33.41 24.02
N THR D 355 -8.53 32.86 24.85
CA THR D 355 -8.88 31.67 25.61
C THR D 355 -10.00 31.95 26.61
N ALA D 356 -9.92 33.09 27.31
CA ALA D 356 -10.97 33.48 28.26
C ALA D 356 -12.30 33.78 27.57
N LEU D 357 -12.26 34.51 26.46
CA LEU D 357 -13.46 34.77 25.66
C LEU D 357 -14.16 33.47 25.26
N THR D 358 -13.39 32.45 24.84
CA THR D 358 -13.99 31.18 24.41
C THR D 358 -14.71 30.48 25.56
N ILE D 359 -14.11 30.48 26.75
CA ILE D 359 -14.76 29.93 27.93
C ILE D 359 -16.07 30.68 28.23
N GLU D 360 -16.05 32.01 28.08
CA GLU D 360 -17.27 32.80 28.31
C GLU D 360 -18.36 32.43 27.31
N GLU D 361 -18.04 32.44 26.01
CA GLU D 361 -19.06 32.19 24.99
C GLU D 361 -19.59 30.77 25.05
N VAL D 362 -18.75 29.79 25.37
CA VAL D 362 -19.18 28.40 25.28
C VAL D 362 -19.90 27.98 26.55
N LYS D 363 -19.33 28.29 27.71
CA LYS D 363 -19.92 27.84 28.97
C LYS D 363 -20.90 28.86 29.56
N GLY D 364 -20.95 30.10 29.04
CA GLY D 364 -21.82 31.12 29.63
C GLY D 364 -21.33 31.65 30.96
N LYS D 365 -20.04 31.50 31.27
CA LYS D 365 -19.47 31.76 32.59
C LYS D 365 -18.54 32.96 32.53
N LYS D 366 -18.83 34.01 33.32
CA LYS D 366 -18.02 35.23 33.22
C LYS D 366 -16.59 34.97 33.65
N MET D 367 -15.64 35.53 32.91
CA MET D 367 -14.22 35.41 33.21
C MET D 367 -13.69 36.79 33.54
N THR D 368 -13.17 36.96 34.76
CA THR D 368 -12.66 38.25 35.24
C THR D 368 -11.14 38.19 35.25
N ILE D 369 -10.51 38.80 34.25
CA ILE D 369 -9.06 38.84 34.12
C ILE D 369 -8.53 40.16 34.69
N SER D 370 -7.61 40.08 35.65
CA SER D 370 -7.03 41.29 36.21
C SER D 370 -6.27 42.09 35.15
N PRO D 371 -6.40 43.42 35.12
CA PRO D 371 -5.64 44.21 34.13
C PRO D 371 -4.12 44.15 34.33
N GLU D 372 -3.66 43.66 35.48
CA GLU D 372 -2.25 43.53 35.78
C GLU D 372 -1.81 42.08 35.64
N ILE D 373 -0.61 41.86 35.11
CA ILE D 373 -0.11 40.49 34.89
C ILE D 373 0.18 39.84 36.24
N PRO D 374 -0.36 38.65 36.53
CA PRO D 374 -0.06 37.99 37.80
C PRO D 374 1.38 37.51 37.86
N GLU D 375 1.89 37.41 39.08
CA GLU D 375 3.22 36.85 39.31
C GLU D 375 3.28 35.39 38.89
N HIS D 376 4.38 35.03 38.23
CA HIS D 376 4.60 33.68 37.73
C HIS D 376 6.00 33.60 37.12
N SER D 377 6.37 32.44 36.57
CA SER D 377 7.76 32.22 36.12
C SER D 377 8.24 33.29 35.13
N TYR D 378 7.39 33.69 34.18
CA TYR D 378 7.79 34.61 33.11
C TYR D 378 7.33 36.03 33.37
N PHE D 379 7.01 36.38 34.62
CA PHE D 379 6.54 37.73 34.97
C PHE D 379 7.49 38.82 34.46
N SER D 380 8.81 38.60 34.56
CA SER D 380 9.75 39.64 34.17
C SER D 380 9.70 39.96 32.68
N ARG D 381 9.24 39.02 31.85
CA ARG D 381 9.14 39.28 30.42
C ARG D 381 8.07 40.33 30.07
N TYR D 382 7.20 40.69 31.02
CA TYR D 382 6.04 41.53 30.74
C TYR D 382 6.30 42.97 31.14
N GLY D 383 7.56 43.32 31.36
CA GLY D 383 7.94 44.66 31.72
C GLY D 383 7.91 45.63 30.55
N PRO D 384 8.05 46.93 30.85
CA PRO D 384 8.26 47.29 32.26
C PRO D 384 6.97 47.68 32.95
N ASP D 385 5.80 47.57 32.29
CA ASP D 385 4.56 48.00 32.92
C ASP D 385 3.68 46.87 33.44
N PHE D 386 3.86 45.63 32.96
CA PHE D 386 3.24 44.45 33.57
C PHE D 386 1.72 44.50 33.50
N GLU D 387 1.21 45.06 32.41
CA GLU D 387 -0.23 45.14 32.17
C GLU D 387 -0.65 44.11 31.11
N LEU D 388 -1.93 43.75 31.16
CA LEU D 388 -2.46 42.79 30.21
C LEU D 388 -2.67 43.42 28.81
N ASP D 389 -3.17 44.66 28.75
CA ASP D 389 -3.26 45.35 27.46
C ASP D 389 -1.86 45.47 26.86
N ILE D 390 -1.74 45.30 25.54
CA ILE D 390 -0.46 45.60 24.89
C ILE D 390 -0.17 47.11 25.01
N ASP D 391 1.11 47.46 24.83
CA ASP D 391 1.56 48.85 24.96
C ASP D 391 1.45 49.58 23.62
N TYR D 392 0.25 50.04 23.31
CA TYR D 392 0.03 50.76 22.06
C TYR D 392 -1.11 51.75 22.22
N PHE D 393 -1.05 52.84 21.46
CA PHE D 393 -2.07 53.89 21.49
C PHE D 393 -2.73 54.10 20.13
N PRO D 394 -3.96 53.65 19.92
CA PRO D 394 -4.54 53.67 18.56
C PRO D 394 -4.91 55.07 18.11
N HIS D 395 -5.19 55.19 16.81
CA HIS D 395 -5.61 56.46 16.19
C HIS D 395 -6.19 56.25 14.78
N ASP D 403 -13.88 52.29 0.36
CA ASP D 403 -13.75 52.45 -1.09
C ASP D 403 -13.10 51.19 -1.71
N SER D 404 -11.84 50.93 -1.38
CA SER D 404 -11.24 49.67 -1.77
C SER D 404 -11.96 48.50 -1.11
N ILE D 405 -12.33 48.65 0.16
CA ILE D 405 -12.98 47.56 0.88
C ILE D 405 -14.36 47.28 0.30
N GLN D 406 -15.10 48.33 -0.09
CA GLN D 406 -16.43 48.10 -0.64
C GLN D 406 -16.37 47.38 -1.98
N LYS D 407 -15.36 47.68 -2.80
CA LYS D 407 -15.16 46.93 -4.04
C LYS D 407 -14.91 45.44 -3.74
N HIS D 408 -14.02 45.16 -2.79
CA HIS D 408 -13.74 43.77 -2.42
C HIS D 408 -14.99 43.06 -1.92
N HIS D 409 -15.80 43.76 -1.13
CA HIS D 409 -17.07 43.21 -0.65
C HIS D 409 -17.99 42.83 -1.80
N ARG D 410 -18.09 43.70 -2.82
CA ARG D 410 -18.91 43.40 -3.99
C ARG D 410 -18.38 42.19 -4.75
N ARG D 411 -17.06 42.16 -4.97
CA ARG D 411 -16.44 41.02 -5.66
C ARG D 411 -16.66 39.73 -4.87
N ILE D 412 -16.50 39.78 -3.54
CA ILE D 412 -16.58 38.58 -2.71
C ILE D 412 -18.03 38.07 -2.64
N LEU D 413 -19.00 38.99 -2.59
CA LEU D 413 -20.41 38.60 -2.58
C LEU D 413 -20.80 37.92 -3.88
N GLU D 414 -20.29 38.39 -5.01
CA GLU D 414 -20.56 37.73 -6.28
C GLU D 414 -19.91 36.35 -6.34
N GLN D 415 -18.70 36.21 -5.81
CA GLN D 415 -18.06 34.90 -5.77
C GLN D 415 -18.87 33.92 -4.90
N LEU D 416 -19.37 34.40 -3.76
CA LEU D 416 -20.23 33.56 -2.94
C LEU D 416 -21.51 33.20 -3.68
N ARG D 417 -22.08 34.13 -4.45
CA ARG D 417 -23.23 33.80 -5.29
C ARG D 417 -22.88 32.72 -6.30
N ASN D 418 -21.74 32.88 -7.01
CA ASN D 418 -21.29 31.86 -7.95
C ASN D 418 -21.08 30.52 -7.25
N TYR D 419 -20.47 30.55 -6.05
CA TYR D 419 -20.20 29.30 -5.33
C TYR D 419 -21.51 28.59 -4.98
N ALA D 420 -22.48 29.34 -4.44
CA ALA D 420 -23.78 28.77 -4.12
C ALA D 420 -24.45 28.17 -5.36
N ASP D 421 -24.48 28.93 -6.47
CA ASP D 421 -25.07 28.43 -7.71
C ASP D 421 -24.43 27.11 -8.11
N LEU D 422 -23.11 27.09 -8.20
CA LEU D 422 -22.41 25.90 -8.68
C LEU D 422 -22.71 24.69 -7.81
N ASN D 423 -22.80 24.88 -6.49
CA ASN D 423 -23.02 23.79 -5.56
C ASN D 423 -24.50 23.59 -5.20
N LYS D 424 -25.41 24.26 -5.91
CA LYS D 424 -26.86 24.13 -5.68
C LYS D 424 -27.24 24.33 -4.21
N LEU D 425 -26.76 25.42 -3.62
CA LEU D 425 -27.08 25.70 -2.22
C LEU D 425 -28.28 26.65 -2.13
N ILE D 426 -29.13 26.43 -1.12
CA ILE D 426 -30.32 27.26 -0.91
C ILE D 426 -29.91 28.60 -0.34
N TYR D 427 -29.87 29.62 -1.19
CA TYR D 427 -29.20 30.90 -0.96
C TYR D 427 -30.24 31.97 -0.73
N ASP D 428 -30.28 32.53 0.48
CA ASP D 428 -31.21 33.59 0.84
C ASP D 428 -30.56 34.96 0.73
N TYR D 429 -31.19 35.85 -0.03
CA TYR D 429 -30.66 37.19 -0.25
C TYR D 429 -31.13 38.11 0.89
N ASP D 430 -30.49 37.97 2.04
CA ASP D 430 -30.76 38.84 3.18
C ASP D 430 -29.53 39.61 3.67
N GLN D 431 -28.35 39.33 3.12
CA GLN D 431 -27.14 40.11 3.39
C GLN D 431 -27.38 41.63 3.29
ZN ZN E . 22.21 -23.32 -17.26
K K F . 20.28 -27.63 -11.78
K K G . 13.02 -24.25 1.04
N1 GT2 H . 27.01 -19.42 -19.93
C2 GT2 H . 26.84 -19.05 -21.22
C3 GT2 H . 29.38 -21.09 -24.00
C5 GT2 H . 27.39 -19.87 -23.59
C6 GT2 H . 27.71 -19.75 -22.24
C8 GT2 H . 29.72 -21.00 -22.67
C16 GT2 H . 24.32 -18.86 -16.74
C17 GT2 H . 24.02 -19.79 -17.72
C18 GT2 H . 24.91 -19.96 -18.79
C19 GT2 H . 26.08 -19.21 -18.88
C20 GT2 H . 26.34 -18.27 -17.87
C21 GT2 H . 25.47 -18.10 -16.81
C25 GT2 H . 22.78 -20.63 -17.64
C4 GT2 H . 28.22 -20.53 -24.48
C7 GT2 H . 28.89 -20.34 -21.80
N26 GT2 H . 22.21 -20.75 -16.45
O14 GT2 H . 26.03 -18.20 -21.58
O27 GT2 H . 21.05 -21.50 -16.29
O28 GT2 H . 22.32 -21.17 -18.64
CL1 GT2 H . 25.92 -19.18 -24.22
CL2 GT2 H . 30.45 -21.90 -25.11
CL3 GT2 H . 27.75 -17.27 -17.97
C1 DMF I . -4.25 -26.07 -30.64
C2 DMF I . -5.89 -27.59 -29.42
C DMF I . -5.16 -25.41 -28.51
O DMF I . -5.70 -25.57 -27.41
N DMF I . -5.11 -26.33 -29.47
C1 DMF J . -2.14 -3.33 -6.22
C2 DMF J . -4.51 -2.81 -5.44
C DMF J . -3.85 -2.57 -7.77
O DMF J . -4.85 -1.87 -7.97
N DMF J . -3.51 -2.89 -6.52
C1 DMF K . 9.01 -14.61 -34.41
C2 DMF K . 9.67 -16.28 -36.21
C DMF K . 11.29 -15.33 -34.62
O DMF K . 12.25 -15.11 -35.37
N DMF K . 10.04 -15.41 -35.08
C1 DMF L . 0.54 -35.56 -13.82
C2 DMF L . -1.57 -34.90 -12.50
C DMF L . -1.47 -36.89 -13.86
O DMF L . -1.16 -37.29 -14.97
N DMF L . -0.85 -35.80 -13.41
C1 DMF M . 11.25 -25.53 -46.69
C2 DMF M . 10.20 -27.75 -47.47
C DMF M . 11.21 -27.49 -45.29
O DMF M . 11.40 -28.70 -45.21
N DMF M . 10.89 -26.94 -46.46
C1 DMF N . 0.44 -36.78 -32.91
C2 DMF N . 2.66 -37.98 -33.27
C DMF N . 0.62 -39.18 -32.68
O DMF N . 1.28 -40.22 -32.63
N DMF N . 1.22 -38.01 -32.95
C1 DMF O . 26.02 -3.08 -5.92
C2 DMF O . 25.61 -4.81 -7.76
C DMF O . 24.56 -5.05 -5.65
O DMF O . 24.24 -6.15 -6.11
N DMF O . 25.37 -4.32 -6.41
C1 GOL P . 24.00 -22.95 -1.12
O1 GOL P . 23.60 -23.64 -2.30
C2 GOL P . 25.31 -23.52 -0.60
O2 GOL P . 26.29 -23.47 -1.62
C3 GOL P . 25.12 -24.97 -0.10
O3 GOL P . 26.20 -25.34 0.74
ZN ZN Q . -11.89 -1.60 -22.80
K K R . -6.64 -0.32 -42.63
K K S . -9.09 2.57 -27.96
N1 GT2 T . -10.80 -6.32 -17.90
C2 GT2 T . -11.81 -6.67 -17.05
C3 GT2 T . -11.26 -5.26 -13.05
C5 GT2 T . -12.72 -5.75 -14.85
C6 GT2 T . -11.66 -6.23 -15.61
C8 GT2 T . -10.20 -5.77 -13.75
C16 GT2 T . -10.91 -6.53 -22.11
C17 GT2 T . -11.49 -5.45 -21.47
C18 GT2 T . -11.46 -5.38 -20.08
C19 GT2 T . -10.82 -6.37 -19.32
C20 GT2 T . -10.23 -7.44 -20.00
C21 GT2 T . -10.27 -7.53 -21.38
C25 GT2 T . -12.14 -4.37 -22.29
C4 GT2 T . -12.54 -5.26 -13.58
C7 GT2 T . -10.40 -6.25 -15.04
N26 GT2 T . -11.81 -4.32 -23.57
O14 GT2 T . -12.81 -7.28 -17.42
O27 GT2 T . -12.34 -3.34 -24.40
O28 GT2 T . -12.93 -3.58 -21.77
CL1 GT2 T . -14.35 -5.84 -15.45
CL2 GT2 T . -11.00 -4.56 -11.47
CL3 GT2 T . -9.41 -8.68 -19.12
C1 DMF U . -34.92 16.17 -22.29
C2 DMF U . -36.45 15.39 -24.16
C DMF U . -35.54 17.65 -24.12
O DMF U . -35.22 18.64 -23.43
N DMF U . -35.64 16.45 -23.54
C1 DMF V . -31.78 -9.95 -31.11
C2 DMF V . -33.88 -11.38 -31.37
C DMF V . -33.65 -9.24 -32.48
O DMF V . -34.72 -8.70 -32.20
N DMF V . -33.13 -10.16 -31.68
C1 DMF W . -35.70 1.67 -24.92
C2 DMF W . -38.25 1.94 -24.69
C DMF W . -36.82 1.47 -22.79
O DMF W . -35.71 1.35 -22.29
N DMF W . -36.92 1.68 -24.09
C1 DMF X . -24.51 13.16 -41.22
C2 DMF X . -23.95 13.66 -38.77
C DMF X . -25.70 14.85 -39.97
O DMF X . -25.80 15.59 -38.99
N DMF X . -24.75 13.92 -39.98
C1 DMF Y . -26.84 17.99 -24.37
C2 DMF Y . -24.81 16.69 -23.49
C DMF Y . -26.68 17.20 -22.09
O DMF Y . -26.02 16.54 -21.28
N DMF Y . -26.14 17.29 -23.29
C1 DMF Z . -13.27 -14.30 -45.84
C2 DMF Z . -11.79 -15.75 -44.43
C DMF Z . -12.49 -13.55 -43.64
O DMF Z . -11.56 -13.44 -42.81
N DMF Z . -12.52 -14.49 -44.60
C1 DMF AA . -13.04 -10.23 -43.96
C2 DMF AA . -14.83 -8.43 -43.68
C DMF AA . -12.47 -7.92 -43.89
O DMF AA . -11.53 -8.08 -43.11
N DMF AA . -13.42 -8.82 -43.84
C1 DMF BA . -11.14 -23.05 -44.89
C2 DMF BA . -11.63 -25.56 -44.73
C DMF BA . -13.37 -23.88 -44.40
O DMF BA . -13.76 -22.72 -44.25
N DMF BA . -12.08 -24.15 -44.66
C1 GOL CA . 1.58 -1.26 -33.74
O1 GOL CA . 2.96 -0.92 -33.65
C2 GOL CA . 1.45 -2.72 -33.31
O2 GOL CA . 1.56 -2.78 -31.90
C3 GOL CA . 0.09 -3.28 -33.74
O3 GOL CA . -0.95 -2.44 -33.29
ZN ZN DA . 3.24 -2.57 25.26
K K EA . 10.13 -2.18 27.54
K K FA . 16.13 4.68 39.49
N1 GT2 GA . -1.76 -0.06 21.48
C2 GT2 GA . -2.94 -0.68 21.22
C3 GT2 GA . -3.42 -2.27 17.28
C5 GT2 GA . -3.91 -2.41 19.60
C6 GT2 GA . -3.08 -1.30 19.87
C8 GT2 GA . -2.57 -1.21 17.50
C16 GT2 GA . -0.25 1.21 25.21
C17 GT2 GA . 0.01 -0.09 24.77
C18 GT2 GA . -0.50 -0.50 23.54
C19 GT2 GA . -1.26 0.36 22.74
C20 GT2 GA . -1.48 1.66 23.21
C21 GT2 GA . -0.99 2.07 24.43
C25 GT2 GA . 0.86 -1.03 25.58
C4 GT2 GA . -4.09 -2.89 18.32
C7 GT2 GA . -2.41 -0.74 18.79
N26 GT2 GA . 1.70 -0.47 26.44
O14 GT2 GA . -3.87 -0.73 22.03
O27 GT2 GA . 2.59 -1.26 27.17
O28 GT2 GA . 0.78 -2.24 25.41
CL1 GT2 GA . -4.74 -3.22 20.90
CL2 GT2 GA . -3.74 -2.79 15.65
CL3 GT2 GA . -2.38 2.79 22.25
C1 DMF HA . 3.23 -22.45 11.30
C2 DMF HA . 0.82 -23.04 11.56
C DMF HA . 2.24 -22.73 13.51
O DMF HA . 3.14 -23.37 14.08
N DMF HA . 2.11 -22.76 12.18
C1 DMF IA . -9.72 20.46 34.53
C2 DMF IA . -7.24 20.24 33.96
C DMF IA . -8.95 18.97 32.74
O DMF IA . -8.08 18.46 32.01
N DMF IA . -8.65 19.86 33.71
C1 DMF JA . 4.34 -30.83 31.53
C2 DMF JA . 3.92 -31.16 34.00
C DMF JA . 5.78 -32.26 32.89
O DMF JA . 6.47 -32.46 31.87
N DMF JA . 4.71 -31.46 32.80
C1 DMF KA . -14.31 -16.55 33.91
C2 DMF KA . -13.69 -17.63 31.68
C DMF KA . -14.13 -15.25 31.87
O DMF KA . -14.22 -15.22 30.65
N DMF KA . -14.04 -16.44 32.48
C1 DMF LA . 10.61 -25.69 29.33
C2 DMF LA . 9.56 -26.72 27.22
C DMF LA . 9.70 -24.37 27.51
O DMF LA . 8.76 -24.39 26.71
N DMF LA . 9.96 -25.55 28.02
C1 DMF MA . 15.62 -17.68 41.19
C2 DMF MA . 16.00 -17.46 43.72
C DMF MA . 16.17 -19.58 42.53
O DMF MA . 16.04 -20.21 41.48
N DMF MA . 15.92 -18.28 42.49
C1 GOL NA . 15.45 10.54 28.32
O1 GOL NA . 16.50 10.05 27.53
C2 GOL NA . 14.29 9.58 28.13
O2 GOL NA . 13.44 10.07 27.13
C3 GOL NA . 13.53 9.35 29.43
O3 GOL NA . 13.17 7.98 29.39
C1 GOL OA . -10.06 -11.55 45.36
O1 GOL OA . -8.83 -12.27 45.31
C2 GOL OA . -9.77 -10.13 44.93
O2 GOL OA . -9.30 -10.10 43.60
C3 GOL OA . -10.97 -9.19 45.15
O3 GOL OA . -10.74 -8.41 46.32
C1 GOL PA . -5.56 -7.91 32.34
O1 GOL PA . -5.52 -7.61 33.73
C2 GOL PA . -5.43 -9.43 32.16
O2 GOL PA . -4.80 -9.98 33.30
C3 GOL PA . -4.79 -9.91 30.86
O3 GOL PA . -3.82 -10.96 31.02
ZN ZN QA . 2.33 35.13 9.75
K K RA . -11.67 24.97 -1.40
K K SA . -4.33 35.27 6.90
N1 GT2 TA . 9.08 36.60 8.97
C2 GT2 TA . 9.49 36.59 10.26
C3 GT2 TA . 11.20 40.25 11.66
C5 GT2 TA . 10.60 38.00 12.08
C6 GT2 TA . 10.14 37.84 10.78
C8 GT2 TA . 10.75 40.14 10.36
C16 GT2 TA . 6.57 33.66 7.31
C17 GT2 TA . 6.19 34.27 8.49
C18 GT2 TA . 7.01 35.27 9.03
C19 GT2 TA . 8.20 35.65 8.39
C20 GT2 TA . 8.53 35.01 7.19
C21 GT2 TA . 7.74 34.03 6.66
C25 GT2 TA . 4.90 33.89 9.14
C4 GT2 TA . 11.14 39.19 12.53
C7 GT2 TA . 10.22 38.94 9.93
N26 GT2 TA . 3.99 33.29 8.37
O14 GT2 TA . 9.31 35.63 11.01
O27 GT2 TA . 2.73 32.98 8.89
O28 GT2 TA . 4.69 34.13 10.33
CL1 GT2 TA . 10.55 36.68 13.22
CL2 GT2 TA . 11.85 41.77 12.21
CL3 GT2 TA . 9.98 35.46 6.34
C1 DMF UA . 10.48 21.69 -6.68
C2 DMF UA . 10.73 23.01 -4.48
C DMF UA . 12.63 22.47 -5.87
O DMF UA . 13.27 23.05 -5.00
N DMF UA . 11.32 22.39 -5.68
C1 DMF VA . 0.94 25.85 32.17
C2 DMF VA . -0.42 23.73 32.49
C DMF VA . 0.80 24.19 30.41
O DMF VA . 1.94 23.78 30.12
N DMF VA . 0.45 24.56 31.65
C1 DMF WA . 4.21 26.44 19.75
C2 DMF WA . 5.86 27.93 18.55
C DMF WA . 5.29 25.70 17.76
O DMF WA . 4.98 24.57 18.12
N DMF WA . 5.15 26.66 18.66
C1 DMF XA . -19.21 26.60 19.50
C2 DMF XA . -20.43 24.35 19.39
C DMF XA . -21.01 26.07 21.02
O DMF XA . -20.54 26.81 21.88
N DMF XA . -20.23 25.68 20.01
C1 DMF YA . -3.01 27.34 -8.56
C2 DMF YA . -3.06 28.33 -6.20
C DMF YA . -2.82 25.94 -6.60
O DMF YA . -3.37 24.98 -7.13
N DMF YA . -2.97 27.16 -7.10
C1 DMF ZA . 11.37 26.58 28.26
C2 DMF ZA . 11.63 24.11 27.79
C DMF ZA . 9.70 24.97 29.02
O DMF ZA . 9.64 24.28 30.03
N DMF ZA . 10.85 25.21 28.38
C1 DMF AB . 19.71 22.05 4.77
C2 DMF AB . 21.27 21.57 6.71
C DMF AB . 19.50 23.22 6.88
O DMF AB . 20.06 23.80 7.82
N DMF AB . 20.14 22.31 6.15
C1 DMF BB . -10.63 39.33 27.93
C2 DMF BB . -11.97 39.00 30.08
C DMF BB . -12.48 37.82 28.02
O DMF BB . -13.66 37.77 28.33
N DMF BB . -11.71 38.68 28.66
C1 GOL CB . -3.98 32.58 -5.11
O1 GOL CB . -4.34 32.99 -3.81
C2 GOL CB . -4.06 33.81 -6.00
O2 GOL CB . -2.99 34.65 -5.66
C3 GOL CB . -5.40 34.54 -5.77
O3 GOL CB . -5.75 35.24 -6.94
C1 GOL DB . 5.65 13.22 21.49
O1 GOL DB . 5.08 12.05 20.91
C2 GOL DB . 4.66 14.02 22.35
O2 GOL DB . 4.04 15.05 21.58
C3 GOL DB . 3.61 13.13 23.01
O3 GOL DB . 2.63 13.90 23.70
#